data_5WNT
#
_entry.id   5WNT
#
_cell.length_a   400.000
_cell.length_b   400.000
_cell.length_c   173.000
_cell.angle_alpha   90.000
_cell.angle_beta   90.000
_cell.angle_gamma   90.000
#
_symmetry.space_group_name_H-M   'P 41 21 2'
#
loop_
_entity.id
_entity.type
_entity.pdbx_description
1 polymer '16S Ribosomal RNA rRNA'
2 polymer 'RIBOSOMAL PROTEIN S2'
3 polymer 'RIBOSOMAL PROTEIN S3'
4 polymer 'RIBOSOMAL PROTEIN S4'
5 polymer 'RIBOSOMAL PROTEIN S5'
6 polymer 'RIBOSOMAL PROTEIN S6'
7 polymer 'RIBOSOMAL PROTEIN S7'
8 polymer 'RIBOSOMAL PROTEIN S8'
9 polymer 'RIBOSOMAL PROTEIN S9'
10 polymer 'RIBOSOMAL PROTEIN S10'
11 polymer 'RIBOSOMAL PROTEIN S11'
12 polymer 'RIBOSOMAL PROTEIN S12'
13 polymer 'RIBOSOMAL PROTEIN S13'
14 polymer 'RIBOSOMAL PROTEIN S14'
15 polymer 'RIBOSOMAL PROTEIN S15'
16 polymer 'RIBOSOMAL PROTEIN S16'
17 polymer 'RIBOSOMAL PROTEIN S17'
18 polymer 'RIBOSOMAL PROTEIN S18'
19 polymer 'RIBOSOMAL PROTEIN S19'
20 polymer 'RIBOSOMAL PROTEIN S20'
21 polymer 'RIBOSOMAL PROTEIN THX'
22 polymer "RNA (5'-R(*(A2M)P*AP*AP*UP*U)-3')"
23 polymer "RNA (5'-R(P*UP*AP*GP*AP*CP*UP*(70U)P*UP*UP*(12A)P*AP*(PSU)P*CP*UP*A)-3')"
24 non-polymer 'MAGNESIUM ION'
25 non-polymer 'POTASSIUM ION'
26 non-polymer '(1R,2S,3S,4R,6R)-4,6-diamino-2-{[3-O-(2,6-diamino-2,6-dideoxy-alpha-L-altropyranosyl)-beta-L-arabinofuranosyl]oxy}-3-hydroxycyclohexyl 2-amino-2-deoxy-alpha-D-allopyranoside'
27 non-polymer 'ZINC ION'
28 water water
#
loop_
_entity_poly.entity_id
_entity_poly.type
_entity_poly.pdbx_seq_one_letter_code
_entity_poly.pdbx_strand_id
1 'polyribonucleotide'
;UUUGUUGGAGAGUUUGAUCCUGGCUCAGGGUGAACGCUGGCGGCGUGCCUAAGACAUGCAAGUCGUGCGGGCCGCGGGGU
UUUACUCCGUGGUCAGCGGCGGACGGGUGAGUAACGCGUGGGUGACCUACCCGGAAGAGGGGGACAACCCGGGGAAACUC
GGGCUAAUCCCCCAUGUGGACCCGCCCCUUGGGGUGUGUCCAAAGGGCUUUGCCCGCUUCCGGAUGGGCCCGCGUCCCAU
CAGCUAGUUGGUGGGGUAAUGGCCCACCAAGGCGACGACGGGUAGCCGGUCUGAGAGGAUGGCCGGCCACAGGGGCACUG
AGACACGGGCCCCACUCCUACGGGAGGCAGCAGUUAGGAAUCUUCCGCAAUGGGCGCAAGCCUGACGGAGCGACGCCGCU
UGGAGGAAGAAGCCCUUCGGGGUGUAAACUCCUGAACCCGGGACGAAACCCCCGACGAGGGGACUGACGGUACCGGGGUA
AUAGCGCCGGCCAACUCCG(PSU)GCCAGCAGCC(7MG)CGGUAAUACGGAGGGCGCGAGCGUUACCCGGAUUCACUGGG
CGUAAAGGGCGUGUAGGCGGCCUGGGGCGUCCCAUGUGAAAGACCACGGCUCAACCGUGGGGGAGCGUGGGAUACGCUCA
GGCUAGACGGUGGGAGAGGGUGGUGGAAUUCCCGGAGUAGCGGUGAAAUGCGCAGAUACCGGGAGGAACGCCGAUGGCGA
AGGCAGCCACCUGGUCCACCCGUGACGCUGAGGCGCGAAAGCGUGGGGAGCAAACCGGAUUAGAUACCCGGGUAGUCCAC
GCCCUAAACGAUGCGCGCUAGGUCUCUGGGUCUCCUGGGGGCCGAAGCUAACGCGUUAAGCGCGCCGCCUGGGGAGUACG
GCCGCAAGGCUGAAACUCAAAGGAAUUGACGGGGGCCCGCACAAGCGGUGGAGCAUGUGGUUUAAUUCGAA(M2G)
(5MC)AACGCGAAGAACCUUACCAGGCCUUGACAUGCUAGGGAACCCGGGUGAAAGCCUGGGGUGCCCCGCGAGGGGAGC
CCUAGCACAGGUGCUGCAUGGCCGUCGUCAGCUCGUGCCGUGAGGUGUUGGGUUAAGUCCCGCAACGAGCGCAACCCCCG
CCGUUAGUUGCCAGCGGUUCGGCCGGGCACUCUAACGGGACUGCCCGCGAAAGCGGGAGGAAGGAGGGGACGACGUCUGG
UCAGCAUG(2MG)CCCUUACGGCCUGGGCGACACACGUGCUACAAUGCCCACUACAAAGCGAUGCCACCCGGCAACGGGG
AGCUAAUCGCAAAAAGGUGGGCCCAGUUCGGAUUGGGGUCUGCAACCCGACCCCAUGAAGCCGGAAUCGCUAGUAAUCGC
GGAUCAGCCAUGCCGCGGUGAAUACGUUCCCGGGCCUUGUACACAC(5MC)G(4OC)C(5MC)GU(5MC)ACGCCAUGGG
AGCGGGCUCUACCCGAAGUCGCCGGGAGCCUACGGGCAGGCGCCGAGGGUAGGGCCCGUGACUGGGGCGAAGUCG(UR3)
AACAAGGUAGCUGUACCGG(MA6)(MA6)GGUGCGGCUGGAUCCACUCC(PSU)(PSU)UCU
;
A
2 'polypeptide(L)'
;TVKELLEAGVHFGHERKRWNPKFARYIYAERNGIHIIDLQKTMEELERTFRFIEDLAMRGGTILFVGTKKQAQDIVRMEA
ERAGMPYVNQRWLGGMLTNFKTISQRVHRLEELEALFASPEIEERPKKEQVRLKHELERLQKYLSGFRLLKRLPDAIFVV
DPTKEAIAVREARKLFIPVIALADTDSDPDLVDYIIPGNDDAIRSIQLILSRAVDLIIQARGGVVEPSPSYALVQE
;
B
3 'polypeptide(L)'
;GNKIHPIGFRLGITRDWESRWYAGKKQYRHLLLEDQRIRGLLEKELYSAGLARVDIERAADNVAVTVHVAKPGVVIGRGG
ERIRVLREELAKLTGKNVALNVQEVQNPNLSAPLVAQRVAEQIERRFAVRRAIKQAVQRVMESGAKGAKVIVSGRIGGAE
QARTEWAAQGRVPLHTLRANIDYGFALARTTYGVLGVKAYIFLGEVI
;
C
4 'polypeptide(L)'
;GRYIGPVCRLCRREGVKLYLKGERCYSPKCAMERRPYPPGQHGQKRARRPSDYAVRLREKQKLRRIYGISERQFRNLFEE
ASKKKGVTGSVFLGLLESRLDNVVYRLGFAVSRRQARQLVRHGHITVNGRRVDLPSYRVRPGDEIAVAEKSRNLELIRQN
LEAMKGRKVGPWLSLDVEGMKGKFLRLPDREDLALPVNEQLVIEFYSR
;
D
5 'polypeptide(L)'
;DFEEKMILIRRTARMQAGGRRFRFGALVVVGDRQGRVGLGFGKAPEVPLAVQKAGYYARRNMVEVPLQNGTIPHEIEVEF
GASKIVLKPAAPGTGVIAGAVPRAILELAGVTDILTKELGSRNPINIAYATMEALRQLRTKADVERLRKGE
;
E
6 'polypeptide(L)'
;MRRYEVNIVLNPNLDQSQLALEKEIIQRALENYGARVEKVEELGLRRLAYPIAKDPQGYFLWYQVEMPEDRVNDLARELR
IRDNVRRVMVVKSQEPFLANA
;
F
7 'polypeptide(L)'
;ARRRRAEVRQLQPDLVYGDVLVTAFINKIMRDGKKNLAARIFYDACKIIQEKTGQEPLKVFKQAVENVKPRMEVRSRRVG
GANYQVPMEVSPRRQQSLALRWLVQAANQRPERRAAVRIAHELMDAAEGKGGAVKKKEDVERMAEANRAYAHYRW
;
G
8 'polypeptide(L)'
;MLTDPIADMLTRIRNATRVYKESTDVPASRFKEEILRILAREGFIKGYERVDVDGKPYLRVYLKYGPRRQGPDPRPEQVI
HHIRRISKPGRRVYVGVKEIPRVRRGLGIAILSTSKGVLTDREARKLGVGGELICEVW
;
H
9 'polypeptide(L)'
;EQYYGTGRRKEAVARVFLRPGNGKVTVNGQDFNEYFQGLVRAVAALEPLRAVDALGHFDAYITVRGGGKSGQIDAIKLGI
ARALVQYNPDYRAKLKPLGFLTRDARVVERKKYGKHKARRAPQYSKR
;
I
10 'polypeptide(L)'
;KIRIKLRGFDHKTLDASAQKIVEAARRSGAQVSGPIPLPTRVRRFTVIRGPFKHKDSREHFELRTHNRLVDIINPNRKTI
EQLMTLDLPTGVEIEIKTV
;
J
11 'polypeptide(L)'
;KRQVASGRAYIHASYNNTIVTITDPDGNPITWSSGGVIGYKGSRKGTPYAAQLAALDAAKKAMAYGMQSVDVIVRGTGAG
REQAIRALQASGLQVKSIVDDTPVPHNGCRPKKKFRKAS
;
K
12 'polypeptide(L)'
;PTINQLVRKGREKVRKKSKVPALKGAPFRRGVCTVVRTVTPKKPNSALRKVAKVRLTSGYEVTAYIPGEGHNLQEHSVVL
IRGGRVK(0TD)LPGVRYHIVRGVYDAAGVKDRKKSRSKYGTKKPKEAA
;
L
13 'polypeptide(L)'
;ARIAGVEIPRNKRVDVALTYIYGIGKARAKEALEKTGINPATRVKDLTEAEVVRLREYVENTWKLEGELRAEVAANIKRL
MDIGCYRGLRHRRGLPVRGQRTRTNARTRKGPRKTVAG
;
M
14 'polypeptide(L)' ARKALIEKAKRTPKFKVRAYTRCVRCGRARSVYRFFGLCRICLRELAHKGQLPGVRKASW N
15 'polypeptide(L)'
;PITKEEKQKVIQEFARFPGDTGSTEVQVALLTLRINRLSEHLKVHKKDHHSHRGLLMMVGQRRRLLRYLQREDPERYRAL
IEKLGIRG
;
O
16 'polypeptide(L)'
;MVKIRLARFGSKHNPHYRIVVTDARRKRDGKYIEKIGYYDPRKTTPDWLKVDVERARYWLSVGAQPTDTARRLLRQAGVF
RQEA
;
P
17 'polypeptide(L)'
;PKKVLTGVVVSDKMQKTVTVLVERQFPHPLYGKVIKRSKKYLAHDPEEKYKLGDVVEIIESRPISKRKRFRVLRLVESGR
MDLVEKYLIRRQNYESLSK
;
Q
18 'polypeptide(L)' PSRKAKVKATLGEFDLRDYRNVEVLKRFLSETGKILPRRRTGLSAKEQRILAKTIKRARILGLLPFTEKLVRK R
19 'polypeptide(L)'
;PRSLKKGVFVDDHLLEKVLELNAKGEKRLIKTWSRRSTIVPEMVGHTIAVYNGKQHVPVYITENMVGHKLGEFAPTRTYR
G
;
S
20 'polypeptide(L)'
;RNLSALKRHRQSLKRRLRNKAKKSAIKTLSKKAIQLAQEGKAEEALKIMRKAESLIDKAAKGSTLHKNAAARRKSRLMRK
VRQLLEAAGAPLIGGGLSA
;
T
21 'polypeptide(L)' GKGDRRTRRGKIWRGTYGKYRPRKK U
22 'polyribonucleotide' (A2M)AAUU a
23 'polyribonucleotide' UAGACU(70U)UU(12A)A(PSU)CUA b
#
# COMPACT_ATOMS: atom_id res chain seq x y z
N THR B 1 -19.32 50.74 -24.75
CA THR B 1 -20.72 50.92 -24.36
C THR B 1 -21.59 51.21 -25.57
N VAL B 2 -20.97 51.23 -26.75
CA VAL B 2 -21.67 51.53 -27.99
C VAL B 2 -21.40 50.43 -29.01
N LYS B 3 -21.22 49.20 -28.52
CA LYS B 3 -20.79 48.08 -29.35
C LYS B 3 -21.96 47.30 -29.96
N GLU B 4 -23.09 47.95 -30.21
CA GLU B 4 -24.28 47.27 -30.74
C GLU B 4 -24.03 46.62 -32.09
N LEU B 5 -23.77 47.44 -33.11
CA LEU B 5 -23.56 46.94 -34.46
C LEU B 5 -22.11 46.61 -34.75
N LEU B 6 -21.18 47.19 -34.00
CA LEU B 6 -19.75 46.99 -34.22
C LEU B 6 -19.27 45.58 -33.91
N GLU B 7 -20.17 44.66 -33.54
CA GLU B 7 -19.79 43.27 -33.24
C GLU B 7 -19.48 42.55 -34.56
N ALA B 8 -18.29 42.84 -35.09
CA ALA B 8 -17.84 42.26 -36.35
C ALA B 8 -16.80 41.18 -36.04
N GLY B 9 -17.22 39.92 -36.11
CA GLY B 9 -16.34 38.80 -35.87
C GLY B 9 -16.50 38.12 -34.53
N VAL B 10 -17.58 38.38 -33.80
CA VAL B 10 -17.77 37.84 -32.47
C VAL B 10 -18.71 36.64 -32.52
N HIS B 11 -19.67 36.68 -33.44
CA HIS B 11 -20.67 35.62 -33.53
C HIS B 11 -20.08 34.29 -33.99
N PHE B 12 -18.90 34.30 -34.60
CA PHE B 12 -18.26 33.07 -35.06
C PHE B 12 -17.81 32.24 -33.86
N GLY B 13 -18.44 31.10 -33.65
CA GLY B 13 -18.06 30.18 -32.60
C GLY B 13 -17.07 29.13 -33.10
N HIS B 14 -17.05 28.01 -32.42
CA HIS B 14 -16.23 26.88 -32.82
C HIS B 14 -17.01 26.01 -33.81
N GLU B 15 -16.49 24.83 -34.11
CA GLU B 15 -17.06 23.97 -35.14
C GLU B 15 -18.28 23.24 -34.58
N ARG B 16 -18.81 22.28 -35.35
CA ARG B 16 -19.95 21.51 -34.89
C ARG B 16 -19.58 20.63 -33.70
N LYS B 17 -18.41 20.01 -33.74
CA LYS B 17 -17.90 19.25 -32.62
C LYS B 17 -17.22 20.19 -31.62
N ARG B 18 -16.63 19.61 -30.58
CA ARG B 18 -15.87 20.35 -29.57
C ARG B 18 -16.71 21.45 -28.92
N TRP B 19 -18.02 21.26 -28.87
CA TRP B 19 -18.94 22.21 -28.28
C TRP B 19 -19.41 21.71 -26.91
N ASN B 20 -20.35 22.44 -26.32
CA ASN B 20 -20.96 22.06 -25.05
C ASN B 20 -22.46 22.23 -25.18
N PRO B 21 -23.26 21.19 -24.92
CA PRO B 21 -24.72 21.34 -25.04
C PRO B 21 -25.31 22.42 -24.16
N LYS B 22 -24.72 22.68 -22.99
CA LYS B 22 -25.23 23.72 -22.10
C LYS B 22 -25.19 25.10 -22.74
N PHE B 23 -24.44 25.26 -23.82
CA PHE B 23 -24.33 26.54 -24.52
C PHE B 23 -25.43 26.72 -25.57
N ALA B 24 -26.27 25.71 -25.78
CA ALA B 24 -27.26 25.77 -26.86
C ALA B 24 -28.21 26.95 -26.72
N ARG B 25 -28.47 27.40 -25.49
CA ARG B 25 -29.38 28.52 -25.30
C ARG B 25 -28.82 29.81 -25.88
N TYR B 26 -27.50 29.93 -25.98
CA TYR B 26 -26.85 31.13 -26.49
C TYR B 26 -26.46 31.01 -27.96
N ILE B 27 -26.95 30.00 -28.66
CA ILE B 27 -26.60 29.75 -30.06
C ILE B 27 -27.80 30.07 -30.93
N TYR B 28 -27.56 30.81 -32.02
CA TYR B 28 -28.63 31.15 -32.95
C TYR B 28 -28.92 29.99 -33.89
N ALA B 29 -27.93 29.57 -34.67
CA ALA B 29 -28.10 28.49 -35.65
C ALA B 29 -26.71 27.95 -35.99
N GLU B 30 -26.66 27.12 -37.03
CA GLU B 30 -25.42 26.51 -37.51
C GLU B 30 -25.29 26.75 -39.00
N ARG B 31 -24.34 27.59 -39.39
CA ARG B 31 -24.08 27.89 -40.80
C ARG B 31 -22.79 27.21 -41.22
N ASN B 32 -22.89 26.29 -42.18
CA ASN B 32 -21.72 25.60 -42.75
C ASN B 32 -20.91 24.88 -41.68
N GLY B 33 -21.60 24.18 -40.78
CA GLY B 33 -20.93 23.39 -39.77
C GLY B 33 -20.18 24.19 -38.73
N ILE B 34 -20.62 25.42 -38.45
CA ILE B 34 -19.99 26.27 -37.45
C ILE B 34 -21.08 26.91 -36.60
N HIS B 35 -21.01 26.73 -35.29
CA HIS B 35 -21.96 27.36 -34.39
C HIS B 35 -21.81 28.88 -34.44
N ILE B 36 -22.93 29.58 -34.50
CA ILE B 36 -22.96 31.03 -34.52
C ILE B 36 -23.75 31.49 -33.30
N ILE B 37 -23.16 32.42 -32.53
CA ILE B 37 -23.76 32.86 -31.28
C ILE B 37 -25.00 33.70 -31.56
N ASP B 38 -26.00 33.56 -30.70
CA ASP B 38 -27.19 34.40 -30.80
C ASP B 38 -26.82 35.85 -30.51
N LEU B 39 -27.10 36.73 -31.47
CA LEU B 39 -26.70 38.12 -31.33
C LEU B 39 -27.48 38.83 -30.23
N GLN B 40 -28.77 38.48 -30.06
CA GLN B 40 -29.61 39.15 -29.08
C GLN B 40 -29.17 38.82 -27.67
N LYS B 41 -29.10 37.53 -27.33
CA LYS B 41 -28.70 37.13 -25.98
C LYS B 41 -27.30 37.61 -25.63
N THR B 42 -26.45 37.86 -26.63
CA THR B 42 -25.14 38.43 -26.37
C THR B 42 -25.26 39.75 -25.63
N MET B 43 -25.97 40.73 -26.22
CA MET B 43 -26.16 42.01 -25.54
C MET B 43 -27.07 41.87 -24.33
N GLU B 44 -27.98 40.91 -24.34
CA GLU B 44 -28.82 40.64 -23.17
C GLU B 44 -27.97 40.36 -21.94
N GLU B 45 -27.00 39.46 -22.08
CA GLU B 45 -26.08 39.17 -20.98
C GLU B 45 -25.04 40.27 -20.79
N LEU B 46 -24.71 40.99 -21.86
CA LEU B 46 -23.75 42.10 -21.75
C LEU B 46 -24.27 43.19 -20.84
N GLU B 47 -25.58 43.48 -20.91
CA GLU B 47 -26.16 44.46 -20.00
C GLU B 47 -25.83 44.12 -18.55
N ARG B 48 -26.21 42.91 -18.12
CA ARG B 48 -26.00 42.50 -16.74
C ARG B 48 -24.51 42.43 -16.39
N THR B 49 -23.70 41.92 -17.31
CA THR B 49 -22.28 41.75 -17.03
C THR B 49 -21.57 43.09 -16.88
N PHE B 50 -21.77 44.00 -17.84
CA PHE B 50 -21.16 45.32 -17.75
C PHE B 50 -21.74 46.12 -16.60
N ARG B 51 -23.00 45.87 -16.22
CA ARG B 51 -23.55 46.53 -15.05
C ARG B 51 -22.86 46.08 -13.78
N PHE B 52 -22.61 44.77 -13.65
CA PHE B 52 -21.84 44.28 -12.52
C PHE B 52 -20.42 44.83 -12.54
N ILE B 53 -19.82 44.93 -13.72
CA ILE B 53 -18.47 45.49 -13.82
C ILE B 53 -18.45 46.93 -13.35
N GLU B 54 -19.44 47.73 -13.78
CA GLU B 54 -19.50 49.13 -13.37
C GLU B 54 -19.71 49.25 -11.87
N ASP B 55 -20.60 48.44 -11.32
CA ASP B 55 -20.84 48.46 -9.88
C ASP B 55 -19.56 48.13 -9.11
N LEU B 56 -18.88 47.05 -9.50
CA LEU B 56 -17.67 46.65 -8.79
C LEU B 56 -16.53 47.64 -9.00
N ALA B 57 -16.51 48.34 -10.14
CA ALA B 57 -15.43 49.26 -10.42
C ALA B 57 -15.59 50.59 -9.68
N MET B 58 -16.81 51.13 -9.65
CA MET B 58 -17.04 52.38 -8.91
C MET B 58 -16.95 52.18 -7.40
N ARG B 59 -16.88 50.94 -6.93
CA ARG B 59 -16.63 50.64 -5.52
C ARG B 59 -15.15 50.51 -5.20
N GLY B 60 -14.27 50.57 -6.20
CA GLY B 60 -12.86 50.41 -5.98
C GLY B 60 -12.37 48.98 -5.92
N GLY B 61 -13.11 48.04 -6.50
CA GLY B 61 -12.72 46.65 -6.46
C GLY B 61 -11.64 46.31 -7.46
N THR B 62 -10.96 45.19 -7.22
CA THR B 62 -9.90 44.70 -8.08
C THR B 62 -10.40 43.51 -8.89
N ILE B 63 -10.04 43.47 -10.17
CA ILE B 63 -10.45 42.41 -11.07
C ILE B 63 -9.19 41.78 -11.67
N LEU B 64 -9.06 40.47 -11.52
CA LEU B 64 -7.94 39.73 -12.09
C LEU B 64 -8.28 39.30 -13.52
N PHE B 65 -7.38 39.61 -14.45
CA PHE B 65 -7.54 39.22 -15.84
C PHE B 65 -6.67 38.00 -16.11
N VAL B 66 -7.25 36.98 -16.73
CA VAL B 66 -6.56 35.72 -16.98
C VAL B 66 -6.62 35.43 -18.48
N GLY B 67 -5.45 35.44 -19.12
CA GLY B 67 -5.37 35.15 -20.54
C GLY B 67 -4.12 34.38 -20.90
N THR B 68 -4.30 33.19 -21.49
CA THR B 68 -3.19 32.33 -21.88
C THR B 68 -3.35 31.75 -23.27
N LYS B 69 -4.45 32.01 -23.96
CA LYS B 69 -4.79 31.33 -25.21
C LYS B 69 -3.82 31.60 -26.35
N LYS B 70 -2.73 32.34 -26.11
CA LYS B 70 -1.74 32.75 -27.11
C LYS B 70 -2.35 33.66 -28.17
N GLN B 71 -3.65 33.93 -28.12
CA GLN B 71 -4.30 34.90 -29.00
C GLN B 71 -4.79 36.12 -28.23
N ALA B 72 -4.69 36.11 -26.90
CA ALA B 72 -5.12 37.22 -26.07
C ALA B 72 -4.04 37.62 -25.06
N GLN B 73 -2.84 37.04 -25.15
CA GLN B 73 -1.77 37.37 -24.20
C GLN B 73 -1.35 38.82 -24.34
N ASP B 74 -0.96 39.22 -25.56
CA ASP B 74 -0.49 40.59 -25.80
C ASP B 74 -1.59 41.61 -25.59
N ILE B 75 -2.86 41.20 -25.62
CA ILE B 75 -3.96 42.12 -25.37
C ILE B 75 -4.15 42.33 -23.86
N VAL B 76 -4.25 41.23 -23.12
CA VAL B 76 -4.43 41.32 -21.67
C VAL B 76 -3.23 41.99 -21.01
N ARG B 77 -2.03 41.80 -21.55
CA ARG B 77 -0.84 42.35 -20.93
C ARG B 77 -0.85 43.87 -20.91
N MET B 78 -1.70 44.51 -21.71
CA MET B 78 -1.79 45.97 -21.71
C MET B 78 -3.17 46.49 -21.33
N GLU B 79 -4.26 45.77 -21.61
CA GLU B 79 -5.57 46.22 -21.16
C GLU B 79 -5.66 46.21 -19.64
N ALA B 80 -4.93 45.29 -18.98
CA ALA B 80 -4.80 45.32 -17.53
C ALA B 80 -3.65 46.22 -17.09
N GLU B 81 -2.64 46.42 -17.94
CA GLU B 81 -1.60 47.40 -17.66
C GLU B 81 -2.13 48.83 -17.75
N ARG B 82 -3.38 49.00 -18.19
CA ARG B 82 -4.18 50.18 -17.95
C ARG B 82 -4.65 50.10 -16.50
N ALA B 83 -5.77 50.76 -16.17
CA ALA B 83 -6.27 50.85 -14.79
C ALA B 83 -5.94 49.58 -13.99
N GLY B 84 -5.41 49.76 -12.79
CA GLY B 84 -4.43 48.86 -12.20
C GLY B 84 -4.84 47.43 -11.90
N MET B 85 -5.94 46.97 -12.49
CA MET B 85 -6.34 45.58 -12.35
C MET B 85 -5.18 44.66 -12.74
N PRO B 86 -4.82 43.68 -11.89
CA PRO B 86 -3.71 42.78 -12.21
C PRO B 86 -4.06 41.80 -13.32
N TYR B 87 -3.10 40.99 -13.76
CA TYR B 87 -3.35 40.03 -14.83
C TYR B 87 -2.39 38.86 -14.74
N VAL B 88 -2.77 37.77 -15.39
CA VAL B 88 -1.96 36.57 -15.53
C VAL B 88 -1.82 36.29 -17.03
N ASN B 89 -0.59 36.22 -17.51
CA ASN B 89 -0.31 36.25 -18.94
C ASN B 89 0.30 34.96 -19.48
N GLN B 90 1.37 34.46 -18.86
CA GLN B 90 2.12 33.36 -19.45
C GLN B 90 1.46 32.00 -19.19
N ARG B 91 1.16 31.71 -17.94
CA ARG B 91 0.42 30.50 -17.60
C ARG B 91 -0.11 30.66 -16.17
N TRP B 92 -1.24 30.01 -15.91
CA TRP B 92 -1.89 30.12 -14.61
C TRP B 92 -1.32 29.07 -13.67
N LEU B 93 -0.65 29.52 -12.61
CA LEU B 93 0.02 28.63 -11.69
C LEU B 93 -0.97 28.05 -10.68
N GLY B 94 -0.95 26.74 -10.52
CA GLY B 94 -1.83 26.06 -9.59
C GLY B 94 -1.66 26.52 -8.17
N GLY B 95 -2.71 27.12 -7.61
CA GLY B 95 -2.66 27.64 -6.26
C GLY B 95 -2.53 29.14 -6.14
N MET B 96 -2.64 29.88 -7.25
CA MET B 96 -2.52 31.33 -7.19
C MET B 96 -3.57 31.98 -6.29
N LEU B 97 -4.68 31.28 -6.02
CA LEU B 97 -5.75 31.81 -5.19
C LEU B 97 -5.91 31.03 -3.89
N THR B 98 -6.07 29.71 -3.97
CA THR B 98 -6.24 28.90 -2.76
C THR B 98 -4.96 28.84 -1.95
N ASN B 99 -3.80 28.93 -2.61
CA ASN B 99 -2.50 28.99 -1.96
C ASN B 99 -1.88 30.37 -2.14
N PHE B 100 -2.71 31.42 -2.02
CA PHE B 100 -2.29 32.77 -2.34
C PHE B 100 -1.11 33.23 -1.49
N LYS B 101 -1.00 32.69 -0.26
CA LYS B 101 0.08 33.14 0.63
C LYS B 101 1.45 32.73 0.08
N THR B 102 1.56 31.51 -0.46
CA THR B 102 2.85 31.05 -0.98
C THR B 102 3.25 31.82 -2.24
N ILE B 103 2.28 32.11 -3.11
CA ILE B 103 2.58 32.90 -4.30
C ILE B 103 2.96 34.33 -3.90
N SER B 104 2.33 34.85 -2.85
CA SER B 104 2.73 36.16 -2.34
C SER B 104 4.14 36.12 -1.76
N GLN B 105 4.54 34.99 -1.17
CA GLN B 105 5.93 34.84 -0.76
C GLN B 105 6.87 34.89 -1.95
N ARG B 106 6.48 34.24 -3.06
CA ARG B 106 7.25 34.35 -4.30
C ARG B 106 7.35 35.80 -4.76
N VAL B 107 6.25 36.56 -4.62
CA VAL B 107 6.28 37.97 -4.98
C VAL B 107 7.22 38.75 -4.06
N HIS B 108 7.24 38.39 -2.78
CA HIS B 108 8.19 39.00 -1.86
C HIS B 108 9.63 38.74 -2.30
N ARG B 109 9.92 37.52 -2.75
CA ARG B 109 11.25 37.24 -3.28
C ARG B 109 11.51 38.05 -4.55
N LEU B 110 10.49 38.26 -5.37
CA LEU B 110 10.64 39.08 -6.58
C LEU B 110 11.07 40.49 -6.23
N GLU B 111 10.32 41.16 -5.34
CA GLU B 111 10.69 42.53 -4.99
C GLU B 111 11.98 42.57 -4.18
N GLU B 112 12.31 41.49 -3.47
CA GLU B 112 13.60 41.40 -2.79
C GLU B 112 14.74 41.43 -3.80
N LEU B 113 14.63 40.63 -4.86
CA LEU B 113 15.67 40.63 -5.88
C LEU B 113 15.69 41.92 -6.67
N GLU B 114 14.53 42.57 -6.83
CA GLU B 114 14.52 43.91 -7.42
C GLU B 114 15.27 44.90 -6.55
N ALA B 115 15.15 44.77 -5.23
CA ALA B 115 15.88 45.64 -4.32
C ALA B 115 17.37 45.34 -4.32
N LEU B 116 17.75 44.07 -4.51
CA LEU B 116 19.16 43.73 -4.55
C LEU B 116 19.82 44.24 -5.83
N PHE B 117 19.08 44.27 -6.94
CA PHE B 117 19.60 44.85 -8.18
C PHE B 117 19.51 46.37 -8.21
N ALA B 118 18.93 46.99 -7.18
CA ALA B 118 18.96 48.43 -7.03
C ALA B 118 20.05 48.89 -6.07
N SER B 119 20.40 48.07 -5.10
CA SER B 119 21.46 48.37 -4.15
C SER B 119 22.82 48.00 -4.75
N PRO B 120 23.91 48.61 -4.23
CA PRO B 120 25.24 48.26 -4.75
C PRO B 120 25.69 46.84 -4.44
N GLU B 121 24.85 46.01 -3.84
CA GLU B 121 25.22 44.63 -3.51
C GLU B 121 25.22 43.70 -4.71
N ILE B 122 25.17 44.24 -5.93
CA ILE B 122 25.18 43.40 -7.12
C ILE B 122 26.55 42.76 -7.33
N GLU B 123 27.61 43.45 -6.93
CA GLU B 123 28.97 43.01 -7.23
C GLU B 123 29.49 41.99 -6.23
N GLU B 124 29.16 42.13 -4.95
CA GLU B 124 29.55 41.14 -3.95
C GLU B 124 28.88 39.81 -4.25
N ARG B 125 29.44 38.73 -3.65
CA ARG B 125 28.97 37.38 -3.93
C ARG B 125 29.01 37.13 -5.44
N PRO B 126 30.20 36.84 -5.97
CA PRO B 126 30.49 37.09 -7.41
C PRO B 126 29.64 36.34 -8.42
N LYS B 127 30.04 36.51 -9.68
CA LYS B 127 29.21 36.37 -10.88
C LYS B 127 28.26 35.17 -10.89
N LYS B 128 28.61 34.09 -10.20
CA LYS B 128 27.72 32.93 -10.12
C LYS B 128 26.33 33.34 -9.66
N GLU B 129 26.25 34.01 -8.50
CA GLU B 129 24.96 34.52 -8.05
C GLU B 129 24.45 35.63 -8.98
N GLN B 130 25.34 36.42 -9.56
CA GLN B 130 24.92 37.49 -10.46
C GLN B 130 24.23 36.96 -11.71
N VAL B 131 24.41 35.68 -12.02
CA VAL B 131 23.69 35.04 -13.11
C VAL B 131 22.49 34.25 -12.62
N ARG B 132 22.65 33.54 -11.50
CA ARG B 132 21.54 32.77 -10.95
C ARG B 132 20.36 33.68 -10.60
N LEU B 133 20.62 34.70 -9.77
CA LEU B 133 19.57 35.62 -9.38
C LEU B 133 19.06 36.41 -10.58
N LYS B 134 19.92 36.65 -11.58
CA LYS B 134 19.45 37.34 -12.78
C LYS B 134 18.39 36.52 -13.51
N HIS B 135 18.68 35.23 -13.77
CA HIS B 135 17.69 34.37 -14.41
C HIS B 135 16.46 34.17 -13.54
N GLU B 136 16.65 34.12 -12.22
CA GLU B 136 15.53 33.98 -11.30
C GLU B 136 14.60 35.18 -11.38
N LEU B 137 15.17 36.39 -11.35
CA LEU B 137 14.36 37.59 -11.50
C LEU B 137 13.72 37.66 -12.88
N GLU B 138 14.42 37.17 -13.91
CA GLU B 138 13.85 37.11 -15.25
C GLU B 138 12.58 36.29 -15.27
N ARG B 139 12.64 35.06 -14.75
CA ARG B 139 11.45 34.22 -14.79
C ARG B 139 10.38 34.70 -13.82
N LEU B 140 10.76 35.32 -12.70
CA LEU B 140 9.78 35.88 -11.77
C LEU B 140 9.02 37.03 -12.41
N GLN B 141 9.69 37.84 -13.22
CA GLN B 141 8.99 38.88 -13.98
C GLN B 141 8.18 38.28 -15.12
N LYS B 142 8.66 37.19 -15.70
CA LYS B 142 7.93 36.56 -16.80
C LYS B 142 6.59 36.01 -16.33
N TYR B 143 6.57 35.38 -15.16
CA TYR B 143 5.34 34.74 -14.71
C TYR B 143 4.48 35.63 -13.80
N LEU B 144 5.11 36.39 -12.90
CA LEU B 144 4.38 37.25 -11.97
C LEU B 144 4.32 38.69 -12.46
N SER B 145 4.23 38.90 -13.78
CA SER B 145 4.25 40.24 -14.34
C SER B 145 3.12 41.10 -13.78
N GLY B 146 1.88 40.66 -13.98
CA GLY B 146 0.73 41.41 -13.50
C GLY B 146 0.27 40.99 -12.13
N PHE B 147 0.58 39.75 -11.74
CA PHE B 147 0.12 39.22 -10.46
C PHE B 147 0.73 39.96 -9.28
N ARG B 148 1.87 40.63 -9.46
CA ARG B 148 2.53 41.30 -8.34
C ARG B 148 1.68 42.41 -7.75
N LEU B 149 0.66 42.88 -8.46
CA LEU B 149 -0.17 43.98 -7.98
C LEU B 149 -1.20 43.53 -6.94
N LEU B 150 -1.56 42.25 -6.92
CA LEU B 150 -2.56 41.76 -5.98
C LEU B 150 -1.99 41.74 -4.56
N LYS B 151 -2.42 42.69 -3.74
CA LYS B 151 -2.03 42.67 -2.33
C LYS B 151 -2.85 41.67 -1.54
N ARG B 152 -4.13 41.53 -1.87
CA ARG B 152 -5.01 40.53 -1.27
C ARG B 152 -5.72 39.78 -2.39
N LEU B 153 -6.62 38.88 -2.00
CA LEU B 153 -7.39 38.15 -2.99
C LEU B 153 -8.26 39.12 -3.79
N PRO B 154 -8.45 38.88 -5.08
CA PRO B 154 -9.22 39.82 -5.90
C PRO B 154 -10.71 39.74 -5.59
N ASP B 155 -11.42 40.77 -6.04
CA ASP B 155 -12.86 40.84 -5.84
C ASP B 155 -13.64 40.25 -7.01
N ALA B 156 -12.96 39.92 -8.11
CA ALA B 156 -13.55 39.27 -9.27
C ALA B 156 -12.43 38.87 -10.21
N ILE B 157 -12.70 37.88 -11.06
CA ILE B 157 -11.75 37.46 -12.08
C ILE B 157 -12.41 37.59 -13.45
N PHE B 158 -11.59 37.83 -14.46
CA PHE B 158 -12.03 37.94 -15.85
C PHE B 158 -11.23 36.96 -16.69
N VAL B 159 -11.93 36.05 -17.35
CA VAL B 159 -11.32 34.98 -18.12
C VAL B 159 -11.65 35.17 -19.60
N VAL B 160 -10.69 34.81 -20.46
CA VAL B 160 -10.91 34.90 -21.90
C VAL B 160 -11.42 33.58 -22.47
N ASP B 161 -10.94 32.45 -21.96
CA ASP B 161 -11.44 31.14 -22.35
C ASP B 161 -11.58 30.29 -21.09
N PRO B 162 -12.80 30.10 -20.58
CA PRO B 162 -12.97 29.32 -19.35
C PRO B 162 -12.67 27.83 -19.52
N THR B 163 -12.53 27.35 -20.75
CA THR B 163 -12.09 25.96 -20.95
C THR B 163 -10.57 25.85 -20.88
N LYS B 164 -9.86 26.83 -21.45
CA LYS B 164 -8.40 26.82 -21.38
C LYS B 164 -7.91 27.18 -19.99
N GLU B 165 -8.64 28.03 -19.27
CA GLU B 165 -8.28 28.49 -17.94
C GLU B 165 -9.22 27.90 -16.88
N ALA B 166 -9.58 26.62 -17.03
CA ALA B 166 -10.56 26.01 -16.13
C ALA B 166 -10.06 25.94 -14.69
N ILE B 167 -8.73 25.84 -14.51
CA ILE B 167 -8.17 25.75 -13.15
C ILE B 167 -8.45 27.04 -12.38
N ALA B 168 -8.23 28.18 -13.01
CA ALA B 168 -8.52 29.47 -12.38
C ALA B 168 -10.00 29.60 -12.04
N VAL B 169 -10.86 29.15 -12.95
CA VAL B 169 -12.30 29.19 -12.70
C VAL B 169 -12.64 28.37 -11.45
N ARG B 170 -12.13 27.14 -11.39
CA ARG B 170 -12.39 26.28 -10.24
C ARG B 170 -11.91 26.93 -8.94
N GLU B 171 -10.70 27.50 -8.97
CA GLU B 171 -10.17 28.13 -7.76
C GLU B 171 -11.02 29.32 -7.34
N ALA B 172 -11.55 30.08 -8.30
CA ALA B 172 -12.45 31.18 -7.95
C ALA B 172 -13.75 30.65 -7.35
N ARG B 173 -14.30 29.57 -7.90
CA ARG B 173 -15.51 28.98 -7.32
C ARG B 173 -15.27 28.55 -5.89
N LYS B 174 -14.11 27.94 -5.62
CA LYS B 174 -13.84 27.45 -4.28
C LYS B 174 -13.84 28.57 -3.24
N LEU B 175 -13.44 29.78 -3.64
CA LEU B 175 -13.38 30.91 -2.73
C LEU B 175 -14.56 31.86 -2.88
N PHE B 176 -15.62 31.43 -3.57
CA PHE B 176 -16.83 32.24 -3.75
C PHE B 176 -16.53 33.56 -4.48
N ILE B 177 -15.55 33.54 -5.37
CA ILE B 177 -15.18 34.73 -6.15
C ILE B 177 -16.02 34.78 -7.42
N PRO B 178 -16.68 35.91 -7.70
CA PRO B 178 -17.45 36.00 -8.95
C PRO B 178 -16.56 35.81 -10.16
N VAL B 179 -17.09 35.11 -11.16
CA VAL B 179 -16.34 34.70 -12.35
C VAL B 179 -16.97 35.38 -13.56
N ILE B 180 -16.28 36.39 -14.10
CA ILE B 180 -16.65 36.97 -15.38
C ILE B 180 -15.81 36.28 -16.45
N ALA B 181 -16.46 35.87 -17.54
CA ALA B 181 -15.74 35.14 -18.57
C ALA B 181 -16.33 35.42 -19.93
N LEU B 182 -15.46 35.54 -20.93
CA LEU B 182 -15.86 35.59 -22.34
C LEU B 182 -15.97 34.14 -22.81
N ALA B 183 -17.18 33.58 -22.74
CA ALA B 183 -17.37 32.18 -23.05
C ALA B 183 -17.60 31.97 -24.54
N ASP B 184 -17.25 30.78 -25.01
CA ASP B 184 -17.52 30.33 -26.37
C ASP B 184 -18.31 29.03 -26.30
N THR B 185 -18.54 28.42 -27.46
CA THR B 185 -19.34 27.20 -27.53
C THR B 185 -18.66 26.00 -26.88
N ASP B 186 -17.37 26.09 -26.56
CA ASP B 186 -16.62 24.99 -25.99
C ASP B 186 -16.50 25.07 -24.48
N SER B 187 -17.43 25.74 -23.81
CA SER B 187 -17.32 25.98 -22.38
C SER B 187 -18.67 25.74 -21.70
N ASP B 188 -18.60 25.52 -20.39
CA ASP B 188 -19.79 25.26 -19.59
C ASP B 188 -20.29 26.56 -18.99
N PRO B 189 -21.46 27.07 -19.39
CA PRO B 189 -21.90 28.39 -18.91
C PRO B 189 -22.31 28.38 -17.44
N ASP B 190 -22.62 27.22 -16.86
CA ASP B 190 -23.09 27.20 -15.47
C ASP B 190 -22.01 27.63 -14.50
N LEU B 191 -20.73 27.34 -14.80
CA LEU B 191 -19.66 27.72 -13.90
C LEU B 191 -19.37 29.21 -13.92
N VAL B 192 -19.76 29.91 -14.98
CA VAL B 192 -19.50 31.34 -15.12
C VAL B 192 -20.65 32.11 -14.49
N ASP B 193 -20.33 33.03 -13.58
CA ASP B 193 -21.36 33.80 -12.90
C ASP B 193 -21.88 34.94 -13.76
N TYR B 194 -21.02 35.55 -14.57
CA TYR B 194 -21.42 36.62 -15.50
C TYR B 194 -20.82 36.28 -16.86
N ILE B 195 -21.66 35.80 -17.76
CA ILE B 195 -21.23 35.24 -19.04
C ILE B 195 -21.19 36.32 -20.10
N ILE B 196 -20.22 36.22 -21.00
CA ILE B 196 -20.15 37.06 -22.20
C ILE B 196 -20.02 36.12 -23.40
N PRO B 197 -21.13 35.76 -24.05
CA PRO B 197 -21.06 34.75 -25.12
C PRO B 197 -20.46 35.27 -26.42
N GLY B 198 -19.14 35.25 -26.51
CA GLY B 198 -18.47 35.70 -27.72
C GLY B 198 -17.48 34.70 -28.27
N ASN B 199 -16.55 35.18 -29.09
CA ASN B 199 -15.51 34.34 -29.67
C ASN B 199 -14.22 34.51 -28.89
N ASP B 200 -13.51 33.40 -28.66
CA ASP B 200 -12.26 33.41 -27.93
C ASP B 200 -11.03 33.18 -28.79
N ASP B 201 -11.21 32.81 -30.06
CA ASP B 201 -10.09 32.54 -30.95
C ASP B 201 -9.66 33.79 -31.72
N ALA B 202 -10.62 34.52 -32.30
CA ALA B 202 -10.30 35.71 -33.08
C ALA B 202 -9.72 36.79 -32.19
N ILE B 203 -8.91 37.66 -32.79
CA ILE B 203 -8.27 38.74 -32.04
C ILE B 203 -9.22 39.92 -31.90
N ARG B 204 -10.04 40.18 -32.91
CA ARG B 204 -10.89 41.36 -32.87
C ARG B 204 -11.96 41.25 -31.78
N SER B 205 -12.51 40.05 -31.58
CA SER B 205 -13.50 39.86 -30.53
C SER B 205 -12.91 40.19 -29.16
N ILE B 206 -11.76 39.60 -28.86
CA ILE B 206 -11.12 39.83 -27.56
C ILE B 206 -10.75 41.30 -27.41
N GLN B 207 -10.16 41.90 -28.44
CA GLN B 207 -9.77 43.30 -28.37
C GLN B 207 -10.97 44.18 -28.11
N LEU B 208 -12.06 43.99 -28.87
CA LEU B 208 -13.26 44.77 -28.68
C LEU B 208 -13.80 44.64 -27.27
N ILE B 209 -14.01 43.40 -26.81
CA ILE B 209 -14.64 43.19 -25.52
C ILE B 209 -13.78 43.75 -24.39
N LEU B 210 -12.48 43.44 -24.41
CA LEU B 210 -11.62 43.87 -23.32
C LEU B 210 -11.38 45.38 -23.33
N SER B 211 -11.25 45.97 -24.52
CA SER B 211 -11.13 47.42 -24.61
C SER B 211 -12.36 48.10 -24.04
N ARG B 212 -13.56 47.68 -24.47
CA ARG B 212 -14.76 48.28 -23.94
C ARG B 212 -14.90 48.03 -22.43
N ALA B 213 -14.43 46.88 -21.95
CA ALA B 213 -14.54 46.58 -20.52
C ALA B 213 -13.64 47.49 -19.69
N VAL B 214 -12.37 47.62 -20.09
CA VAL B 214 -11.46 48.50 -19.36
C VAL B 214 -11.90 49.95 -19.49
N ASP B 215 -12.49 50.32 -20.63
CA ASP B 215 -13.03 51.66 -20.77
C ASP B 215 -14.19 51.90 -19.81
N LEU B 216 -15.07 50.90 -19.66
CA LEU B 216 -16.15 51.02 -18.69
C LEU B 216 -15.59 51.09 -17.27
N ILE B 217 -14.51 50.37 -17.00
CA ILE B 217 -13.89 50.40 -15.67
C ILE B 217 -13.39 51.80 -15.35
N ILE B 218 -12.62 52.39 -16.27
CA ILE B 218 -12.10 53.74 -16.00
C ILE B 218 -13.24 54.76 -16.00
N GLN B 219 -14.29 54.52 -16.77
CA GLN B 219 -15.44 55.44 -16.77
C GLN B 219 -16.18 55.37 -15.45
N ALA B 220 -16.17 54.22 -14.78
CA ALA B 220 -16.82 54.10 -13.48
C ALA B 220 -16.04 54.82 -12.39
N ARG B 221 -14.75 55.07 -12.59
CA ARG B 221 -13.93 55.82 -11.65
C ARG B 221 -13.59 57.22 -12.17
N GLY B 222 -14.31 57.69 -13.19
CA GLY B 222 -14.06 59.01 -13.74
C GLY B 222 -12.78 59.10 -14.54
N GLY B 223 -12.61 60.19 -15.29
CA GLY B 223 -11.41 60.36 -16.08
C GLY B 223 -11.33 59.39 -17.26
N VAL B 224 -12.21 59.60 -18.24
CA VAL B 224 -12.25 58.71 -19.40
C VAL B 224 -10.91 58.76 -20.13
N VAL B 225 -10.35 57.59 -20.40
CA VAL B 225 -9.03 57.49 -21.00
C VAL B 225 -9.18 57.38 -22.52
N GLU B 226 -8.09 57.72 -23.23
CA GLU B 226 -8.07 57.63 -24.68
C GLU B 226 -8.28 56.18 -25.13
N PRO B 227 -8.62 55.97 -26.40
CA PRO B 227 -8.73 54.60 -26.92
C PRO B 227 -7.43 53.82 -26.72
N SER B 228 -7.58 52.56 -26.31
CA SER B 228 -6.42 51.76 -25.94
C SER B 228 -5.54 51.50 -27.17
N PRO B 229 -4.21 51.51 -27.00
CA PRO B 229 -3.29 51.23 -28.11
C PRO B 229 -3.13 49.74 -28.39
N SER B 230 -4.26 49.03 -28.46
CA SER B 230 -4.28 47.62 -28.76
C SER B 230 -4.69 47.31 -30.19
N TYR B 231 -5.07 48.35 -30.96
CA TYR B 231 -5.41 48.12 -32.37
C TYR B 231 -4.19 47.73 -33.17
N ALA B 232 -3.04 48.35 -32.89
CA ALA B 232 -1.81 48.04 -33.60
C ALA B 232 -1.40 46.58 -33.41
N LEU B 233 -1.93 45.90 -32.40
CA LEU B 233 -1.67 44.48 -32.20
C LEU B 233 -2.49 43.59 -33.13
N VAL B 234 -3.13 44.16 -34.15
CA VAL B 234 -3.81 43.35 -35.15
C VAL B 234 -2.78 42.60 -36.00
N GLN B 235 -1.73 43.29 -36.43
CA GLN B 235 -0.63 42.69 -37.20
C GLN B 235 -1.13 42.05 -38.49
N GLU B 236 -1.74 40.87 -38.37
N GLY C 1 26.58 3.90 11.77
CA GLY C 1 28.01 4.17 11.63
C GLY C 1 28.32 5.28 10.65
N ASN C 2 28.06 6.52 11.05
CA ASN C 2 28.26 7.69 10.21
C ASN C 2 28.18 8.93 11.10
N LYS C 3 28.16 10.11 10.48
CA LYS C 3 27.89 11.38 11.16
C LYS C 3 28.93 11.66 12.26
N ILE C 4 30.16 11.93 11.79
CA ILE C 4 31.24 12.29 12.72
C ILE C 4 30.88 13.55 13.52
N HIS C 5 31.61 13.76 14.60
CA HIS C 5 31.37 14.88 15.50
C HIS C 5 31.56 16.20 14.76
N PRO C 6 30.60 17.14 14.86
CA PRO C 6 30.72 18.40 14.11
C PRO C 6 31.71 19.39 14.69
N ILE C 7 31.83 19.44 16.02
CA ILE C 7 32.80 20.33 16.65
C ILE C 7 34.21 19.94 16.26
N GLY C 8 34.52 18.63 16.30
CA GLY C 8 35.80 18.16 15.81
C GLY C 8 35.96 18.34 14.31
N PHE C 9 34.86 18.29 13.58
CA PHE C 9 34.90 18.51 12.14
C PHE C 9 35.15 19.97 11.78
N ARG C 10 34.90 20.90 12.72
CA ARG C 10 35.08 22.32 12.48
C ARG C 10 36.13 22.95 13.38
N LEU C 11 36.98 22.14 14.03
CA LEU C 11 38.02 22.70 14.89
C LEU C 11 38.98 23.63 14.17
N GLY C 12 38.97 23.64 12.84
CA GLY C 12 39.79 24.56 12.08
C GLY C 12 39.13 25.91 11.87
N ILE C 13 37.91 25.90 11.34
CA ILE C 13 37.18 27.12 11.00
C ILE C 13 35.85 27.11 11.75
N THR C 14 35.47 28.27 12.29
CA THR C 14 34.21 28.49 13.00
C THR C 14 34.11 27.66 14.29
N ARG C 15 35.24 27.21 14.82
CA ARG C 15 35.26 26.55 16.12
C ARG C 15 36.69 26.49 16.62
N ASP C 16 36.91 26.91 17.86
CA ASP C 16 38.23 26.92 18.48
C ASP C 16 38.31 25.84 19.55
N TRP C 17 39.54 25.55 19.97
CA TRP C 17 39.78 24.55 20.99
C TRP C 17 39.39 25.07 22.36
N GLU C 18 38.94 24.15 23.23
CA GLU C 18 38.66 24.52 24.61
C GLU C 18 39.95 24.75 25.39
N SER C 19 40.95 23.91 25.17
CA SER C 19 42.28 24.10 25.73
C SER C 19 43.18 24.65 24.64
N ARG C 20 43.77 25.83 24.89
CA ARG C 20 44.66 26.48 23.93
C ARG C 20 45.94 26.89 24.65
N TRP C 21 46.97 26.06 24.50
CA TRP C 21 48.28 26.30 25.10
C TRP C 21 49.29 25.41 24.39
N TYR C 22 50.55 25.83 24.43
CA TYR C 22 51.63 25.07 23.83
C TYR C 22 52.38 24.28 24.89
N ALA C 23 52.83 23.09 24.51
CA ALA C 23 53.56 22.23 25.43
C ALA C 23 54.45 21.29 24.63
N GLY C 24 55.67 21.08 25.12
CA GLY C 24 56.56 20.12 24.50
C GLY C 24 56.05 18.70 24.65
N LYS C 25 56.70 17.79 23.93
CA LYS C 25 56.28 16.39 23.94
C LYS C 25 56.48 15.76 25.32
N LYS C 26 57.44 16.25 26.10
CA LYS C 26 57.69 15.73 27.44
C LYS C 26 56.70 16.25 28.47
N GLN C 27 55.90 17.26 28.14
CA GLN C 27 55.00 17.90 29.08
C GLN C 27 53.55 17.97 28.62
N TYR C 28 53.25 17.57 27.38
CA TYR C 28 51.90 17.69 26.85
C TYR C 28 50.93 16.81 27.62
N ARG C 29 51.31 15.55 27.86
CA ARG C 29 50.39 14.61 28.50
C ARG C 29 50.05 15.02 29.93
N HIS C 30 51.01 15.60 30.64
CA HIS C 30 50.76 16.00 32.03
C HIS C 30 49.77 17.17 32.09
N LEU C 31 50.01 18.20 31.27
CA LEU C 31 49.07 19.32 31.23
C LEU C 31 47.71 18.87 30.73
N LEU C 32 47.67 17.89 29.83
CA LEU C 32 46.39 17.37 29.34
C LEU C 32 45.63 16.65 30.45
N LEU C 33 46.32 15.79 31.20
CA LEU C 33 45.70 15.15 32.35
C LEU C 33 45.21 16.18 33.36
N GLU C 34 45.97 17.26 33.55
CA GLU C 34 45.57 18.30 34.47
C GLU C 34 44.31 19.00 34.00
N ASP C 35 44.24 19.35 32.71
CA ASP C 35 43.02 19.94 32.16
C ASP C 35 41.84 18.99 32.29
N GLN C 36 42.07 17.69 32.11
CA GLN C 36 40.99 16.72 32.23
C GLN C 36 40.47 16.66 33.66
N ARG C 37 41.37 16.66 34.64
CA ARG C 37 40.94 16.67 36.03
C ARG C 37 40.20 17.96 36.37
N ILE C 38 40.67 19.08 35.82
CA ILE C 38 39.98 20.36 36.04
C ILE C 38 38.55 20.29 35.53
N ARG C 39 38.38 19.86 34.27
CA ARG C 39 37.05 19.78 33.71
C ARG C 39 36.18 18.76 34.44
N GLY C 40 36.79 17.67 34.90
CA GLY C 40 36.04 16.67 35.64
C GLY C 40 35.49 17.21 36.95
N LEU C 41 36.35 17.82 37.77
CA LEU C 41 35.88 18.40 39.02
C LEU C 41 34.94 19.58 38.78
N LEU C 42 35.10 20.29 37.66
CA LEU C 42 34.25 21.43 37.38
C LEU C 42 32.83 20.99 37.01
N GLU C 43 32.72 20.03 36.08
CA GLU C 43 31.41 19.56 35.65
C GLU C 43 30.67 18.79 36.74
N LYS C 44 31.36 18.40 37.82
CA LYS C 44 30.70 17.73 38.94
C LYS C 44 30.13 18.69 39.97
N GLU C 45 30.69 19.90 40.07
CA GLU C 45 30.29 20.87 41.07
C GLU C 45 29.37 21.95 40.54
N LEU C 46 29.52 22.33 39.27
CA LEU C 46 28.78 23.45 38.70
C LEU C 46 27.59 23.01 37.86
N TYR C 47 27.22 21.73 37.90
CA TYR C 47 26.09 21.27 37.10
C TYR C 47 24.80 21.98 37.48
N SER C 48 24.63 22.31 38.76
CA SER C 48 23.43 23.04 39.19
C SER C 48 23.38 24.44 38.59
N ALA C 49 24.51 25.00 38.18
CA ALA C 49 24.54 26.33 37.59
C ALA C 49 24.36 26.32 36.08
N GLY C 50 24.53 25.16 35.44
CA GLY C 50 24.39 25.08 33.99
C GLY C 50 25.57 25.65 33.23
N LEU C 51 26.73 25.01 33.36
CA LEU C 51 27.91 25.43 32.63
C LEU C 51 27.89 24.83 31.22
N ALA C 52 28.21 25.66 30.23
CA ALA C 52 28.19 25.26 28.84
C ALA C 52 29.57 24.98 28.27
N ARG C 53 30.60 25.64 28.76
CA ARG C 53 31.95 25.45 28.23
C ARG C 53 32.95 25.83 29.30
N VAL C 54 34.10 25.16 29.29
CA VAL C 54 35.19 25.41 30.22
C VAL C 54 36.46 25.59 29.39
N ASP C 55 36.85 26.85 29.18
CA ASP C 55 38.05 27.15 28.41
C ASP C 55 39.26 27.23 29.35
N ILE C 56 40.36 26.61 28.92
CA ILE C 56 41.58 26.53 29.71
C ILE C 56 42.73 27.05 28.87
N GLU C 57 43.49 27.99 29.43
CA GLU C 57 44.64 28.58 28.76
C GLU C 57 45.82 28.57 29.71
N ARG C 58 47.02 28.29 29.18
CA ARG C 58 48.24 28.22 29.97
C ARG C 58 49.35 29.00 29.29
N ALA C 59 50.10 29.79 30.07
CA ALA C 59 51.31 30.45 29.62
C ALA C 59 52.54 29.96 30.37
N ALA C 60 52.61 30.16 31.70
CA ALA C 60 53.72 29.62 32.50
C ALA C 60 53.20 29.49 33.92
N ASP C 61 52.86 28.26 34.31
CA ASP C 61 52.35 27.91 35.64
C ASP C 61 51.10 28.70 36.01
N ASN C 62 50.47 29.36 35.06
CA ASN C 62 49.25 30.12 35.29
C ASN C 62 48.20 29.67 34.29
N VAL C 63 46.98 29.49 34.79
CA VAL C 63 45.89 28.92 34.00
C VAL C 63 44.68 29.83 34.12
N ALA C 64 44.23 30.37 32.98
CA ALA C 64 43.06 31.25 32.95
C ALA C 64 41.83 30.42 32.60
N VAL C 65 41.26 29.78 33.62
CA VAL C 65 40.06 28.97 33.47
C VAL C 65 38.87 29.90 33.36
N THR C 66 38.22 29.92 32.19
CA THR C 66 37.02 30.71 31.95
C THR C 66 35.84 29.75 31.82
N VAL C 67 34.89 29.86 32.74
CA VAL C 67 33.73 28.99 32.79
C VAL C 67 32.53 29.78 32.26
N HIS C 68 31.92 29.29 31.18
CA HIS C 68 30.75 29.93 30.60
C HIS C 68 29.49 29.31 31.20
N VAL C 69 28.82 30.05 32.07
CA VAL C 69 27.66 29.57 32.80
C VAL C 69 26.49 30.49 32.51
N ALA C 70 25.30 29.90 32.34
CA ALA C 70 24.10 30.70 32.11
C ALA C 70 23.70 31.48 33.35
N LYS C 71 24.02 30.98 34.54
CA LYS C 71 23.63 31.59 35.80
C LYS C 71 24.88 31.78 36.66
N PRO C 72 25.59 32.91 36.51
CA PRO C 72 26.78 33.15 37.34
C PRO C 72 26.47 33.36 38.81
N GLY C 73 25.21 33.65 39.16
CA GLY C 73 24.86 33.84 40.55
C GLY C 73 25.07 32.60 41.40
N VAL C 74 25.00 31.42 40.78
CA VAL C 74 25.22 30.18 41.52
C VAL C 74 26.70 29.92 41.73
N VAL C 75 27.52 30.16 40.69
CA VAL C 75 28.96 29.93 40.83
C VAL C 75 29.62 31.01 41.68
N ILE C 76 29.00 32.18 41.81
CA ILE C 76 29.57 33.21 42.68
C ILE C 76 29.28 32.91 44.13
N GLY C 77 28.05 32.48 44.44
CA GLY C 77 27.64 32.27 45.80
C GLY C 77 27.31 33.56 46.52
N ARG C 78 27.22 33.47 47.84
CA ARG C 78 26.93 34.64 48.65
C ARG C 78 28.21 35.45 48.84
N GLY C 79 28.21 36.68 48.32
CA GLY C 79 29.35 37.58 48.45
C GLY C 79 30.60 37.15 47.72
N GLY C 80 30.63 35.96 47.13
CA GLY C 80 31.81 35.48 46.43
C GLY C 80 32.62 34.42 47.15
N GLU C 81 32.05 33.72 48.12
CA GLU C 81 32.77 32.65 48.81
C GLU C 81 32.78 31.35 48.02
N ARG C 82 31.79 31.14 47.14
CA ARG C 82 31.76 29.93 46.33
C ARG C 82 32.95 29.90 45.39
N ILE C 83 33.23 31.01 44.71
CA ILE C 83 34.39 31.06 43.83
C ILE C 83 35.68 30.95 44.63
N ARG C 84 35.67 31.42 45.87
CA ARG C 84 36.84 31.25 46.74
C ARG C 84 37.11 29.78 47.02
N VAL C 85 36.05 29.03 47.39
CA VAL C 85 36.21 27.61 47.67
C VAL C 85 36.61 26.84 46.41
N LEU C 86 36.08 27.27 45.25
CA LEU C 86 36.42 26.58 44.02
C LEU C 86 37.87 26.83 43.62
N ARG C 87 38.35 28.07 43.77
CA ARG C 87 39.77 28.34 43.55
C ARG C 87 40.63 27.61 44.56
N GLU C 88 40.11 27.40 45.78
CA GLU C 88 40.85 26.66 46.78
C GLU C 88 41.04 25.20 46.36
N GLU C 89 39.95 24.55 45.94
CA GLU C 89 40.06 23.19 45.43
C GLU C 89 40.92 23.12 44.18
N LEU C 90 40.87 24.16 43.35
CA LEU C 90 41.70 24.22 42.16
C LEU C 90 43.19 24.25 42.52
N ALA C 91 43.57 25.12 43.45
CA ALA C 91 44.95 25.19 43.89
C ALA C 91 45.38 23.96 44.67
N LYS C 92 44.43 23.24 45.28
CA LYS C 92 44.76 22.01 45.98
C LYS C 92 45.03 20.87 45.01
N LEU C 93 44.17 20.71 43.99
CA LEU C 93 44.40 19.65 43.01
C LEU C 93 45.67 19.91 42.22
N THR C 94 45.83 21.10 41.67
CA THR C 94 47.02 21.49 40.92
C THR C 94 47.76 22.57 41.69
N GLY C 95 49.05 22.34 41.95
CA GLY C 95 49.86 23.29 42.69
C GLY C 95 50.30 24.49 41.86
N LYS C 96 49.55 24.81 40.81
CA LYS C 96 49.91 25.90 39.93
C LYS C 96 49.46 27.26 40.46
N ASN C 97 48.48 27.29 41.36
CA ASN C 97 48.03 28.53 42.01
C ASN C 97 47.57 29.56 40.98
N VAL C 98 46.49 29.20 40.30
CA VAL C 98 45.98 29.99 39.18
C VAL C 98 44.64 30.63 39.57
N ALA C 99 44.17 31.52 38.71
CA ALA C 99 42.94 32.26 38.93
C ALA C 99 41.78 31.59 38.19
N LEU C 100 40.62 32.26 38.17
CA LEU C 100 39.42 31.72 37.55
C LEU C 100 38.52 32.88 37.12
N ASN C 101 37.79 32.66 36.03
CA ASN C 101 36.90 33.67 35.47
C ASN C 101 35.56 33.04 35.11
N VAL C 102 34.51 33.86 35.17
CA VAL C 102 33.15 33.43 34.89
C VAL C 102 32.56 34.32 33.81
N GLN C 103 31.87 33.71 32.85
CA GLN C 103 31.23 34.43 31.75
C GLN C 103 29.76 34.02 31.67
N GLU C 104 28.87 35.00 31.75
CA GLU C 104 27.44 34.71 31.59
C GLU C 104 27.12 34.37 30.15
N VAL C 105 26.13 33.50 29.97
CA VAL C 105 25.66 33.10 28.65
C VAL C 105 24.29 33.73 28.44
N GLN C 106 24.23 34.76 27.59
CA GLN C 106 22.95 35.34 27.26
C GLN C 106 22.15 34.38 26.40
N ASN C 107 20.86 34.25 26.72
CA ASN C 107 19.96 33.32 26.06
C ASN C 107 20.54 31.91 26.09
N PRO C 108 20.50 31.24 27.25
CA PRO C 108 21.06 29.88 27.34
C PRO C 108 20.41 28.87 26.40
N ASN C 109 19.25 29.21 25.82
CA ASN C 109 18.61 28.35 24.83
C ASN C 109 19.31 28.38 23.48
N LEU C 110 20.47 29.05 23.38
CA LEU C 110 21.26 29.07 22.15
C LEU C 110 22.57 28.29 22.29
N SER C 111 22.87 27.77 23.47
CA SER C 111 24.03 26.90 23.67
C SER C 111 23.52 25.47 23.72
N ALA C 112 23.90 24.68 22.71
CA ALA C 112 23.44 23.30 22.60
C ALA C 112 23.71 22.44 23.83
N PRO C 113 24.84 22.58 24.54
CA PRO C 113 25.00 21.78 25.77
C PRO C 113 23.89 22.01 26.79
N LEU C 114 23.53 23.27 27.04
CA LEU C 114 22.47 23.54 28.00
C LEU C 114 21.12 23.07 27.50
N VAL C 115 20.87 23.14 26.19
CA VAL C 115 19.63 22.62 25.63
C VAL C 115 19.52 21.12 25.86
N ALA C 116 20.61 20.41 25.56
CA ALA C 116 20.62 18.96 25.79
C ALA C 116 20.47 18.63 27.26
N GLN C 117 21.08 19.43 28.14
CA GLN C 117 20.93 19.20 29.57
C GLN C 117 19.50 19.40 30.02
N ARG C 118 18.83 20.43 29.50
CA ARG C 118 17.42 20.65 29.85
C ARG C 118 16.55 19.49 29.38
N VAL C 119 16.79 19.02 28.14
CA VAL C 119 16.03 17.88 27.63
C VAL C 119 16.28 16.65 28.49
N ALA C 120 17.52 16.43 28.91
CA ALA C 120 17.85 15.27 29.73
C ALA C 120 17.19 15.36 31.10
N GLU C 121 17.17 16.55 31.70
CA GLU C 121 16.46 16.73 32.96
C GLU C 121 14.98 16.41 32.82
N GLN C 122 14.36 16.93 31.75
CA GLN C 122 12.95 16.63 31.52
C GLN C 122 12.72 15.14 31.33
N ILE C 123 13.62 14.47 30.60
CA ILE C 123 13.49 13.02 30.41
C ILE C 123 13.61 12.30 31.76
N GLU C 124 14.51 12.76 32.62
CA GLU C 124 14.68 12.12 33.92
C GLU C 124 13.49 12.37 34.84
N ARG C 125 12.76 13.47 34.65
CA ARG C 125 11.57 13.72 35.45
C ARG C 125 10.35 12.94 34.97
N ARG C 126 10.52 12.04 34.01
CA ARG C 126 9.42 11.27 33.41
C ARG C 126 8.44 12.18 32.66
N PHE C 127 8.99 12.97 31.76
CA PHE C 127 8.22 13.86 30.91
C PHE C 127 8.04 13.24 29.52
N ALA C 128 6.99 13.68 28.83
CA ALA C 128 6.74 13.20 27.48
C ALA C 128 7.91 13.55 26.57
N VAL C 129 8.58 12.51 26.05
CA VAL C 129 9.83 12.73 25.33
C VAL C 129 9.57 13.47 24.02
N ARG C 130 8.55 13.04 23.25
CA ARG C 130 8.24 13.71 22.00
C ARG C 130 7.91 15.18 22.23
N ARG C 131 7.03 15.45 23.21
CA ARG C 131 6.70 16.84 23.53
C ARG C 131 7.92 17.59 24.03
N ALA C 132 8.80 16.91 24.79
CA ALA C 132 10.00 17.56 25.29
C ALA C 132 10.89 18.03 24.13
N ILE C 133 11.12 17.14 23.16
CA ILE C 133 11.97 17.50 22.01
C ILE C 133 11.31 18.61 21.21
N LYS C 134 10.00 18.50 20.97
CA LYS C 134 9.30 19.53 20.20
C LYS C 134 9.40 20.89 20.88
N GLN C 135 9.15 20.93 22.19
CA GLN C 135 9.21 22.19 22.93
C GLN C 135 10.62 22.75 22.96
N ALA C 136 11.63 21.89 23.10
CA ALA C 136 13.01 22.36 23.11
C ALA C 136 13.38 22.99 21.77
N VAL C 137 13.08 22.29 20.67
CA VAL C 137 13.38 22.84 19.35
C VAL C 137 12.62 24.14 19.12
N GLN C 138 11.38 24.22 19.63
CA GLN C 138 10.60 25.44 19.47
C GLN C 138 11.23 26.60 20.25
N ARG C 139 11.63 26.36 21.49
CA ARG C 139 12.27 27.40 22.30
C ARG C 139 13.58 27.85 21.66
N VAL C 140 14.32 26.93 21.04
CA VAL C 140 15.55 27.32 20.36
C VAL C 140 15.25 28.18 19.14
N MET C 141 14.34 27.72 18.28
CA MET C 141 14.04 28.44 17.04
C MET C 141 13.45 29.81 17.31
N GLU C 142 12.65 29.94 18.37
CA GLU C 142 11.94 31.19 18.64
C GLU C 142 12.85 32.31 19.15
N SER C 143 14.18 32.14 19.15
CA SER C 143 15.12 33.22 19.47
C SER C 143 16.33 33.05 18.57
N GLY C 144 16.32 33.73 17.43
CA GLY C 144 17.39 33.56 16.46
C GLY C 144 17.42 32.14 15.94
N ALA C 145 18.62 31.54 15.95
CA ALA C 145 18.78 30.10 15.73
C ALA C 145 18.20 29.66 14.39
N LYS C 146 18.88 30.10 13.32
CA LYS C 146 18.45 29.76 11.96
C LYS C 146 18.23 28.26 11.76
N GLY C 147 18.78 27.41 12.61
CA GLY C 147 18.51 25.98 12.54
C GLY C 147 18.52 25.34 13.90
N ALA C 148 17.77 24.24 14.04
CA ALA C 148 17.69 23.53 15.31
C ALA C 148 17.40 22.06 15.06
N LYS C 149 17.93 21.21 15.93
CA LYS C 149 17.67 19.77 15.87
C LYS C 149 17.98 19.16 17.22
N VAL C 150 17.09 18.29 17.71
CA VAL C 150 17.31 17.58 18.97
C VAL C 150 16.97 16.12 18.75
N ILE C 151 17.87 15.24 19.15
CA ILE C 151 17.74 13.80 18.94
C ILE C 151 17.80 13.09 20.29
N VAL C 152 16.91 12.13 20.49
CA VAL C 152 16.87 11.33 21.71
C VAL C 152 16.93 9.86 21.32
N SER C 153 17.81 9.11 21.99
CA SER C 153 18.12 7.73 21.64
C SER C 153 17.10 6.73 22.18
N GLY C 154 17.45 5.45 22.17
CA GLY C 154 16.51 4.39 22.42
C GLY C 154 15.92 4.40 23.83
N ARG C 155 14.93 3.51 24.00
CA ARG C 155 14.16 3.35 25.25
C ARG C 155 13.29 4.58 25.53
N ILE C 156 12.78 5.22 24.47
CA ILE C 156 11.94 6.41 24.64
C ILE C 156 10.69 6.05 25.43
N GLY C 157 10.43 6.80 26.49
CA GLY C 157 9.27 6.56 27.32
C GLY C 157 9.34 5.34 28.20
N GLY C 158 10.51 4.69 28.29
CA GLY C 158 10.65 3.48 29.06
C GLY C 158 10.24 2.22 28.33
N ALA C 159 10.06 2.28 27.02
CA ALA C 159 9.65 1.11 26.26
C ALA C 159 10.76 0.07 26.24
N GLU C 160 10.38 -1.17 25.92
CA GLU C 160 11.35 -2.25 25.86
C GLU C 160 12.22 -2.14 24.60
N GLN C 161 11.64 -1.69 23.50
CA GLN C 161 12.35 -1.53 22.24
C GLN C 161 12.98 -0.15 22.17
N ALA C 162 14.22 -0.10 21.68
CA ALA C 162 14.94 1.16 21.52
C ALA C 162 14.46 1.88 20.27
N ARG C 163 14.17 3.18 20.40
CA ARG C 163 13.70 3.98 19.28
C ARG C 163 14.54 5.23 19.10
N THR C 164 14.09 6.14 18.25
CA THR C 164 14.79 7.41 18.03
C THR C 164 13.77 8.43 17.54
N GLU C 165 13.54 9.47 18.33
CA GLU C 165 12.57 10.51 17.99
C GLU C 165 13.30 11.70 17.39
N TRP C 166 12.87 12.11 16.19
CA TRP C 166 13.69 13.00 15.36
C TRP C 166 13.41 14.47 15.66
N ALA C 167 12.19 14.93 15.39
CA ALA C 167 11.69 16.23 15.84
C ALA C 167 12.67 17.39 15.66
N ALA C 168 12.96 17.75 14.41
CA ALA C 168 13.84 18.88 14.11
C ALA C 168 13.17 19.83 13.12
N GLN C 169 13.57 21.10 13.19
CA GLN C 169 13.08 22.10 12.24
C GLN C 169 14.12 23.21 12.09
N GLY C 170 14.11 23.84 10.92
CA GLY C 170 15.07 24.87 10.61
C GLY C 170 16.03 24.49 9.50
N ARG C 171 17.31 24.82 9.67
CA ARG C 171 18.34 24.47 8.71
C ARG C 171 19.55 23.94 9.46
N VAL C 172 19.90 22.69 9.23
CA VAL C 172 21.11 22.14 9.85
C VAL C 172 21.99 21.54 8.75
N PRO C 173 22.79 22.36 8.06
CA PRO C 173 23.70 21.82 7.04
C PRO C 173 24.99 21.26 7.63
N LEU C 174 24.96 19.99 8.05
CA LEU C 174 26.11 19.41 8.73
C LEU C 174 27.33 19.26 7.84
N HIS C 175 27.16 19.22 6.52
CA HIS C 175 28.29 19.10 5.61
C HIS C 175 28.89 20.44 5.23
N THR C 176 28.25 21.55 5.59
CA THR C 176 28.78 22.87 5.34
C THR C 176 29.81 23.20 6.42
N LEU C 177 31.06 23.44 6.01
CA LEU C 177 32.11 23.69 6.98
C LEU C 177 31.90 25.03 7.70
N ARG C 178 31.43 26.04 6.98
CA ARG C 178 31.21 27.37 7.54
C ARG C 178 29.87 27.49 8.25
N ALA C 179 29.26 26.37 8.67
CA ALA C 179 27.92 26.40 9.23
C ALA C 179 27.91 27.06 10.61
N ASN C 180 28.93 26.81 11.42
CA ASN C 180 28.99 27.27 12.81
C ASN C 180 27.78 26.75 13.60
N ILE C 181 27.76 25.43 13.75
CA ILE C 181 26.71 24.73 14.48
C ILE C 181 27.22 24.37 15.87
N ASP C 182 26.57 24.90 16.89
CA ASP C 182 26.86 24.49 18.26
C ASP C 182 26.27 23.12 18.51
N TYR C 183 27.06 22.22 19.09
CA TYR C 183 26.66 20.85 19.33
C TYR C 183 26.81 20.53 20.81
N GLY C 184 25.80 19.89 21.37
CA GLY C 184 25.83 19.50 22.77
C GLY C 184 25.32 18.10 22.94
N PHE C 185 25.80 17.45 24.00
CA PHE C 185 25.36 16.09 24.32
C PHE C 185 25.15 15.96 25.81
N ALA C 186 24.05 15.30 26.18
CA ALA C 186 23.72 15.07 27.57
C ALA C 186 23.21 13.65 27.75
N LEU C 187 23.24 13.20 29.00
CA LEU C 187 22.77 11.87 29.38
C LEU C 187 21.59 11.98 30.33
N ALA C 188 20.68 11.01 30.23
CA ALA C 188 19.57 10.85 31.14
C ALA C 188 19.70 9.47 31.76
N ARG C 189 19.99 9.44 33.06
CA ARG C 189 20.13 8.19 33.80
C ARG C 189 18.78 7.85 34.43
N THR C 190 18.10 6.86 33.86
CA THR C 190 16.78 6.47 34.30
C THR C 190 16.81 5.10 34.98
N THR C 191 15.68 4.73 35.59
CA THR C 191 15.59 3.44 36.25
C THR C 191 15.65 2.29 35.24
N TYR C 192 15.24 2.54 34.01
CA TYR C 192 15.15 1.50 32.99
C TYR C 192 16.34 1.48 32.03
N GLY C 193 17.17 2.52 32.03
CA GLY C 193 18.32 2.51 31.14
C GLY C 193 18.96 3.89 31.03
N VAL C 194 19.62 4.11 29.89
CA VAL C 194 20.38 5.32 29.61
C VAL C 194 19.82 5.96 28.35
N LEU C 195 19.62 7.28 28.39
CA LEU C 195 19.12 8.04 27.26
C LEU C 195 20.19 9.02 26.80
N GLY C 196 20.50 8.99 25.51
CA GLY C 196 21.43 9.95 24.92
C GLY C 196 20.67 11.07 24.25
N VAL C 197 21.08 12.30 24.55
CA VAL C 197 20.42 13.50 24.03
C VAL C 197 21.45 14.31 23.25
N LYS C 198 21.19 14.53 21.98
CA LYS C 198 22.06 15.32 21.11
C LYS C 198 21.34 16.59 20.67
N ALA C 199 22.07 17.71 20.65
CA ALA C 199 21.50 19.01 20.33
C ALA C 199 22.37 19.71 19.30
N TYR C 200 21.74 20.15 18.21
CA TYR C 200 22.39 20.91 17.15
C TYR C 200 21.68 22.25 17.04
N ILE C 201 22.46 23.34 17.01
CA ILE C 201 21.92 24.68 16.85
C ILE C 201 22.73 25.40 15.79
N PHE C 202 22.07 25.81 14.71
CA PHE C 202 22.74 26.43 13.56
C PHE C 202 22.50 27.93 13.56
N LEU C 203 23.58 28.69 13.40
CA LEU C 203 23.55 30.14 13.39
C LEU C 203 24.78 30.66 12.66
N GLY C 204 24.60 31.69 11.84
CA GLY C 204 25.69 32.27 11.08
C GLY C 204 26.11 31.45 9.87
N GLU C 205 26.61 32.12 8.84
CA GLU C 205 26.99 31.46 7.59
C GLU C 205 28.46 31.64 7.23
N VAL C 206 29.01 32.84 7.42
CA VAL C 206 30.43 33.04 7.13
C VAL C 206 31.16 33.38 8.43
N ILE C 207 31.66 32.35 9.10
N GLY D 1 -26.05 -3.65 52.10
CA GLY D 1 -24.67 -3.32 51.79
C GLY D 1 -24.29 -1.91 52.20
N ARG D 2 -24.88 -0.92 51.52
CA ARG D 2 -24.67 0.49 51.79
C ARG D 2 -23.23 0.95 51.58
N TYR D 3 -22.38 0.10 50.99
CA TYR D 3 -20.99 0.40 50.68
C TYR D 3 -20.15 0.62 51.95
N ILE D 4 -20.74 0.41 53.13
CA ILE D 4 -20.19 0.86 54.42
C ILE D 4 -18.69 0.67 54.52
N GLY D 5 -17.98 1.76 54.82
CA GLY D 5 -16.53 1.77 54.85
C GLY D 5 -16.00 3.19 54.75
N PRO D 6 -14.80 3.34 54.18
CA PRO D 6 -14.23 4.68 54.03
C PRO D 6 -15.03 5.51 53.04
N VAL D 7 -15.15 6.81 53.33
CA VAL D 7 -16.00 7.71 52.56
C VAL D 7 -15.19 8.81 51.89
N CYS D 8 -14.29 9.46 52.64
CA CYS D 8 -13.49 10.53 52.04
C CYS D 8 -12.57 10.01 50.96
N ARG D 9 -12.33 8.70 50.91
CA ARG D 9 -11.70 8.13 49.73
C ARG D 9 -12.55 8.33 48.48
N LEU D 10 -13.87 8.46 48.63
CA LEU D 10 -14.70 8.83 47.48
C LEU D 10 -14.60 10.32 47.18
N CYS D 11 -14.54 11.15 48.23
CA CYS D 11 -14.18 12.55 48.04
C CYS D 11 -12.93 12.68 47.18
N ARG D 12 -12.00 11.73 47.32
CA ARG D 12 -10.76 11.76 46.55
C ARG D 12 -10.94 11.16 45.15
N ARG D 13 -11.53 9.97 45.07
CA ARG D 13 -11.62 9.27 43.79
C ARG D 13 -12.49 10.02 42.79
N GLU D 14 -13.61 10.59 43.26
CA GLU D 14 -14.49 11.30 42.34
C GLU D 14 -13.91 12.61 41.85
N GLY D 15 -12.79 13.07 42.42
CA GLY D 15 -12.20 14.33 42.03
C GLY D 15 -12.91 15.56 42.52
N VAL D 16 -14.13 15.42 43.05
CA VAL D 16 -14.91 16.53 43.59
C VAL D 16 -15.14 16.27 45.07
N LYS D 17 -14.96 17.30 45.89
CA LYS D 17 -15.18 17.17 47.31
C LYS D 17 -16.62 16.79 47.61
N LEU D 18 -16.83 15.57 48.08
CA LEU D 18 -18.15 15.15 48.53
C LEU D 18 -18.31 15.44 50.02
N TYR D 19 -19.55 15.42 50.47
CA TYR D 19 -19.87 15.65 51.88
C TYR D 19 -20.58 14.41 52.40
N LEU D 20 -19.77 13.41 52.80
CA LEU D 20 -20.29 12.14 53.30
C LEU D 20 -20.17 12.01 54.80
N LYS D 21 -19.31 12.81 55.44
CA LYS D 21 -19.21 12.88 56.88
C LYS D 21 -19.93 14.08 57.47
N GLY D 22 -20.60 14.88 56.65
CA GLY D 22 -21.13 16.14 57.12
C GLY D 22 -19.99 17.10 57.40
N GLU D 23 -19.70 17.34 58.68
CA GLU D 23 -18.52 18.08 59.05
C GLU D 23 -17.26 17.31 58.63
N ARG D 24 -16.10 17.95 58.80
CA ARG D 24 -14.79 17.39 58.51
C ARG D 24 -14.59 17.24 57.01
N CYS D 25 -15.65 17.41 56.22
CA CYS D 25 -15.54 17.71 54.81
C CYS D 25 -15.56 19.20 54.56
N TYR D 26 -15.96 19.99 55.56
CA TYR D 26 -15.79 21.44 55.56
C TYR D 26 -14.52 21.88 56.26
N SER D 27 -14.09 21.13 57.29
CA SER D 27 -12.85 21.43 57.99
C SER D 27 -11.65 21.02 57.15
N PRO D 28 -10.49 21.64 57.38
CA PRO D 28 -9.29 21.23 56.63
C PRO D 28 -8.77 19.87 57.04
N LYS D 29 -9.66 18.87 57.02
CA LYS D 29 -9.31 17.50 57.35
C LYS D 29 -9.98 16.49 56.42
N CYS D 30 -10.66 16.94 55.37
CA CYS D 30 -11.40 16.07 54.47
C CYS D 30 -10.52 15.07 53.73
N ALA D 31 -9.21 15.27 53.74
CA ALA D 31 -8.22 14.58 52.90
C ALA D 31 -8.45 14.91 51.44
N MET D 32 -9.46 15.72 51.12
CA MET D 32 -9.62 16.33 49.82
C MET D 32 -9.08 17.75 49.79
N GLU D 33 -9.08 18.41 50.95
CA GLU D 33 -8.42 19.70 51.11
C GLU D 33 -6.90 19.56 51.10
N ARG D 34 -6.37 18.34 51.22
CA ARG D 34 -4.94 18.12 51.29
C ARG D 34 -4.42 17.03 50.36
N ARG D 35 -5.28 16.15 49.83
CA ARG D 35 -4.86 15.07 48.93
C ARG D 35 -5.90 14.92 47.82
N PRO D 36 -5.90 15.82 46.84
CA PRO D 36 -6.94 15.77 45.80
C PRO D 36 -6.78 14.63 44.82
N TYR D 37 -5.72 13.83 44.89
CA TYR D 37 -5.53 12.76 43.93
C TYR D 37 -6.30 11.51 44.35
N PRO D 38 -6.66 10.66 43.40
CA PRO D 38 -7.40 9.43 43.73
C PRO D 38 -6.61 8.52 44.64
N PRO D 39 -7.27 7.57 45.29
CA PRO D 39 -6.57 6.68 46.23
C PRO D 39 -5.73 5.64 45.50
N GLY D 40 -4.95 4.91 46.29
CA GLY D 40 -4.19 3.79 45.81
C GLY D 40 -2.73 4.12 45.55
N GLN D 41 -1.98 3.07 45.21
CA GLN D 41 -0.57 3.25 44.87
C GLN D 41 -0.38 4.11 43.63
N HIS D 42 -1.31 4.02 42.67
CA HIS D 42 -1.20 4.72 41.40
C HIS D 42 -2.06 5.97 41.35
N GLY D 43 -2.23 6.65 42.47
CA GLY D 43 -3.06 7.83 42.54
C GLY D 43 -2.36 9.09 42.04
N GLN D 44 -1.08 9.23 42.37
CA GLN D 44 -0.30 10.39 41.99
C GLN D 44 0.29 10.28 40.59
N LYS D 45 0.06 9.18 39.89
CA LYS D 45 0.61 9.01 38.55
C LYS D 45 -0.21 9.80 37.53
N ARG D 46 0.43 10.11 36.41
CA ARG D 46 -0.20 10.91 35.37
C ARG D 46 -1.40 10.18 34.78
N ALA D 47 -2.56 10.82 34.83
CA ALA D 47 -3.80 10.19 34.38
C ALA D 47 -3.87 10.18 32.85
N ARG D 48 -4.37 9.07 32.31
CA ARG D 48 -4.61 8.96 30.88
C ARG D 48 -5.97 9.54 30.52
N ARG D 49 -6.14 9.89 29.25
CA ARG D 49 -7.40 10.45 28.78
C ARG D 49 -8.50 9.41 28.93
N PRO D 50 -9.49 9.65 29.79
CA PRO D 50 -10.51 8.63 30.04
C PRO D 50 -11.43 8.43 28.84
N SER D 51 -11.94 7.21 28.72
CA SER D 51 -12.90 6.92 27.67
C SER D 51 -14.24 7.59 27.99
N ASP D 52 -15.13 7.62 26.99
CA ASP D 52 -16.46 8.15 27.21
C ASP D 52 -17.22 7.33 28.25
N TYR D 53 -17.10 6.01 28.17
CA TYR D 53 -17.68 5.16 29.20
C TYR D 53 -17.09 5.49 30.57
N ALA D 54 -15.79 5.77 30.62
CA ALA D 54 -15.16 6.16 31.89
C ALA D 54 -15.82 7.42 32.45
N VAL D 55 -16.00 8.43 31.61
CA VAL D 55 -16.59 9.69 32.07
C VAL D 55 -18.00 9.47 32.58
N ARG D 56 -18.83 8.77 31.79
CA ARG D 56 -20.23 8.59 32.20
C ARG D 56 -20.33 7.73 33.46
N LEU D 57 -19.52 6.67 33.55
CA LEU D 57 -19.53 5.83 34.73
C LEU D 57 -19.09 6.61 35.97
N ARG D 58 -18.06 7.45 35.83
CA ARG D 58 -17.61 8.24 36.96
C ARG D 58 -18.67 9.23 37.42
N GLU D 59 -19.35 9.87 36.46
CA GLU D 59 -20.39 10.83 36.82
C GLU D 59 -21.56 10.14 37.52
N LYS D 60 -22.00 8.99 36.98
CA LYS D 60 -23.09 8.25 37.60
C LYS D 60 -22.70 7.76 38.99
N GLN D 61 -21.46 7.28 39.15
CA GLN D 61 -21.00 6.84 40.47
C GLN D 61 -20.93 8.01 41.44
N LYS D 62 -20.53 9.19 40.97
CA LYS D 62 -20.55 10.39 41.80
C LYS D 62 -21.96 10.66 42.32
N LEU D 63 -22.92 10.74 41.39
CA LEU D 63 -24.29 11.05 41.79
C LEU D 63 -24.87 9.97 42.71
N ARG D 64 -24.49 8.71 42.50
CA ARG D 64 -25.03 7.63 43.30
C ARG D 64 -24.41 7.61 44.70
N ARG D 65 -23.11 7.87 44.80
CA ARG D 65 -22.42 7.88 46.08
C ARG D 65 -22.72 9.13 46.88
N ILE D 66 -23.20 10.20 46.23
CA ILE D 66 -23.62 11.38 46.97
C ILE D 66 -24.76 11.03 47.92
N TYR D 67 -25.73 10.25 47.45
CA TYR D 67 -26.89 9.90 48.25
C TYR D 67 -26.71 8.62 49.05
N GLY D 68 -25.68 7.83 48.76
CA GLY D 68 -25.49 6.58 49.47
C GLY D 68 -26.53 5.52 49.13
N ILE D 69 -27.12 5.61 47.95
CA ILE D 69 -28.15 4.67 47.51
C ILE D 69 -27.49 3.54 46.74
N SER D 70 -27.92 2.31 47.00
CA SER D 70 -27.34 1.16 46.32
C SER D 70 -27.69 1.18 44.83
N GLU D 71 -26.99 0.35 44.06
CA GLU D 71 -27.22 0.31 42.62
C GLU D 71 -28.63 -0.13 42.29
N ARG D 72 -29.17 -1.08 43.07
CA ARG D 72 -30.52 -1.59 42.81
C ARG D 72 -31.55 -0.48 42.88
N GLN D 73 -31.64 0.19 44.03
CA GLN D 73 -32.60 1.27 44.20
C GLN D 73 -32.33 2.41 43.22
N PHE D 74 -31.07 2.68 42.91
CA PHE D 74 -30.72 3.76 41.99
C PHE D 74 -31.27 3.49 40.60
N ARG D 75 -30.97 2.32 40.06
CA ARG D 75 -31.47 1.95 38.73
C ARG D 75 -33.00 1.87 38.72
N ASN D 76 -33.60 1.41 39.82
CA ASN D 76 -35.06 1.35 39.89
C ASN D 76 -35.66 2.75 39.84
N LEU D 77 -35.11 3.68 40.61
CA LEU D 77 -35.59 5.05 40.57
C LEU D 77 -35.41 5.66 39.18
N PHE D 78 -34.28 5.38 38.53
CA PHE D 78 -34.06 5.93 37.20
C PHE D 78 -35.05 5.40 36.19
N GLU D 79 -35.32 4.09 36.22
CA GLU D 79 -36.30 3.52 35.30
C GLU D 79 -37.68 4.07 35.58
N GLU D 80 -38.02 4.24 36.86
CA GLU D 80 -39.30 4.86 37.22
C GLU D 80 -39.40 6.28 36.66
N ALA D 81 -38.30 7.05 36.74
CA ALA D 81 -38.32 8.40 36.20
C ALA D 81 -38.45 8.40 34.68
N SER D 82 -37.76 7.47 34.01
CA SER D 82 -37.87 7.38 32.56
C SER D 82 -39.25 6.95 32.11
N LYS D 83 -39.96 6.19 32.94
CA LYS D 83 -41.35 5.84 32.62
C LYS D 83 -42.26 7.06 32.63
N LYS D 84 -42.01 7.99 33.55
CA LYS D 84 -42.90 9.13 33.73
C LYS D 84 -42.74 10.12 32.58
N LYS D 85 -43.74 10.99 32.44
CA LYS D 85 -43.68 12.07 31.47
C LYS D 85 -42.93 13.26 32.04
N GLY D 86 -42.08 13.85 31.22
CA GLY D 86 -41.24 14.97 31.62
C GLY D 86 -39.77 14.65 31.44
N VAL D 87 -38.94 15.63 31.80
CA VAL D 87 -37.50 15.46 31.67
C VAL D 87 -37.03 14.39 32.63
N THR D 88 -36.32 13.39 32.09
CA THR D 88 -35.90 12.25 32.92
C THR D 88 -34.95 12.68 34.02
N GLY D 89 -34.01 13.57 33.71
CA GLY D 89 -32.99 13.94 34.69
C GLY D 89 -33.55 14.71 35.88
N SER D 90 -34.33 15.76 35.59
CA SER D 90 -34.89 16.57 36.68
C SER D 90 -35.86 15.75 37.54
N VAL D 91 -36.65 14.88 36.90
CA VAL D 91 -37.56 14.02 37.65
C VAL D 91 -36.79 13.03 38.52
N PHE D 92 -35.71 12.46 37.97
CA PHE D 92 -34.85 11.57 38.76
C PHE D 92 -34.29 12.29 39.98
N LEU D 93 -33.83 13.54 39.79
CA LEU D 93 -33.31 14.30 40.91
C LEU D 93 -34.40 14.59 41.94
N GLY D 94 -35.60 14.93 41.48
CA GLY D 94 -36.70 15.14 42.41
C GLY D 94 -37.06 13.90 43.19
N LEU D 95 -36.96 12.73 42.54
CA LEU D 95 -37.19 11.46 43.24
C LEU D 95 -36.13 11.23 44.30
N LEU D 96 -34.85 11.37 43.93
CA LEU D 96 -33.76 11.17 44.89
C LEU D 96 -33.88 12.12 46.07
N GLU D 97 -34.27 13.37 45.82
CA GLU D 97 -34.41 14.33 46.90
C GLU D 97 -35.63 14.05 47.77
N SER D 98 -36.59 13.27 47.28
CA SER D 98 -37.80 12.97 48.03
C SER D 98 -37.62 11.83 49.03
N ARG D 99 -36.47 11.17 49.04
CA ARG D 99 -36.22 10.11 50.02
C ARG D 99 -36.22 10.69 51.43
N LEU D 100 -36.76 9.92 52.38
CA LEU D 100 -36.93 10.42 53.73
C LEU D 100 -35.60 10.73 54.39
N ASP D 101 -34.59 9.87 54.22
CA ASP D 101 -33.28 10.13 54.81
C ASP D 101 -32.67 11.40 54.23
N ASN D 102 -32.79 11.59 52.91
CA ASN D 102 -32.26 12.80 52.29
C ASN D 102 -33.00 14.04 52.77
N VAL D 103 -34.31 13.92 53.00
CA VAL D 103 -35.07 15.05 53.51
C VAL D 103 -34.63 15.39 54.93
N VAL D 104 -34.38 14.36 55.75
CA VAL D 104 -33.90 14.58 57.12
C VAL D 104 -32.56 15.29 57.08
N TYR D 105 -31.67 14.88 56.18
CA TYR D 105 -30.39 15.58 56.01
C TYR D 105 -30.61 17.03 55.58
N ARG D 106 -31.44 17.24 54.55
CA ARG D 106 -31.69 18.58 54.04
C ARG D 106 -32.34 19.48 55.08
N LEU D 107 -33.17 18.91 55.96
CA LEU D 107 -33.80 19.67 57.03
C LEU D 107 -32.86 19.93 58.20
N GLY D 108 -31.60 19.53 58.10
CA GLY D 108 -30.63 19.81 59.15
C GLY D 108 -30.77 18.98 60.40
N PHE D 109 -31.66 17.99 60.41
CA PHE D 109 -31.77 17.13 61.58
C PHE D 109 -30.52 16.30 61.78
N ALA D 110 -29.88 15.89 60.68
CA ALA D 110 -28.62 15.16 60.72
C ALA D 110 -27.57 15.92 59.93
N VAL D 111 -26.30 15.73 60.30
CA VAL D 111 -25.22 16.45 59.64
C VAL D 111 -24.82 15.76 58.33
N SER D 112 -25.04 14.45 58.22
CA SER D 112 -24.73 13.70 57.01
C SER D 112 -25.93 12.85 56.63
N ARG D 113 -25.92 12.39 55.38
CA ARG D 113 -27.03 11.55 54.91
C ARG D 113 -27.02 10.17 55.55
N ARG D 114 -25.85 9.66 55.92
CA ARG D 114 -25.79 8.36 56.57
C ARG D 114 -26.22 8.47 58.03
N GLN D 115 -25.84 9.55 58.71
CA GLN D 115 -26.39 9.83 60.03
C GLN D 115 -27.90 9.98 59.97
N ALA D 116 -28.41 10.61 58.90
CA ALA D 116 -29.85 10.70 58.73
C ALA D 116 -30.48 9.33 58.51
N ARG D 117 -29.79 8.46 57.78
CA ARG D 117 -30.27 7.11 57.58
C ARG D 117 -30.37 6.36 58.90
N GLN D 118 -29.38 6.53 59.77
CA GLN D 118 -29.45 5.88 61.08
C GLN D 118 -30.56 6.48 61.93
N LEU D 119 -30.75 7.81 61.85
CA LEU D 119 -31.82 8.45 62.61
C LEU D 119 -33.19 7.94 62.16
N VAL D 120 -33.36 7.72 60.87
CA VAL D 120 -34.63 7.20 60.36
C VAL D 120 -34.82 5.75 60.79
N ARG D 121 -33.81 4.91 60.54
CA ARG D 121 -33.93 3.47 60.80
C ARG D 121 -34.22 3.18 62.27
N HIS D 122 -33.77 4.03 63.17
CA HIS D 122 -33.98 3.83 64.60
C HIS D 122 -35.27 4.48 65.10
N GLY D 123 -36.17 4.86 64.19
CA GLY D 123 -37.47 5.38 64.57
C GLY D 123 -37.46 6.71 65.28
N HIS D 124 -36.44 7.54 65.03
CA HIS D 124 -36.37 8.86 65.63
C HIS D 124 -37.05 9.93 64.79
N ILE D 125 -37.60 9.57 63.64
CA ILE D 125 -38.23 10.51 62.73
C ILE D 125 -39.68 10.08 62.52
N THR D 126 -40.59 11.05 62.54
CA THR D 126 -42.00 10.82 62.28
C THR D 126 -42.42 11.56 61.02
N VAL D 127 -43.41 11.02 60.33
CA VAL D 127 -43.99 11.65 59.15
C VAL D 127 -45.48 11.83 59.42
N ASN D 128 -45.92 13.09 59.50
CA ASN D 128 -47.30 13.44 59.80
C ASN D 128 -47.77 12.84 61.12
N GLY D 129 -46.87 12.76 62.09
CA GLY D 129 -47.21 12.22 63.39
C GLY D 129 -46.84 10.76 63.56
N ARG D 130 -47.08 9.97 62.52
CA ARG D 130 -46.77 8.55 62.55
C ARG D 130 -45.27 8.33 62.41
N ARG D 131 -44.74 7.39 63.19
CA ARG D 131 -43.33 7.05 63.11
C ARG D 131 -43.03 6.28 61.83
N VAL D 132 -41.95 6.68 61.16
CA VAL D 132 -41.50 6.03 59.93
C VAL D 132 -40.02 5.74 60.06
N ASP D 133 -39.61 4.51 59.76
CA ASP D 133 -38.24 4.06 59.92
C ASP D 133 -37.70 3.49 58.61
N LEU D 134 -38.06 4.11 57.49
CA LEU D 134 -37.64 3.64 56.17
C LEU D 134 -36.94 4.77 55.42
N PRO D 135 -35.63 4.66 55.17
CA PRO D 135 -34.96 5.72 54.39
C PRO D 135 -35.50 5.85 52.99
N SER D 136 -35.91 4.75 52.37
CA SER D 136 -36.45 4.75 51.02
C SER D 136 -37.88 5.27 50.95
N TYR D 137 -38.45 5.70 52.07
CA TYR D 137 -39.78 6.28 52.06
C TYR D 137 -39.80 7.54 51.21
N ARG D 138 -40.79 7.66 50.33
CA ARG D 138 -40.92 8.82 49.47
C ARG D 138 -41.83 9.84 50.13
N VAL D 139 -41.31 11.04 50.34
CA VAL D 139 -42.07 12.12 50.95
C VAL D 139 -42.86 12.85 49.87
N ARG D 140 -44.15 13.05 50.11
CA ARG D 140 -45.01 13.78 49.21
C ARG D 140 -45.05 15.25 49.58
N PRO D 141 -45.36 16.13 48.62
CA PRO D 141 -45.52 17.55 48.96
C PRO D 141 -46.62 17.74 49.99
N GLY D 142 -46.27 18.41 51.09
CA GLY D 142 -47.19 18.67 52.18
C GLY D 142 -46.94 17.84 53.42
N ASP D 143 -46.11 16.80 53.34
CA ASP D 143 -45.86 15.96 54.49
C ASP D 143 -45.02 16.68 55.54
N GLU D 144 -45.41 16.54 56.80
CA GLU D 144 -44.69 17.14 57.91
C GLU D 144 -43.72 16.12 58.47
N ILE D 145 -42.43 16.39 58.31
CA ILE D 145 -41.37 15.54 58.84
C ILE D 145 -40.98 16.10 60.21
N ALA D 146 -41.31 15.37 61.27
CA ALA D 146 -41.05 15.81 62.63
C ALA D 146 -40.07 14.86 63.31
N VAL D 147 -39.63 15.27 64.48
CA VAL D 147 -38.78 14.43 65.34
C VAL D 147 -39.67 13.82 66.42
N ALA D 148 -39.44 12.55 66.74
CA ALA D 148 -40.22 11.88 67.76
C ALA D 148 -40.09 12.61 69.09
N GLU D 149 -41.23 12.78 69.76
CA GLU D 149 -41.24 13.45 71.06
C GLU D 149 -40.35 12.73 72.06
N LYS D 150 -40.23 11.41 71.94
CA LYS D 150 -39.37 10.64 72.83
C LYS D 150 -37.90 10.77 72.46
N SER D 151 -37.59 11.27 71.26
CA SER D 151 -36.22 11.46 70.83
C SER D 151 -35.77 12.91 70.92
N ARG D 152 -36.68 13.86 71.16
CA ARG D 152 -36.33 15.27 71.22
C ARG D 152 -35.45 15.61 72.41
N ASN D 153 -35.15 14.65 73.29
CA ASN D 153 -34.26 14.87 74.42
C ASN D 153 -32.85 14.34 74.17
N LEU D 154 -32.61 13.76 72.99
CA LEU D 154 -31.30 13.19 72.69
C LEU D 154 -30.27 14.28 72.42
N GLU D 155 -29.02 13.98 72.76
CA GLU D 155 -27.96 14.99 72.68
C GLU D 155 -27.66 15.38 71.23
N LEU D 156 -27.66 14.40 70.32
CA LEU D 156 -27.30 14.69 68.94
C LEU D 156 -28.33 15.59 68.26
N ILE D 157 -29.61 15.34 68.51
CA ILE D 157 -30.66 16.19 67.95
C ILE D 157 -30.57 17.60 68.54
N ARG D 158 -30.34 17.69 69.85
CA ARG D 158 -30.15 18.99 70.47
C ARG D 158 -29.01 19.75 69.81
N GLN D 159 -27.88 19.08 69.59
CA GLN D 159 -26.74 19.74 68.95
C GLN D 159 -27.09 20.20 67.54
N ASN D 160 -27.61 19.30 66.71
CA ASN D 160 -27.85 19.61 65.31
C ASN D 160 -28.86 20.76 65.17
N LEU D 161 -29.93 20.74 65.96
CA LEU D 161 -30.93 21.79 65.85
C LEU D 161 -30.53 23.06 66.58
N GLU D 162 -29.60 22.96 67.54
CA GLU D 162 -29.02 24.15 68.14
C GLU D 162 -28.09 24.86 67.16
N ALA D 163 -27.48 24.09 66.25
CA ALA D 163 -26.67 24.67 65.19
C ALA D 163 -27.52 25.19 64.04
N MET D 164 -28.73 24.68 63.87
CA MET D 164 -29.61 25.12 62.79
C MET D 164 -30.25 26.49 63.07
N LYS D 165 -30.10 27.03 64.27
CA LYS D 165 -30.59 28.37 64.56
C LYS D 165 -29.88 29.38 63.69
N GLY D 166 -30.64 30.08 62.84
CA GLY D 166 -30.09 31.05 61.93
C GLY D 166 -29.76 30.53 60.55
N ARG D 167 -29.63 29.21 60.39
CA ARG D 167 -29.34 28.63 59.09
C ARG D 167 -30.59 28.58 58.24
N LYS D 168 -30.42 28.84 56.94
CA LYS D 168 -31.52 28.76 55.99
C LYS D 168 -31.64 27.35 55.44
N VAL D 169 -32.84 27.03 54.96
CA VAL D 169 -33.14 25.72 54.39
C VAL D 169 -33.43 25.90 52.90
N GLY D 170 -33.51 24.77 52.20
CA GLY D 170 -33.78 24.76 50.77
C GLY D 170 -35.09 25.43 50.44
N PRO D 171 -35.16 26.03 49.24
CA PRO D 171 -36.40 26.74 48.86
C PRO D 171 -37.64 25.87 48.84
N TRP D 172 -37.50 24.55 48.79
CA TRP D 172 -38.63 23.64 48.78
C TRP D 172 -38.92 23.04 50.15
N LEU D 173 -38.31 23.56 51.20
CA LEU D 173 -38.49 23.04 52.55
C LEU D 173 -38.75 24.17 53.53
N SER D 174 -39.56 23.88 54.55
CA SER D 174 -39.75 24.77 55.68
C SER D 174 -39.30 24.08 56.95
N LEU D 175 -38.80 24.85 57.92
CA LEU D 175 -38.26 24.30 59.14
C LEU D 175 -38.77 25.09 60.35
N ASP D 176 -39.22 24.36 61.37
CA ASP D 176 -39.58 24.91 62.68
C ASP D 176 -38.63 24.29 63.70
N VAL D 177 -37.72 25.11 64.24
CA VAL D 177 -36.67 24.59 65.10
C VAL D 177 -37.16 24.35 66.51
N GLU D 178 -38.06 25.20 67.01
CA GLU D 178 -38.59 25.01 68.35
C GLU D 178 -39.41 23.72 68.43
N GLY D 179 -40.31 23.52 67.46
CA GLY D 179 -41.07 22.29 67.39
C GLY D 179 -40.31 21.10 66.84
N MET D 180 -39.10 21.33 66.33
CA MET D 180 -38.25 20.28 65.78
C MET D 180 -38.98 19.52 64.67
N LYS D 181 -39.46 20.27 63.68
CA LYS D 181 -40.21 19.68 62.58
C LYS D 181 -39.96 20.49 61.31
N GLY D 182 -40.53 20.03 60.22
CA GLY D 182 -40.39 20.72 58.94
C GLY D 182 -41.41 20.20 57.95
N LYS D 183 -41.43 20.83 56.79
CA LYS D 183 -42.42 20.51 55.77
C LYS D 183 -41.77 20.47 54.39
N PHE D 184 -42.08 19.41 53.64
CA PHE D 184 -41.67 19.23 52.25
C PHE D 184 -42.66 19.99 51.38
N LEU D 185 -42.32 21.23 51.04
CA LEU D 185 -43.27 22.12 50.38
C LEU D 185 -43.55 21.70 48.95
N ARG D 186 -42.52 21.30 48.21
CA ARG D 186 -42.68 20.95 46.81
C ARG D 186 -41.47 20.13 46.37
N LEU D 187 -41.55 19.62 45.14
CA LEU D 187 -40.41 18.95 44.56
C LEU D 187 -39.36 19.99 44.15
N PRO D 188 -38.08 19.71 44.38
CA PRO D 188 -37.04 20.69 44.03
C PRO D 188 -36.77 20.71 42.53
N ASP D 189 -36.64 21.91 41.99
CA ASP D 189 -36.27 22.09 40.60
C ASP D 189 -34.76 21.91 40.43
N ARG D 190 -34.34 21.68 39.20
CA ARG D 190 -32.91 21.53 38.91
C ARG D 190 -32.12 22.75 39.39
N GLU D 191 -32.69 23.95 39.21
CA GLU D 191 -32.02 25.16 39.67
C GLU D 191 -31.93 25.24 41.18
N ASP D 192 -32.74 24.46 41.91
CA ASP D 192 -32.67 24.46 43.37
C ASP D 192 -31.54 23.61 43.90
N LEU D 193 -31.03 22.66 43.11
CA LEU D 193 -29.94 21.79 43.54
C LEU D 193 -28.62 22.30 43.00
N ALA D 194 -27.60 22.31 43.86
CA ALA D 194 -26.24 22.71 43.50
C ALA D 194 -25.31 21.50 43.43
N LEU D 195 -25.84 20.36 42.97
CA LEU D 195 -25.05 19.15 42.92
C LEU D 195 -24.06 19.22 41.77
N PRO D 196 -22.82 18.76 41.97
CA PRO D 196 -21.80 18.78 40.91
C PRO D 196 -21.90 17.61 39.95
N VAL D 197 -23.10 17.38 39.43
CA VAL D 197 -23.39 16.23 38.57
C VAL D 197 -24.07 16.73 37.30
N ASN D 198 -23.68 16.16 36.17
CA ASN D 198 -24.37 16.35 34.89
C ASN D 198 -25.35 15.20 34.73
N GLU D 199 -26.65 15.50 34.86
CA GLU D 199 -27.66 14.45 34.79
C GLU D 199 -27.71 13.79 33.41
N GLN D 200 -27.45 14.56 32.36
CA GLN D 200 -27.49 13.99 31.02
C GLN D 200 -26.41 12.93 30.84
N LEU D 201 -25.29 13.04 31.55
CA LEU D 201 -24.27 12.01 31.49
C LEU D 201 -24.80 10.69 32.07
N VAL D 202 -25.57 10.77 33.15
CA VAL D 202 -26.13 9.55 33.74
C VAL D 202 -27.22 8.98 32.85
N ILE D 203 -28.04 9.85 32.26
CA ILE D 203 -29.04 9.39 31.30
C ILE D 203 -28.38 8.66 30.14
N GLU D 204 -27.27 9.21 29.63
CA GLU D 204 -26.55 8.56 28.54
C GLU D 204 -25.86 7.29 29.00
N PHE D 205 -25.45 7.24 30.27
CA PHE D 205 -24.83 6.02 30.79
C PHE D 205 -25.84 4.87 30.82
N TYR D 206 -27.06 5.15 31.27
CA TYR D 206 -28.08 4.11 31.25
C TYR D 206 -28.72 3.93 29.88
N SER D 207 -28.46 4.84 28.94
CA SER D 207 -28.95 4.67 27.57
C SER D 207 -28.27 3.53 26.84
N ARG D 208 -27.06 3.16 27.25
CA ARG D 208 -26.31 2.08 26.61
C ARG D 208 -27.05 0.75 26.73
N ASP E 1 -14.96 30.05 22.97
CA ASP E 1 -15.83 30.46 21.88
C ASP E 1 -16.15 29.28 20.96
N PHE E 2 -15.18 28.39 20.80
CA PHE E 2 -15.32 27.23 19.92
C PHE E 2 -14.80 25.99 20.64
N GLU E 3 -15.65 24.98 20.79
CA GLU E 3 -15.27 23.72 21.41
C GLU E 3 -14.76 22.74 20.36
N GLU E 4 -13.69 22.04 20.69
CA GLU E 4 -12.99 21.16 19.76
C GLU E 4 -12.81 19.80 20.40
N LYS E 5 -13.28 18.75 19.73
CA LYS E 5 -13.16 17.39 20.23
C LYS E 5 -12.77 16.44 19.10
N MET E 6 -11.82 15.54 19.39
CA MET E 6 -11.34 14.60 18.38
C MET E 6 -12.23 13.36 18.36
N ILE E 7 -12.56 12.90 17.15
CA ILE E 7 -13.38 11.71 17.00
C ILE E 7 -12.54 10.46 17.18
N LEU E 8 -11.55 10.27 16.30
CA LEU E 8 -10.65 9.13 16.39
C LEU E 8 -9.29 9.55 15.87
N ILE E 9 -8.26 8.84 16.33
CA ILE E 9 -6.90 9.03 15.86
C ILE E 9 -6.35 7.67 15.46
N ARG E 10 -5.81 7.57 14.25
CA ARG E 10 -5.29 6.32 13.74
C ARG E 10 -3.89 6.53 13.17
N ARG E 11 -3.12 5.45 13.13
CA ARG E 11 -1.79 5.45 12.56
C ARG E 11 -1.78 4.55 11.32
N THR E 12 -1.49 5.15 10.17
CA THR E 12 -1.39 4.42 8.92
C THR E 12 0.08 4.19 8.56
N ALA E 13 0.30 3.23 7.68
CA ALA E 13 1.66 2.82 7.34
C ALA E 13 1.80 2.67 5.83
N ARG E 14 2.87 3.25 5.29
CA ARG E 14 3.27 3.04 3.91
C ARG E 14 4.57 2.27 3.88
N MET E 15 4.71 1.38 2.90
CA MET E 15 5.89 0.53 2.80
C MET E 15 6.97 1.23 1.99
N GLN E 16 8.20 1.23 2.52
CA GLN E 16 9.37 1.73 1.81
C GLN E 16 10.48 0.73 2.00
N ALA E 17 11.44 0.72 1.06
CA ALA E 17 12.55 -0.20 1.16
C ALA E 17 13.28 0.01 2.49
N GLY E 18 13.18 -0.96 3.39
CA GLY E 18 13.72 -0.82 4.72
C GLY E 18 12.70 -1.10 5.81
N GLY E 19 11.46 -0.69 5.60
CA GLY E 19 10.42 -0.97 6.57
C GLY E 19 9.17 -0.14 6.28
N ARG E 20 8.28 -0.14 7.26
CA ARG E 20 7.08 0.68 7.18
C ARG E 20 7.32 2.04 7.81
N ARG E 21 6.62 3.05 7.28
CA ARG E 21 6.72 4.42 7.74
C ARG E 21 5.32 4.91 8.08
N PHE E 22 5.20 5.55 9.24
CA PHE E 22 3.91 5.82 9.85
C PHE E 22 3.49 7.27 9.63
N ARG E 23 2.19 7.46 9.42
CA ARG E 23 1.58 8.77 9.23
C ARG E 23 0.26 8.76 10.00
N PHE E 24 0.06 9.75 10.86
CA PHE E 24 -1.08 9.78 11.75
C PHE E 24 -2.21 10.63 11.18
N GLY E 25 -3.42 10.08 11.22
CA GLY E 25 -4.61 10.80 10.81
C GLY E 25 -5.54 10.98 11.98
N ALA E 26 -6.28 12.10 11.98
CA ALA E 26 -7.14 12.43 13.10
C ALA E 26 -8.37 13.17 12.61
N LEU E 27 -9.53 12.80 13.15
CA LEU E 27 -10.78 13.52 12.94
C LEU E 27 -11.02 14.47 14.09
N VAL E 28 -11.56 15.64 13.79
CA VAL E 28 -11.82 16.68 14.78
C VAL E 28 -13.11 17.38 14.42
N VAL E 29 -14.01 17.52 15.41
CA VAL E 29 -15.22 18.30 15.28
C VAL E 29 -15.03 19.57 16.10
N VAL E 30 -15.59 20.67 15.60
CA VAL E 30 -15.57 21.96 16.28
C VAL E 30 -16.98 22.54 16.23
N GLY E 31 -17.46 23.06 17.35
CA GLY E 31 -18.80 23.59 17.41
C GLY E 31 -18.95 24.62 18.50
N ASP E 32 -19.87 25.54 18.30
CA ASP E 32 -20.21 26.56 19.29
C ASP E 32 -21.45 26.20 20.10
N ARG E 33 -22.06 25.05 19.82
CA ARG E 33 -23.30 24.60 20.45
C ARG E 33 -24.46 25.57 20.21
N GLN E 34 -24.30 26.46 19.22
CA GLN E 34 -25.35 27.41 18.85
C GLN E 34 -26.01 27.08 17.53
N GLY E 35 -25.47 26.13 16.77
CA GLY E 35 -26.04 25.77 15.48
C GLY E 35 -25.00 25.67 14.38
N ARG E 36 -23.74 25.93 14.73
CA ARG E 36 -22.63 25.85 13.78
C ARG E 36 -21.74 24.69 14.16
N VAL E 37 -21.43 23.82 13.19
CA VAL E 37 -20.54 22.70 13.39
C VAL E 37 -19.47 22.72 12.31
N GLY E 38 -18.45 21.88 12.49
CA GLY E 38 -17.38 21.76 11.53
C GLY E 38 -16.61 20.46 11.70
N LEU E 39 -16.34 19.77 10.60
CA LEU E 39 -15.65 18.49 10.62
C LEU E 39 -14.35 18.61 9.84
N GLY E 40 -13.28 18.01 10.37
CA GLY E 40 -12.00 18.07 9.70
C GLY E 40 -11.15 16.83 9.90
N PHE E 41 -10.45 16.41 8.86
CA PHE E 41 -9.60 15.23 8.90
C PHE E 41 -8.18 15.65 8.52
N GLY E 42 -7.26 15.57 9.48
CA GLY E 42 -5.89 16.02 9.30
C GLY E 42 -4.92 14.86 9.31
N LYS E 43 -3.87 14.97 8.50
CA LYS E 43 -2.82 13.96 8.44
C LYS E 43 -1.47 14.62 8.61
N ALA E 44 -0.60 13.99 9.40
CA ALA E 44 0.70 14.56 9.72
C ALA E 44 1.62 13.46 10.21
N PRO E 45 2.94 13.63 10.09
CA PRO E 45 3.86 12.59 10.59
C PRO E 45 3.75 12.33 12.08
N GLU E 46 3.23 13.28 12.86
CA GLU E 46 3.05 13.10 14.29
C GLU E 46 1.59 13.39 14.65
N VAL E 47 1.22 13.02 15.87
CA VAL E 47 -0.18 13.10 16.32
C VAL E 47 -0.61 14.54 16.60
N PRO E 48 0.13 15.33 17.41
CA PRO E 48 -0.36 16.69 17.71
C PRO E 48 -0.50 17.57 16.48
N LEU E 49 0.44 17.47 15.55
CA LEU E 49 0.32 18.21 14.29
C LEU E 49 -0.93 17.79 13.54
N ALA E 50 -1.24 16.48 13.54
CA ALA E 50 -2.43 16.01 12.87
C ALA E 50 -3.70 16.55 13.53
N VAL E 51 -3.71 16.62 14.86
CA VAL E 51 -4.88 17.14 15.57
C VAL E 51 -5.07 18.63 15.26
N GLN E 52 -3.98 19.38 15.29
CA GLN E 52 -4.05 20.81 14.96
C GLN E 52 -4.51 21.03 13.53
N LYS E 53 -4.00 20.22 12.59
CA LYS E 53 -4.39 20.37 11.19
C LYS E 53 -5.85 20.00 10.99
N ALA E 54 -6.32 18.97 11.69
CA ALA E 54 -7.73 18.62 11.61
C ALA E 54 -8.60 19.73 12.18
N GLY E 55 -8.14 20.38 13.25
CA GLY E 55 -8.87 21.52 13.78
C GLY E 55 -8.97 22.66 12.78
N TYR E 56 -7.86 22.99 12.13
CA TYR E 56 -7.89 24.03 11.09
C TYR E 56 -8.85 23.67 9.97
N TYR E 57 -8.74 22.43 9.45
CA TYR E 57 -9.61 22.00 8.37
C TYR E 57 -11.07 22.02 8.80
N ALA E 58 -11.36 21.65 10.05
CA ALA E 58 -12.73 21.65 10.52
C ALA E 58 -13.27 23.06 10.63
N ARG E 59 -12.46 23.99 11.13
CA ARG E 59 -12.89 25.39 11.16
C ARG E 59 -13.10 25.95 9.76
N ARG E 60 -12.40 25.40 8.76
CA ARG E 60 -12.59 25.85 7.39
C ARG E 60 -13.83 25.25 6.74
N ASN E 61 -14.38 24.17 7.28
CA ASN E 61 -15.55 23.49 6.70
C ASN E 61 -16.69 23.54 7.71
N MET E 62 -17.49 24.59 7.65
CA MET E 62 -18.56 24.82 8.61
C MET E 62 -19.92 24.48 8.03
N VAL E 63 -20.87 24.22 8.93
CA VAL E 63 -22.24 23.85 8.58
C VAL E 63 -23.18 24.54 9.56
N GLU E 64 -24.16 25.26 9.03
CA GLU E 64 -25.20 25.90 9.82
C GLU E 64 -26.35 24.92 10.01
N VAL E 65 -26.69 24.66 11.27
CA VAL E 65 -27.72 23.68 11.61
C VAL E 65 -28.96 24.42 12.08
N PRO E 66 -30.12 24.19 11.45
CA PRO E 66 -31.38 24.80 11.92
C PRO E 66 -32.03 24.04 13.08
N LEU E 67 -31.57 24.33 14.28
CA LEU E 67 -32.14 23.72 15.48
C LEU E 67 -33.54 24.26 15.75
N GLN E 68 -34.40 23.39 16.28
CA GLN E 68 -35.77 23.77 16.67
C GLN E 68 -36.01 23.21 18.07
N ASN E 69 -35.72 24.03 19.09
CA ASN E 69 -35.83 23.63 20.49
C ASN E 69 -34.95 22.41 20.78
N GLY E 70 -33.65 22.60 20.62
CA GLY E 70 -32.68 21.59 20.93
C GLY E 70 -32.72 20.34 20.08
N THR E 71 -33.63 20.25 19.12
CA THR E 71 -33.71 19.06 18.27
C THR E 71 -33.67 19.43 16.80
N ILE E 72 -33.93 18.44 15.94
CA ILE E 72 -33.85 18.60 14.50
C ILE E 72 -35.25 18.92 13.97
N PRO E 73 -35.39 19.62 12.84
CA PRO E 73 -36.72 19.94 12.33
C PRO E 73 -37.43 18.78 11.64
N HIS E 74 -36.67 17.86 11.03
CA HIS E 74 -37.29 16.74 10.34
C HIS E 74 -36.29 15.60 10.20
N GLU E 75 -36.81 14.37 10.16
CA GLU E 75 -35.97 13.19 10.08
C GLU E 75 -35.22 13.15 8.75
N ILE E 76 -33.97 12.67 8.79
CA ILE E 76 -33.13 12.59 7.60
C ILE E 76 -32.56 11.18 7.50
N GLU E 77 -32.05 10.88 6.31
CA GLU E 77 -31.47 9.57 6.02
C GLU E 77 -30.46 9.77 4.90
N VAL E 78 -29.17 9.60 5.21
CA VAL E 78 -28.10 9.94 4.26
C VAL E 78 -27.20 8.73 4.07
N GLU E 79 -26.93 8.39 2.81
CA GLU E 79 -25.94 7.38 2.44
C GLU E 79 -24.67 8.09 1.99
N PHE E 80 -23.59 7.91 2.73
CA PHE E 80 -22.25 8.29 2.29
C PHE E 80 -21.46 7.01 2.06
N GLY E 81 -21.20 6.70 0.79
CA GLY E 81 -20.54 5.44 0.47
C GLY E 81 -21.46 4.29 0.83
N ALA E 82 -20.94 3.35 1.62
CA ALA E 82 -21.74 2.27 2.15
C ALA E 82 -22.30 2.57 3.53
N SER E 83 -21.92 3.71 4.13
CA SER E 83 -22.41 4.08 5.44
C SER E 83 -23.74 4.81 5.33
N LYS E 84 -24.65 4.52 6.25
CA LYS E 84 -25.94 5.17 6.29
C LYS E 84 -26.15 5.76 7.67
N ILE E 85 -26.64 7.00 7.71
CA ILE E 85 -26.99 7.66 8.96
C ILE E 85 -28.48 7.98 8.90
N VAL E 86 -29.18 7.68 9.99
CA VAL E 86 -30.61 7.93 10.12
C VAL E 86 -30.82 8.83 11.32
N LEU E 87 -31.39 10.01 11.10
CA LEU E 87 -31.66 10.97 12.15
C LEU E 87 -33.16 11.19 12.27
N LYS E 88 -33.62 11.44 13.49
CA LYS E 88 -35.02 11.60 13.79
C LYS E 88 -35.17 12.52 15.00
N PRO E 89 -35.95 13.59 14.90
CA PRO E 89 -36.08 14.52 16.03
C PRO E 89 -36.80 13.88 17.20
N ALA E 90 -36.51 14.41 18.39
CA ALA E 90 -37.03 13.88 19.64
C ALA E 90 -37.54 14.99 20.52
N ALA E 91 -38.51 14.65 21.37
CA ALA E 91 -39.04 15.61 22.32
C ALA E 91 -38.02 15.88 23.42
N PRO E 92 -38.07 17.06 24.04
CA PRO E 92 -37.11 17.39 25.11
C PRO E 92 -37.17 16.37 26.24
N GLY E 93 -36.07 16.26 26.96
CA GLY E 93 -35.93 15.25 27.98
C GLY E 93 -35.55 13.88 27.47
N THR E 94 -35.28 13.75 26.18
CA THR E 94 -34.88 12.48 25.58
C THR E 94 -33.38 12.27 25.67
N GLY E 95 -32.59 13.27 25.29
CA GLY E 95 -31.15 13.13 25.21
C GLY E 95 -30.70 12.69 23.83
N VAL E 96 -29.40 12.88 23.59
CA VAL E 96 -28.81 12.49 22.31
C VAL E 96 -28.46 11.00 22.38
N ILE E 97 -29.06 10.21 21.49
CA ILE E 97 -28.84 8.77 21.42
C ILE E 97 -28.19 8.48 20.08
N ALA E 98 -26.90 8.14 20.09
CA ALA E 98 -26.13 7.97 18.87
C ALA E 98 -24.84 7.25 19.20
N GLY E 99 -24.17 6.77 18.15
CA GLY E 99 -22.81 6.29 18.30
C GLY E 99 -21.88 7.43 18.69
N ALA E 100 -20.64 7.07 19.00
CA ALA E 100 -19.68 8.05 19.49
C ALA E 100 -19.52 9.21 18.51
N VAL E 101 -19.33 8.91 17.24
CA VAL E 101 -19.08 9.92 16.20
C VAL E 101 -20.28 10.84 16.04
N PRO E 102 -21.48 10.34 15.71
CA PRO E 102 -22.61 11.26 15.56
C PRO E 102 -22.99 11.96 16.86
N ARG E 103 -22.82 11.30 18.01
CA ARG E 103 -23.07 11.97 19.27
C ARG E 103 -22.17 13.18 19.44
N ALA E 104 -20.87 13.02 19.18
CA ALA E 104 -19.96 14.15 19.30
C ALA E 104 -20.34 15.27 18.34
N ILE E 105 -20.59 14.91 17.07
CA ILE E 105 -20.93 15.93 16.07
C ILE E 105 -22.17 16.71 16.49
N LEU E 106 -23.22 16.00 16.88
CA LEU E 106 -24.48 16.65 17.19
C LEU E 106 -24.40 17.45 18.49
N GLU E 107 -23.68 16.92 19.49
CA GLU E 107 -23.51 17.67 20.74
C GLU E 107 -22.78 18.98 20.51
N LEU E 108 -21.74 18.96 19.68
CA LEU E 108 -21.06 20.22 19.39
C LEU E 108 -21.94 21.16 18.57
N ALA E 109 -22.93 20.64 17.85
CA ALA E 109 -23.86 21.47 17.08
C ALA E 109 -24.90 22.15 17.94
N GLY E 110 -25.03 21.77 19.21
CA GLY E 110 -26.05 22.30 20.08
C GLY E 110 -27.31 21.48 20.20
N VAL E 111 -27.29 20.25 19.69
CA VAL E 111 -28.45 19.36 19.80
C VAL E 111 -28.49 18.76 21.20
N THR E 112 -29.69 18.65 21.74
CA THR E 112 -29.88 18.08 23.08
C THR E 112 -30.70 16.80 23.07
N ASP E 113 -31.67 16.66 22.17
CA ASP E 113 -32.51 15.47 22.10
C ASP E 113 -32.68 15.07 20.64
N ILE E 114 -32.25 13.87 20.29
CA ILE E 114 -32.37 13.36 18.93
C ILE E 114 -32.17 11.85 18.96
N LEU E 115 -32.67 11.16 17.94
CA LEU E 115 -32.51 9.72 17.79
C LEU E 115 -31.75 9.45 16.50
N THR E 116 -30.75 8.57 16.55
CA THR E 116 -29.97 8.24 15.37
C THR E 116 -29.82 6.74 15.24
N LYS E 117 -29.33 6.32 14.07
CA LYS E 117 -29.01 4.92 13.82
C LYS E 117 -27.99 4.86 12.69
N GLU E 118 -26.87 4.19 12.95
CA GLU E 118 -25.86 3.92 11.94
C GLU E 118 -26.16 2.58 11.27
N LEU E 119 -26.14 2.56 9.95
CA LEU E 119 -26.48 1.38 9.18
C LEU E 119 -25.40 1.11 8.12
N GLY E 120 -25.34 -0.14 7.68
CA GLY E 120 -24.37 -0.55 6.70
C GLY E 120 -22.96 -0.51 7.24
N SER E 121 -22.11 0.32 6.64
CA SER E 121 -20.72 0.44 7.09
C SER E 121 -20.66 1.32 8.34
N ARG E 122 -20.05 0.79 9.39
CA ARG E 122 -19.86 1.53 10.64
C ARG E 122 -18.60 2.38 10.63
N ASN E 123 -18.02 2.62 9.46
CA ASN E 123 -16.76 3.34 9.36
C ASN E 123 -16.90 4.74 9.97
N PRO E 124 -16.10 5.09 10.99
CA PRO E 124 -16.27 6.40 11.64
C PRO E 124 -16.13 7.58 10.68
N ILE E 125 -15.21 7.49 9.72
CA ILE E 125 -15.02 8.59 8.76
C ILE E 125 -16.25 8.77 7.90
N ASN E 126 -16.73 7.67 7.30
CA ASN E 126 -17.90 7.77 6.42
C ASN E 126 -19.16 8.11 7.22
N ILE E 127 -19.28 7.60 8.44
CA ILE E 127 -20.41 7.98 9.29
C ILE E 127 -20.37 9.47 9.59
N ALA E 128 -19.18 10.01 9.87
CA ALA E 128 -19.05 11.44 10.13
C ALA E 128 -19.44 12.27 8.91
N TYR E 129 -18.97 11.85 7.73
CA TYR E 129 -19.31 12.58 6.51
C TYR E 129 -20.81 12.51 6.22
N ALA E 130 -21.42 11.35 6.49
CA ALA E 130 -22.86 11.22 6.29
C ALA E 130 -23.64 12.11 7.26
N THR E 131 -23.19 12.19 8.51
CA THR E 131 -23.82 13.08 9.47
C THR E 131 -23.69 14.53 9.03
N MET E 132 -22.52 14.91 8.51
CA MET E 132 -22.32 16.28 8.03
C MET E 132 -23.27 16.59 6.87
N GLU E 133 -23.36 15.68 5.90
CA GLU E 133 -24.26 15.90 4.77
C GLU E 133 -25.72 15.90 5.21
N ALA E 134 -26.05 15.14 6.26
CA ALA E 134 -27.40 15.17 6.81
C ALA E 134 -27.72 16.55 7.39
N LEU E 135 -26.82 17.07 8.22
CA LEU E 135 -27.00 18.42 8.76
C LEU E 135 -27.04 19.46 7.65
N ARG E 136 -26.31 19.22 6.56
CA ARG E 136 -26.30 20.16 5.44
C ARG E 136 -27.59 20.08 4.62
N GLN E 137 -28.25 18.93 4.62
CA GLN E 137 -29.50 18.74 3.89
C GLN E 137 -30.74 19.06 4.72
N LEU E 138 -30.58 19.72 5.86
CA LEU E 138 -31.72 20.08 6.69
C LEU E 138 -32.37 21.35 6.18
N ARG E 139 -33.70 21.37 6.18
CA ARG E 139 -34.47 22.51 5.73
C ARG E 139 -35.49 22.90 6.81
N THR E 140 -35.62 24.21 7.02
CA THR E 140 -36.65 24.75 7.90
C THR E 140 -37.94 24.97 7.12
N LYS E 141 -39.05 25.10 7.85
CA LYS E 141 -40.31 25.43 7.20
C LYS E 141 -40.19 26.74 6.43
N ALA E 142 -39.46 27.70 6.99
CA ALA E 142 -39.21 28.95 6.28
C ALA E 142 -38.51 28.70 4.95
N ASP E 143 -37.48 27.84 4.94
CA ASP E 143 -36.80 27.52 3.70
C ASP E 143 -37.73 26.83 2.71
N VAL E 144 -38.58 25.93 3.22
CA VAL E 144 -39.50 25.21 2.35
C VAL E 144 -40.45 26.17 1.65
N GLU E 145 -41.12 27.03 2.42
CA GLU E 145 -42.02 28.00 1.81
C GLU E 145 -41.28 29.05 0.99
N ARG E 146 -39.98 29.25 1.26
CA ARG E 146 -39.19 30.15 0.43
C ARG E 146 -38.95 29.54 -0.95
N LEU E 147 -38.74 28.22 -1.01
CA LEU E 147 -38.51 27.58 -2.29
C LEU E 147 -39.77 27.47 -3.13
N ARG E 148 -40.95 27.57 -2.51
CA ARG E 148 -42.22 27.40 -3.21
C ARG E 148 -42.97 28.72 -3.37
N LYS E 149 -42.24 29.84 -3.43
CA LYS E 149 -42.89 31.14 -3.62
C LYS E 149 -43.48 31.26 -5.01
N GLY E 150 -42.64 31.17 -6.05
CA GLY E 150 -43.11 31.27 -7.42
C GLY E 150 -43.63 32.64 -7.79
N GLU E 151 -42.74 33.63 -7.83
N MET F 1 -40.86 -20.44 -61.91
CA MET F 1 -40.33 -19.82 -63.11
C MET F 1 -39.41 -18.65 -62.77
N ARG F 2 -38.13 -18.93 -62.58
CA ARG F 2 -37.13 -17.91 -62.30
C ARG F 2 -36.15 -17.81 -63.46
N ARG F 3 -35.46 -16.68 -63.50
CA ARG F 3 -34.49 -16.36 -64.55
C ARG F 3 -33.09 -16.72 -64.08
N TYR F 4 -32.39 -17.53 -64.88
CA TYR F 4 -31.06 -18.00 -64.55
C TYR F 4 -30.10 -17.74 -65.70
N GLU F 5 -28.81 -17.92 -65.41
CA GLU F 5 -27.74 -17.79 -66.38
C GLU F 5 -26.87 -19.05 -66.31
N VAL F 6 -26.57 -19.63 -67.47
CA VAL F 6 -25.85 -20.88 -67.58
C VAL F 6 -24.53 -20.61 -68.29
N ASN F 7 -23.42 -20.90 -67.61
CA ASN F 7 -22.08 -20.84 -68.18
C ASN F 7 -21.61 -22.26 -68.44
N ILE F 8 -21.19 -22.52 -69.68
CA ILE F 8 -20.73 -23.84 -70.10
C ILE F 8 -19.35 -23.70 -70.73
N VAL F 9 -18.36 -24.33 -70.11
CA VAL F 9 -17.01 -24.40 -70.66
C VAL F 9 -16.79 -25.83 -71.12
N LEU F 10 -16.50 -26.00 -72.40
CA LEU F 10 -16.30 -27.32 -72.98
C LEU F 10 -14.97 -27.36 -73.75
N ASN F 11 -14.68 -28.54 -74.28
CA ASN F 11 -13.41 -28.84 -74.93
C ASN F 11 -13.19 -27.91 -76.12
N PRO F 12 -12.12 -27.10 -76.12
CA PRO F 12 -11.87 -26.22 -77.27
C PRO F 12 -11.34 -26.95 -78.50
N ASN F 13 -10.93 -28.21 -78.36
CA ASN F 13 -10.36 -28.97 -79.46
C ASN F 13 -11.40 -29.67 -80.32
N LEU F 14 -12.69 -29.42 -80.07
CA LEU F 14 -13.73 -30.05 -80.85
C LEU F 14 -13.83 -29.43 -82.24
N ASP F 15 -14.06 -30.26 -83.24
CA ASP F 15 -14.33 -29.76 -84.58
C ASP F 15 -15.76 -29.22 -84.65
N GLN F 16 -16.15 -28.74 -85.84
CA GLN F 16 -17.47 -28.12 -85.96
C GLN F 16 -18.59 -29.14 -85.79
N SER F 17 -18.37 -30.38 -86.24
CA SER F 17 -19.40 -31.41 -86.09
C SER F 17 -19.56 -31.81 -84.62
N GLN F 18 -18.46 -32.03 -83.92
CA GLN F 18 -18.54 -32.39 -82.51
C GLN F 18 -19.10 -31.25 -81.67
N LEU F 19 -18.71 -30.02 -81.98
CA LEU F 19 -19.26 -28.86 -81.29
C LEU F 19 -20.76 -28.74 -81.55
N ALA F 20 -21.18 -28.95 -82.80
CA ALA F 20 -22.60 -28.92 -83.12
C ALA F 20 -23.35 -30.00 -82.37
N LEU F 21 -22.74 -31.18 -82.22
CA LEU F 21 -23.39 -32.27 -81.48
C LEU F 21 -23.53 -31.92 -80.01
N GLU F 22 -22.48 -31.36 -79.40
CA GLU F 22 -22.57 -30.99 -77.99
C GLU F 22 -23.61 -29.91 -77.79
N LYS F 23 -23.65 -28.91 -78.68
CA LYS F 23 -24.65 -27.86 -78.54
C LYS F 23 -26.06 -28.38 -78.82
N GLU F 24 -26.20 -29.37 -79.70
CA GLU F 24 -27.50 -29.98 -79.93
C GLU F 24 -27.97 -30.73 -78.69
N ILE F 25 -27.06 -31.44 -78.03
CA ILE F 25 -27.44 -32.12 -76.80
C ILE F 25 -27.79 -31.12 -75.71
N ILE F 26 -27.09 -29.98 -75.69
CA ILE F 26 -27.41 -28.94 -74.71
C ILE F 26 -28.80 -28.36 -74.97
N GLN F 27 -29.12 -28.08 -76.24
CA GLN F 27 -30.43 -27.56 -76.57
C GLN F 27 -31.53 -28.56 -76.25
N ARG F 28 -31.28 -29.84 -76.54
CA ARG F 28 -32.27 -30.87 -76.25
C ARG F 28 -32.50 -31.01 -74.75
N ALA F 29 -31.42 -30.95 -73.96
CA ALA F 29 -31.57 -31.01 -72.51
C ALA F 29 -32.29 -29.78 -71.97
N LEU F 30 -32.07 -28.61 -72.57
CA LEU F 30 -32.80 -27.42 -72.16
C LEU F 30 -34.29 -27.56 -72.46
N GLU F 31 -34.62 -28.09 -73.63
CA GLU F 31 -36.02 -28.32 -73.97
C GLU F 31 -36.65 -29.36 -73.04
N ASN F 32 -35.89 -30.39 -72.66
CA ASN F 32 -36.43 -31.46 -71.83
C ASN F 32 -36.73 -31.00 -70.41
N TYR F 33 -36.17 -29.87 -69.98
CA TYR F 33 -36.45 -29.33 -68.66
C TYR F 33 -37.22 -28.01 -68.71
N GLY F 34 -37.77 -27.67 -69.87
CA GLY F 34 -38.58 -26.47 -70.01
C GLY F 34 -37.84 -25.18 -69.67
N ALA F 35 -36.69 -24.96 -70.30
CA ALA F 35 -35.87 -23.77 -70.06
C ALA F 35 -36.00 -22.86 -71.27
N ARG F 36 -36.91 -21.88 -71.18
CA ARG F 36 -37.12 -20.93 -72.26
C ARG F 36 -35.94 -19.98 -72.34
N VAL F 37 -35.27 -19.94 -73.49
CA VAL F 37 -34.08 -19.13 -73.68
C VAL F 37 -34.48 -17.72 -74.07
N GLU F 38 -33.79 -16.72 -73.51
CA GLU F 38 -34.03 -15.32 -73.85
C GLU F 38 -32.95 -14.74 -74.74
N LYS F 39 -31.68 -15.12 -74.51
CA LYS F 39 -30.59 -14.70 -75.38
C LYS F 39 -29.41 -15.64 -75.15
N VAL F 40 -28.41 -15.52 -76.01
CA VAL F 40 -27.21 -16.35 -75.97
C VAL F 40 -26.01 -15.51 -76.38
N GLU F 41 -24.87 -15.79 -75.77
CA GLU F 41 -23.60 -15.13 -76.11
C GLU F 41 -22.53 -16.21 -76.19
N GLU F 42 -22.18 -16.60 -77.41
CA GLU F 42 -21.15 -17.60 -77.65
C GLU F 42 -19.80 -16.89 -77.74
N LEU F 43 -19.01 -16.96 -76.67
CA LEU F 43 -17.69 -16.34 -76.69
C LEU F 43 -16.65 -17.24 -77.34
N GLY F 44 -16.76 -18.55 -77.17
CA GLY F 44 -15.85 -19.45 -77.84
C GLY F 44 -14.57 -19.68 -77.05
N LEU F 45 -13.52 -20.07 -77.77
CA LEU F 45 -12.27 -20.43 -77.12
C LEU F 45 -11.61 -19.20 -76.49
N ARG F 46 -11.25 -19.32 -75.22
CA ARG F 46 -10.57 -18.27 -74.49
C ARG F 46 -9.50 -18.89 -73.59
N ARG F 47 -8.50 -18.06 -73.29
CA ARG F 47 -7.35 -18.50 -72.50
C ARG F 47 -7.74 -18.56 -71.02
N LEU F 48 -7.54 -19.73 -70.42
CA LEU F 48 -7.85 -19.92 -69.01
C LEU F 48 -6.75 -19.36 -68.13
N ALA F 49 -7.06 -19.16 -66.85
CA ALA F 49 -6.09 -18.74 -65.86
C ALA F 49 -5.38 -19.92 -65.20
N TYR F 50 -5.88 -21.14 -65.40
CA TYR F 50 -5.26 -22.34 -64.89
C TYR F 50 -5.76 -23.51 -65.73
N PRO F 51 -4.96 -24.56 -65.90
CA PRO F 51 -5.38 -25.67 -66.77
C PRO F 51 -6.63 -26.38 -66.24
N ILE F 52 -7.63 -26.48 -67.11
CA ILE F 52 -8.84 -27.24 -66.83
C ILE F 52 -8.86 -28.44 -67.77
N ALA F 53 -8.91 -29.64 -67.19
CA ALA F 53 -8.84 -30.89 -67.96
C ALA F 53 -7.56 -30.94 -68.80
N LYS F 54 -6.45 -30.51 -68.20
CA LYS F 54 -5.12 -30.51 -68.80
C LYS F 54 -5.04 -29.65 -70.06
N ASP F 55 -5.96 -28.68 -70.21
CA ASP F 55 -6.02 -27.84 -71.40
C ASP F 55 -5.95 -26.39 -70.98
N PRO F 56 -5.03 -25.59 -71.55
CA PRO F 56 -4.90 -24.19 -71.15
C PRO F 56 -5.98 -23.27 -71.68
N GLN F 57 -6.89 -23.76 -72.53
CA GLN F 57 -7.97 -22.94 -73.08
C GLN F 57 -9.29 -23.65 -72.88
N GLY F 58 -10.38 -22.90 -73.08
CA GLY F 58 -11.70 -23.47 -72.97
C GLY F 58 -12.72 -22.78 -73.85
N TYR F 59 -13.69 -23.51 -74.40
CA TYR F 59 -14.70 -22.92 -75.25
C TYR F 59 -15.91 -22.55 -74.39
N PHE F 60 -16.23 -21.25 -74.36
CA PHE F 60 -17.23 -20.70 -73.46
C PHE F 60 -18.56 -20.45 -74.17
N LEU F 61 -19.64 -20.79 -73.47
CA LEU F 61 -21.00 -20.54 -73.91
C LEU F 61 -21.79 -19.99 -72.73
N TRP F 62 -22.75 -19.10 -73.03
CA TRP F 62 -23.54 -18.47 -72.00
C TRP F 62 -24.98 -18.34 -72.47
N TYR F 63 -25.91 -18.77 -71.63
CA TYR F 63 -27.34 -18.74 -71.95
C TYR F 63 -28.09 -18.09 -70.80
N GLN F 64 -28.80 -16.99 -71.09
CA GLN F 64 -29.77 -16.44 -70.15
C GLN F 64 -31.12 -17.08 -70.44
N VAL F 65 -31.68 -17.78 -69.45
CA VAL F 65 -32.91 -18.55 -69.65
C VAL F 65 -33.85 -18.30 -68.49
N GLU F 66 -35.03 -18.89 -68.58
CA GLU F 66 -36.05 -18.86 -67.55
C GLU F 66 -36.67 -20.25 -67.45
N MET F 67 -36.72 -20.80 -66.24
CA MET F 67 -37.14 -22.18 -66.08
C MET F 67 -37.73 -22.36 -64.69
N PRO F 68 -38.47 -23.45 -64.46
CA PRO F 68 -38.91 -23.76 -63.10
C PRO F 68 -37.73 -24.09 -62.19
N GLU F 69 -37.82 -23.62 -60.95
CA GLU F 69 -36.69 -23.71 -60.03
C GLU F 69 -36.44 -25.15 -59.60
N ASP F 70 -37.51 -25.92 -59.36
CA ASP F 70 -37.41 -27.23 -58.72
C ASP F 70 -36.47 -28.18 -59.44
N ARG F 71 -36.23 -27.99 -60.73
CA ARG F 71 -35.39 -28.91 -61.50
C ARG F 71 -34.06 -28.29 -61.93
N VAL F 72 -33.75 -27.06 -61.50
CA VAL F 72 -32.52 -26.40 -61.95
C VAL F 72 -31.31 -27.28 -61.66
N ASN F 73 -31.13 -27.65 -60.39
CA ASN F 73 -30.08 -28.60 -60.04
C ASN F 73 -30.18 -29.86 -60.89
N ASP F 74 -31.40 -30.42 -60.97
CA ASP F 74 -31.61 -31.65 -61.76
C ASP F 74 -31.22 -31.46 -63.21
N LEU F 75 -31.23 -30.22 -63.71
CA LEU F 75 -30.77 -29.97 -65.07
C LEU F 75 -29.25 -29.95 -65.15
N ALA F 76 -28.60 -29.31 -64.18
CA ALA F 76 -27.13 -29.18 -64.23
C ALA F 76 -26.47 -30.54 -64.29
N ARG F 77 -26.95 -31.50 -63.50
CA ARG F 77 -26.48 -32.87 -63.57
C ARG F 77 -26.51 -33.39 -65.01
N GLU F 78 -27.65 -33.22 -65.68
CA GLU F 78 -27.79 -33.70 -67.05
C GLU F 78 -26.74 -33.07 -67.98
N LEU F 79 -26.28 -31.86 -67.66
CA LEU F 79 -25.29 -31.19 -68.50
C LEU F 79 -23.86 -31.62 -68.19
N ARG F 80 -23.64 -32.35 -67.10
CA ARG F 80 -22.29 -32.79 -66.73
C ARG F 80 -21.97 -34.19 -67.22
N ILE F 81 -22.93 -34.89 -67.84
CA ILE F 81 -22.69 -36.25 -68.28
C ILE F 81 -21.70 -36.27 -69.44
N ARG F 82 -21.82 -35.33 -70.38
CA ARG F 82 -20.93 -35.27 -71.51
C ARG F 82 -19.51 -34.99 -71.06
N ASP F 83 -18.57 -35.86 -71.47
CA ASP F 83 -17.17 -35.67 -71.11
C ASP F 83 -16.61 -34.40 -71.74
N ASN F 84 -17.07 -34.06 -72.95
CA ASN F 84 -16.61 -32.82 -73.59
C ASN F 84 -17.02 -31.60 -72.80
N VAL F 85 -18.14 -31.68 -72.07
CA VAL F 85 -18.56 -30.58 -71.21
C VAL F 85 -17.84 -30.72 -69.87
N ARG F 86 -17.00 -29.74 -69.55
CA ARG F 86 -16.12 -29.83 -68.39
C ARG F 86 -16.44 -28.84 -67.28
N ARG F 87 -17.17 -27.76 -67.58
CA ARG F 87 -17.58 -26.82 -66.54
C ARG F 87 -19.00 -26.36 -66.79
N VAL F 88 -19.85 -26.50 -65.78
CA VAL F 88 -21.24 -26.04 -65.84
C VAL F 88 -21.51 -25.25 -64.57
N MET F 89 -21.86 -23.97 -64.72
CA MET F 89 -22.22 -23.15 -63.58
C MET F 89 -23.52 -22.41 -63.87
N VAL F 90 -24.52 -22.61 -63.03
CA VAL F 90 -25.80 -21.92 -63.13
C VAL F 90 -25.89 -20.91 -62.00
N VAL F 91 -26.32 -19.70 -62.33
CA VAL F 91 -26.37 -18.59 -61.37
C VAL F 91 -27.71 -17.88 -61.52
N LYS F 92 -28.36 -17.60 -60.38
CA LYS F 92 -29.58 -16.80 -60.41
C LYS F 92 -29.28 -15.41 -60.96
N SER F 93 -30.11 -14.94 -61.89
CA SER F 93 -29.89 -13.63 -62.48
C SER F 93 -30.05 -12.54 -61.44
N GLN F 94 -29.20 -11.52 -61.53
CA GLN F 94 -29.23 -10.40 -60.61
C GLN F 94 -29.06 -9.10 -61.38
N GLU F 95 -29.71 -8.04 -60.91
CA GLU F 95 -29.57 -6.75 -61.55
C GLU F 95 -28.14 -6.23 -61.36
N PRO F 96 -27.60 -5.52 -62.35
CA PRO F 96 -26.19 -5.08 -62.26
C PRO F 96 -26.00 -4.06 -61.16
N PHE F 97 -24.94 -4.25 -60.37
CA PHE F 97 -24.58 -3.33 -59.30
C PHE F 97 -23.37 -2.53 -59.78
N LEU F 98 -23.63 -1.34 -60.28
CA LEU F 98 -22.57 -0.49 -60.82
C LEU F 98 -21.82 0.23 -59.70
N ALA F 99 -20.53 0.45 -59.93
CA ALA F 99 -19.68 1.15 -58.98
C ALA F 99 -18.99 2.32 -59.69
N ASN F 100 -18.54 3.28 -58.89
CA ASN F 100 -17.87 4.48 -59.38
C ASN F 100 -18.74 5.21 -60.40
N ALA F 101 -20.03 5.32 -60.09
CA ALA F 101 -20.99 5.95 -60.99
C ALA F 101 -21.22 7.42 -60.62
N ALA G 1 34.71 0.60 -20.18
CA ALA G 1 34.22 1.89 -20.67
C ALA G 1 32.74 1.82 -21.01
N ARG G 2 31.90 2.19 -20.04
CA ARG G 2 30.45 2.18 -20.25
C ARG G 2 29.95 3.53 -20.75
N ARG G 3 30.22 4.60 -19.98
CA ARG G 3 29.71 5.91 -20.34
C ARG G 3 30.46 6.49 -21.53
N ARG G 4 31.78 6.56 -21.46
CA ARG G 4 32.57 7.21 -22.50
C ARG G 4 33.04 6.17 -23.52
N ARG G 5 33.90 6.60 -24.45
CA ARG G 5 34.43 5.74 -25.50
C ARG G 5 35.89 5.37 -25.27
N ALA G 6 36.53 5.89 -24.22
CA ALA G 6 37.89 5.52 -23.82
C ALA G 6 38.89 5.78 -24.95
N GLU G 7 39.08 7.08 -25.22
CA GLU G 7 40.03 7.51 -26.24
C GLU G 7 41.41 6.91 -25.99
N VAL G 8 42.12 6.63 -27.09
CA VAL G 8 43.38 5.91 -27.02
C VAL G 8 44.47 6.82 -26.49
N ARG G 9 45.39 6.25 -25.70
CA ARG G 9 46.53 7.00 -25.21
C ARG G 9 47.51 7.31 -26.33
N GLN G 10 48.01 8.55 -26.34
CA GLN G 10 49.00 8.99 -27.30
C GLN G 10 50.38 8.86 -26.68
N LEU G 11 51.22 8.01 -27.27
CA LEU G 11 52.54 7.73 -26.74
C LEU G 11 53.55 8.74 -27.25
N GLN G 12 54.62 8.93 -26.49
CA GLN G 12 55.70 9.80 -26.92
C GLN G 12 56.50 9.13 -28.03
N PRO G 13 56.98 9.89 -29.01
CA PRO G 13 57.78 9.29 -30.08
C PRO G 13 59.11 8.77 -29.56
N ASP G 14 59.77 7.98 -30.40
CA ASP G 14 61.02 7.35 -30.01
C ASP G 14 62.15 8.38 -29.99
N LEU G 15 63.10 8.18 -29.08
CA LEU G 15 64.26 9.05 -28.97
C LEU G 15 65.29 8.82 -30.07
N VAL G 16 65.17 7.72 -30.82
CA VAL G 16 66.13 7.36 -31.86
C VAL G 16 65.50 7.46 -33.26
N TYR G 17 64.45 6.68 -33.50
CA TYR G 17 63.79 6.66 -34.80
C TYR G 17 62.57 7.55 -34.87
N GLY G 18 62.14 8.12 -33.75
CA GLY G 18 60.99 9.01 -33.76
C GLY G 18 59.66 8.35 -34.03
N ASP G 19 59.56 7.04 -33.84
CA ASP G 19 58.34 6.29 -34.10
C ASP G 19 57.67 5.96 -32.77
N VAL G 20 56.35 6.19 -32.71
CA VAL G 20 55.60 5.83 -31.51
C VAL G 20 55.40 4.33 -31.44
N LEU G 21 55.43 3.64 -32.58
CA LEU G 21 55.31 2.19 -32.59
C LEU G 21 56.49 1.54 -31.86
N VAL G 22 57.69 2.08 -32.07
CA VAL G 22 58.86 1.61 -31.34
C VAL G 22 58.67 1.79 -29.84
N THR G 23 58.08 2.91 -29.44
CA THR G 23 57.84 3.15 -28.02
C THR G 23 56.83 2.16 -27.46
N ALA G 24 55.78 1.84 -28.23
CA ALA G 24 54.82 0.84 -27.78
C ALA G 24 55.47 -0.53 -27.63
N PHE G 25 56.37 -0.88 -28.56
CA PHE G 25 57.08 -2.15 -28.45
C PHE G 25 58.01 -2.15 -27.24
N ILE G 26 58.65 -1.01 -26.96
CA ILE G 26 59.44 -0.87 -25.73
C ILE G 26 58.58 -1.15 -24.51
N ASN G 27 57.38 -0.55 -24.48
CA ASN G 27 56.50 -0.71 -23.34
C ASN G 27 56.07 -2.15 -23.16
N LYS G 28 55.78 -2.85 -24.28
CA LYS G 28 55.47 -4.26 -24.17
C LYS G 28 56.69 -5.07 -23.74
N ILE G 29 57.90 -4.58 -24.02
CA ILE G 29 59.10 -5.22 -23.51
C ILE G 29 59.32 -4.89 -22.04
N MET G 30 58.90 -3.68 -21.62
CA MET G 30 59.17 -3.21 -20.26
C MET G 30 58.62 -4.20 -19.23
N ARG G 31 59.35 -4.33 -18.12
CA ARG G 31 58.99 -5.25 -17.06
C ARG G 31 59.22 -4.59 -15.72
N ASP G 32 58.20 -4.60 -14.86
CA ASP G 32 58.25 -4.00 -13.52
C ASP G 32 58.59 -2.51 -13.58
N GLY G 33 58.26 -1.86 -14.69
CA GLY G 33 58.54 -0.44 -14.84
C GLY G 33 59.98 -0.10 -15.10
N LYS G 34 60.76 -1.02 -15.69
CA LYS G 34 62.16 -0.78 -16.01
C LYS G 34 62.24 -0.33 -17.47
N LYS G 35 62.09 0.97 -17.68
CA LYS G 35 62.11 1.52 -19.04
C LYS G 35 63.51 1.46 -19.64
N ASN G 36 64.52 1.84 -18.87
CA ASN G 36 65.88 1.89 -19.39
C ASN G 36 66.37 0.52 -19.80
N LEU G 37 66.03 -0.50 -19.01
CA LEU G 37 66.42 -1.87 -19.38
C LEU G 37 65.75 -2.30 -20.68
N ALA G 38 64.48 -1.96 -20.85
CA ALA G 38 63.77 -2.30 -22.08
C ALA G 38 64.39 -1.59 -23.29
N ALA G 39 64.77 -0.32 -23.10
CA ALA G 39 65.42 0.43 -24.18
C ALA G 39 66.77 -0.18 -24.53
N ARG G 40 67.55 -0.55 -23.51
CA ARG G 40 68.80 -1.28 -23.74
C ARG G 40 68.56 -2.52 -24.58
N ILE G 41 67.59 -3.35 -24.15
CA ILE G 41 67.27 -4.58 -24.86
C ILE G 41 66.96 -4.29 -26.33
N PHE G 42 66.04 -3.35 -26.57
CA PHE G 42 65.57 -3.13 -27.94
C PHE G 42 66.66 -2.53 -28.82
N TYR G 43 67.43 -1.58 -28.30
CA TYR G 43 68.44 -0.94 -29.14
C TYR G 43 69.63 -1.87 -29.38
N ASP G 44 69.97 -2.72 -28.41
CA ASP G 44 70.95 -3.76 -28.69
C ASP G 44 70.42 -4.76 -29.71
N ALA G 45 69.12 -5.05 -29.66
CA ALA G 45 68.54 -5.91 -30.69
C ALA G 45 68.64 -5.25 -32.06
N CYS G 46 68.45 -3.93 -32.12
CA CYS G 46 68.59 -3.21 -33.38
C CYS G 46 70.03 -3.26 -33.89
N LYS G 47 71.00 -3.11 -32.99
CA LYS G 47 72.40 -3.27 -33.38
C LYS G 47 72.69 -4.70 -33.81
N ILE G 48 71.91 -5.68 -33.33
CA ILE G 48 72.02 -7.04 -33.84
C ILE G 48 71.38 -7.17 -35.22
N ILE G 49 70.33 -6.39 -35.49
CA ILE G 49 69.68 -6.46 -36.80
C ILE G 49 70.66 -6.11 -37.91
N GLN G 50 71.36 -4.98 -37.74
CA GLN G 50 72.50 -4.71 -38.61
C GLN G 50 73.66 -5.64 -38.24
N GLU G 51 74.58 -5.79 -39.20
CA GLU G 51 75.71 -6.73 -39.15
C GLU G 51 75.20 -8.17 -39.26
N LYS G 52 73.87 -8.33 -39.23
CA LYS G 52 73.19 -9.55 -39.66
C LYS G 52 72.31 -9.32 -40.86
N THR G 53 71.87 -8.08 -41.09
CA THR G 53 71.09 -7.70 -42.25
C THR G 53 71.48 -6.27 -42.62
N GLY G 54 71.74 -6.05 -43.91
CA GLY G 54 72.10 -4.72 -44.36
C GLY G 54 70.98 -3.71 -44.25
N GLN G 55 69.75 -4.17 -44.07
CA GLN G 55 68.60 -3.28 -43.98
C GLN G 55 68.53 -2.61 -42.62
N GLU G 56 68.02 -1.39 -42.60
CA GLU G 56 67.86 -0.67 -41.35
C GLU G 56 66.89 -1.42 -40.44
N PRO G 57 67.17 -1.49 -39.13
CA PRO G 57 66.28 -2.26 -38.24
C PRO G 57 64.87 -1.71 -38.15
N LEU G 58 64.67 -0.43 -38.48
CA LEU G 58 63.32 0.12 -38.44
C LEU G 58 62.43 -0.52 -39.50
N LYS G 59 62.96 -0.69 -40.72
CA LYS G 59 62.18 -1.31 -41.79
C LYS G 59 61.86 -2.76 -41.45
N VAL G 60 62.86 -3.52 -40.98
CA VAL G 60 62.63 -4.91 -40.59
C VAL G 60 61.58 -4.98 -39.49
N PHE G 61 61.68 -4.08 -38.50
CA PHE G 61 60.72 -4.04 -37.41
C PHE G 61 59.30 -3.81 -37.91
N LYS G 62 59.12 -2.78 -38.74
CA LYS G 62 57.77 -2.46 -39.23
C LYS G 62 57.23 -3.56 -40.11
N GLN G 63 58.09 -4.19 -40.93
CA GLN G 63 57.62 -5.26 -41.80
C GLN G 63 57.22 -6.49 -40.98
N ALA G 64 57.96 -6.79 -39.91
CA ALA G 64 57.58 -7.89 -39.03
C ALA G 64 56.25 -7.59 -38.35
N VAL G 65 56.07 -6.37 -37.84
CA VAL G 65 54.81 -6.00 -37.21
C VAL G 65 53.66 -6.13 -38.20
N GLU G 66 53.88 -5.74 -39.45
CA GLU G 66 52.84 -5.89 -40.47
C GLU G 66 52.56 -7.36 -40.78
N ASN G 67 53.60 -8.21 -40.73
CA ASN G 67 53.41 -9.63 -40.99
C ASN G 67 52.71 -10.35 -39.83
N VAL G 68 52.75 -9.78 -38.62
CA VAL G 68 52.08 -10.42 -37.49
C VAL G 68 50.62 -10.00 -37.35
N LYS G 69 50.24 -8.83 -37.85
CA LYS G 69 48.88 -8.32 -37.70
C LYS G 69 47.87 -9.30 -38.27
N PRO G 70 46.90 -9.76 -37.47
CA PRO G 70 45.86 -10.64 -37.99
C PRO G 70 44.71 -9.85 -38.59
N ARG G 71 44.06 -10.46 -39.58
CA ARG G 71 42.94 -9.82 -40.26
C ARG G 71 41.59 -10.16 -39.63
N MET G 72 41.39 -11.42 -39.25
CA MET G 72 40.18 -11.84 -38.59
C MET G 72 40.52 -12.67 -37.35
N GLU G 73 39.76 -12.47 -36.29
CA GLU G 73 39.89 -13.25 -35.07
C GLU G 73 38.55 -13.92 -34.77
N VAL G 74 38.50 -14.59 -33.62
CA VAL G 74 37.32 -15.36 -33.23
C VAL G 74 37.05 -15.10 -31.76
N ARG G 75 35.88 -14.53 -31.48
CA ARG G 75 35.45 -14.24 -30.11
C ARG G 75 34.31 -15.19 -29.72
N SER G 76 34.19 -15.45 -28.43
CA SER G 76 33.13 -16.33 -27.95
C SER G 76 31.82 -15.57 -27.81
N ARG G 77 30.71 -16.30 -28.03
CA ARG G 77 29.38 -15.71 -27.88
C ARG G 77 28.42 -16.75 -27.34
N ARG G 78 27.60 -16.35 -26.38
CA ARG G 78 26.59 -17.23 -25.77
C ARG G 78 25.27 -17.04 -26.52
N VAL G 79 24.87 -18.04 -27.29
CA VAL G 79 23.64 -18.02 -28.06
C VAL G 79 22.86 -19.30 -27.77
N GLY G 80 21.56 -19.16 -27.52
CA GLY G 80 20.70 -20.32 -27.30
C GLY G 80 21.14 -21.21 -26.16
N GLY G 81 21.90 -20.68 -25.21
CA GLY G 81 22.43 -21.46 -24.11
C GLY G 81 23.79 -22.05 -24.35
N ALA G 82 24.21 -22.19 -25.61
CA ALA G 82 25.52 -22.74 -25.94
C ALA G 82 26.52 -21.61 -26.19
N ASN G 83 27.79 -21.99 -26.28
CA ASN G 83 28.88 -21.05 -26.51
C ASN G 83 29.54 -21.37 -27.84
N TYR G 84 29.62 -20.36 -28.71
CA TYR G 84 30.15 -20.55 -30.06
C TYR G 84 31.36 -19.65 -30.28
N GLN G 85 32.24 -20.12 -31.17
CA GLN G 85 33.45 -19.39 -31.56
C GLN G 85 33.14 -18.62 -32.85
N VAL G 86 32.67 -17.39 -32.68
CA VAL G 86 32.20 -16.59 -33.80
C VAL G 86 33.38 -15.86 -34.43
N PRO G 87 33.57 -15.94 -35.74
CA PRO G 87 34.60 -15.14 -36.39
C PRO G 87 34.15 -13.72 -36.65
N MET G 88 35.10 -12.80 -36.60
CA MET G 88 34.83 -11.39 -36.88
C MET G 88 36.15 -10.67 -37.15
N GLU G 89 36.03 -9.52 -37.83
CA GLU G 89 37.21 -8.75 -38.20
C GLU G 89 37.89 -8.17 -36.96
N VAL G 90 39.03 -7.53 -37.18
CA VAL G 90 39.85 -6.97 -36.11
C VAL G 90 40.09 -5.50 -36.41
N SER G 91 39.79 -4.64 -35.45
CA SER G 91 40.10 -3.22 -35.59
C SER G 91 41.62 -3.03 -35.65
N PRO G 92 42.09 -1.99 -36.33
CA PRO G 92 43.55 -1.83 -36.50
C PRO G 92 44.30 -1.67 -35.19
N ARG G 93 43.71 -1.02 -34.18
CA ARG G 93 44.38 -0.89 -32.90
C ARG G 93 44.59 -2.26 -32.24
N ARG G 94 43.57 -3.11 -32.27
CA ARG G 94 43.74 -4.45 -31.72
C ARG G 94 44.73 -5.26 -32.56
N GLN G 95 44.75 -5.06 -33.87
CA GLN G 95 45.77 -5.69 -34.70
C GLN G 95 47.16 -5.34 -34.20
N GLN G 96 47.42 -4.04 -33.98
CA GLN G 96 48.74 -3.61 -33.51
C GLN G 96 49.04 -4.16 -32.12
N SER G 97 48.07 -4.10 -31.21
CA SER G 97 48.29 -4.58 -29.85
C SER G 97 48.63 -6.06 -29.84
N LEU G 98 47.82 -6.87 -30.53
CA LEU G 98 48.09 -8.31 -30.60
C LEU G 98 49.41 -8.59 -31.29
N ALA G 99 49.75 -7.81 -32.32
CA ALA G 99 51.02 -8.02 -33.01
C ALA G 99 52.20 -7.82 -32.08
N LEU G 100 52.21 -6.70 -31.35
CA LEU G 100 53.34 -6.43 -30.46
C LEU G 100 53.38 -7.42 -29.30
N ARG G 101 52.23 -7.74 -28.71
CA ARG G 101 52.20 -8.70 -27.62
C ARG G 101 52.72 -10.06 -28.08
N TRP G 102 52.27 -10.51 -29.25
CA TRP G 102 52.72 -11.80 -29.77
C TRP G 102 54.22 -11.77 -30.10
N LEU G 103 54.70 -10.64 -30.64
CA LEU G 103 56.12 -10.53 -30.92
C LEU G 103 56.95 -10.72 -29.64
N VAL G 104 56.62 -9.97 -28.59
CA VAL G 104 57.38 -10.10 -27.34
C VAL G 104 57.25 -11.51 -26.78
N GLN G 105 56.02 -12.02 -26.70
CA GLN G 105 55.79 -13.32 -26.06
C GLN G 105 56.50 -14.45 -26.82
N ALA G 106 56.47 -14.42 -28.15
CA ALA G 106 57.18 -15.42 -28.92
C ALA G 106 58.69 -15.25 -28.83
N ALA G 107 59.15 -14.00 -28.73
CA ALA G 107 60.58 -13.77 -28.57
C ALA G 107 61.10 -14.38 -27.28
N ASN G 108 60.35 -14.24 -26.18
CA ASN G 108 60.81 -14.82 -24.93
C ASN G 108 60.64 -16.34 -24.88
N GLN G 109 59.98 -16.94 -25.87
CA GLN G 109 59.93 -18.39 -25.99
C GLN G 109 61.16 -18.97 -26.68
N ARG G 110 62.00 -18.12 -27.28
CA ARG G 110 63.17 -18.59 -28.01
C ARG G 110 64.21 -19.14 -27.04
N PRO G 111 65.10 -20.02 -27.52
CA PRO G 111 66.17 -20.55 -26.68
C PRO G 111 67.39 -19.65 -26.57
N GLU G 112 67.35 -18.44 -27.14
CA GLU G 112 68.52 -17.56 -27.11
C GLU G 112 68.86 -17.18 -25.68
N ARG G 113 70.15 -16.85 -25.47
CA ARG G 113 70.64 -16.63 -24.12
C ARG G 113 70.11 -15.32 -23.53
N ARG G 114 70.46 -14.20 -24.14
CA ARG G 114 70.09 -12.89 -23.63
C ARG G 114 68.94 -12.29 -24.43
N ALA G 115 68.28 -11.30 -23.82
CA ALA G 115 67.00 -10.83 -24.34
C ALA G 115 67.14 -10.15 -25.69
N ALA G 116 68.19 -9.33 -25.86
CA ALA G 116 68.35 -8.62 -27.12
C ALA G 116 68.45 -9.59 -28.29
N VAL G 117 69.14 -10.71 -28.10
CA VAL G 117 69.26 -11.70 -29.16
C VAL G 117 67.91 -12.33 -29.46
N ARG G 118 67.12 -12.63 -28.42
CA ARG G 118 65.79 -13.17 -28.62
C ARG G 118 64.93 -12.23 -29.44
N ILE G 119 64.89 -10.95 -29.04
CA ILE G 119 64.05 -9.98 -29.74
C ILE G 119 64.53 -9.80 -31.17
N ALA G 120 65.85 -9.72 -31.37
CA ALA G 120 66.37 -9.52 -32.72
C ALA G 120 66.04 -10.70 -33.63
N HIS G 121 66.25 -11.92 -33.14
CA HIS G 121 65.96 -13.10 -33.94
C HIS G 121 64.46 -13.21 -34.23
N GLU G 122 63.62 -12.90 -33.24
CA GLU G 122 62.19 -12.95 -33.47
C GLU G 122 61.76 -11.91 -34.49
N LEU G 123 62.31 -10.70 -34.40
CA LEU G 123 61.98 -9.67 -35.37
C LEU G 123 62.41 -10.08 -36.78
N MET G 124 63.60 -10.64 -36.92
CA MET G 124 64.07 -11.04 -38.25
C MET G 124 63.22 -12.17 -38.81
N ASP G 125 62.94 -13.20 -38.00
CA ASP G 125 62.16 -14.33 -38.47
C ASP G 125 60.72 -13.92 -38.80
N ALA G 126 60.15 -13.00 -38.01
CA ALA G 126 58.80 -12.52 -38.31
C ALA G 126 58.77 -11.64 -39.54
N ALA G 127 59.84 -10.87 -39.78
CA ALA G 127 59.91 -10.06 -40.98
C ALA G 127 60.02 -10.92 -42.23
N GLU G 128 60.80 -11.99 -42.17
CA GLU G 128 60.89 -12.87 -43.34
C GLU G 128 59.73 -13.88 -43.40
N GLY G 129 58.83 -13.87 -42.42
CA GLY G 129 57.60 -14.62 -42.52
C GLY G 129 57.52 -15.93 -41.76
N LYS G 130 58.24 -16.07 -40.64
CA LYS G 130 58.18 -17.28 -39.84
C LYS G 130 58.32 -16.88 -38.37
N GLY G 131 58.47 -17.88 -37.51
CA GLY G 131 58.57 -17.66 -36.09
C GLY G 131 57.26 -17.94 -35.37
N GLY G 132 57.32 -17.86 -34.03
CA GLY G 132 56.15 -18.15 -33.22
C GLY G 132 55.02 -17.16 -33.39
N ALA G 133 55.35 -15.89 -33.64
CA ALA G 133 54.32 -14.88 -33.80
C ALA G 133 53.50 -15.11 -35.07
N VAL G 134 54.17 -15.44 -36.18
CA VAL G 134 53.44 -15.76 -37.39
C VAL G 134 52.64 -17.04 -37.22
N LYS G 135 53.16 -17.98 -36.42
CA LYS G 135 52.39 -19.17 -36.09
C LYS G 135 51.11 -18.81 -35.34
N LYS G 136 51.20 -17.85 -34.42
CA LYS G 136 50.02 -17.39 -33.70
C LYS G 136 49.03 -16.72 -34.64
N LYS G 137 49.53 -15.88 -35.55
CA LYS G 137 48.65 -15.25 -36.53
C LYS G 137 47.93 -16.29 -37.37
N GLU G 138 48.66 -17.30 -37.84
CA GLU G 138 48.05 -18.35 -38.65
C GLU G 138 47.03 -19.15 -37.83
N ASP G 139 47.33 -19.42 -36.57
CA ASP G 139 46.40 -20.16 -35.73
C ASP G 139 45.11 -19.38 -35.50
N VAL G 140 45.23 -18.06 -35.30
CA VAL G 140 44.04 -17.24 -35.09
C VAL G 140 43.21 -17.15 -36.37
N GLU G 141 43.89 -16.90 -37.51
CA GLU G 141 43.19 -16.84 -38.79
C GLU G 141 42.73 -18.22 -39.27
N ARG G 142 43.14 -19.29 -38.59
CA ARG G 142 42.62 -20.63 -38.84
C ARG G 142 41.38 -20.89 -38.00
N MET G 143 41.45 -20.61 -36.69
CA MET G 143 40.27 -20.70 -35.84
C MET G 143 39.14 -19.85 -36.40
N ALA G 144 39.37 -18.55 -36.53
CA ALA G 144 38.50 -17.74 -37.38
C ALA G 144 38.60 -18.26 -38.80
N GLU G 145 37.48 -18.24 -39.52
CA GLU G 145 37.37 -18.73 -40.89
C GLU G 145 37.45 -20.26 -40.92
N ALA G 146 37.75 -20.88 -39.78
CA ALA G 146 37.46 -22.29 -39.59
C ALA G 146 36.06 -22.50 -39.04
N ASN G 147 35.46 -21.45 -38.49
CA ASN G 147 34.08 -21.44 -38.03
C ASN G 147 33.26 -20.45 -38.85
N ARG G 148 33.45 -20.48 -40.18
CA ARG G 148 32.69 -19.58 -41.06
C ARG G 148 31.19 -19.75 -40.87
N ALA G 149 30.74 -20.95 -40.48
CA ALA G 149 29.32 -21.22 -40.28
C ALA G 149 28.68 -20.34 -39.23
N TYR G 150 29.46 -19.58 -38.46
CA TYR G 150 28.92 -18.69 -37.44
C TYR G 150 29.08 -17.22 -37.81
N ALA G 151 29.37 -16.93 -39.07
CA ALA G 151 29.60 -15.56 -39.50
C ALA G 151 28.38 -14.66 -39.29
N HIS G 152 27.17 -15.24 -39.27
CA HIS G 152 25.97 -14.44 -39.04
C HIS G 152 25.79 -14.07 -37.58
N TYR G 153 26.62 -14.59 -36.67
CA TYR G 153 26.63 -14.17 -35.27
C TYR G 153 27.60 -13.02 -35.03
N ARG G 154 27.87 -12.20 -36.05
CA ARG G 154 28.94 -11.22 -35.98
C ARG G 154 28.70 -10.20 -34.88
N TRP G 155 27.53 -9.57 -34.88
CA TRP G 155 27.14 -8.55 -33.89
C TRP G 155 28.09 -7.35 -33.84
N MET H 1 -45.62 -1.67 -23.26
CA MET H 1 -46.39 -0.60 -22.66
C MET H 1 -45.83 -0.22 -21.29
N LEU H 2 -46.43 0.79 -20.67
CA LEU H 2 -46.04 1.18 -19.32
C LEU H 2 -46.78 0.32 -18.31
N THR H 3 -46.04 -0.20 -17.32
CA THR H 3 -46.66 -1.01 -16.29
C THR H 3 -47.30 -0.14 -15.20
N ASP H 4 -46.66 0.98 -14.87
CA ASP H 4 -47.20 1.93 -13.89
C ASP H 4 -47.08 3.32 -14.49
N PRO H 5 -48.16 3.82 -15.12
CA PRO H 5 -48.09 5.17 -15.72
C PRO H 5 -47.81 6.27 -14.71
N ILE H 6 -48.37 6.17 -13.50
CA ILE H 6 -48.17 7.21 -12.49
C ILE H 6 -46.70 7.24 -12.05
N ALA H 7 -46.14 6.08 -11.76
CA ALA H 7 -44.72 6.01 -11.43
C ALA H 7 -43.86 6.48 -12.60
N ASP H 8 -44.31 6.22 -13.83
CA ASP H 8 -43.59 6.72 -15.00
C ASP H 8 -43.57 8.24 -15.01
N MET H 9 -44.70 8.88 -14.69
CA MET H 9 -44.73 10.34 -14.61
C MET H 9 -43.82 10.85 -13.51
N LEU H 10 -43.87 10.22 -12.34
CA LEU H 10 -43.01 10.64 -11.23
C LEU H 10 -41.54 10.53 -11.61
N THR H 11 -41.16 9.45 -12.30
CA THR H 11 -39.77 9.26 -12.70
C THR H 11 -39.38 10.24 -13.80
N ARG H 12 -40.31 10.55 -14.71
CA ARG H 12 -40.04 11.60 -15.70
C ARG H 12 -39.74 12.92 -15.01
N ILE H 13 -40.54 13.28 -14.00
CA ILE H 13 -40.29 14.52 -13.27
C ILE H 13 -38.94 14.46 -12.56
N ARG H 14 -38.62 13.33 -11.94
CA ARG H 14 -37.36 13.18 -11.23
C ARG H 14 -36.18 13.37 -12.18
N ASN H 15 -36.17 12.62 -13.28
CA ASN H 15 -35.08 12.69 -14.25
C ASN H 15 -34.99 14.06 -14.90
N ALA H 16 -36.12 14.74 -15.09
CA ALA H 16 -36.08 16.08 -15.67
C ALA H 16 -35.46 17.07 -14.70
N THR H 17 -35.97 17.13 -13.47
CA THR H 17 -35.44 18.07 -12.49
C THR H 17 -33.98 17.81 -12.18
N ARG H 18 -33.54 16.55 -12.25
CA ARG H 18 -32.15 16.24 -11.91
C ARG H 18 -31.16 16.84 -12.90
N VAL H 19 -31.60 17.20 -14.11
CA VAL H 19 -30.74 17.87 -15.08
C VAL H 19 -31.18 19.30 -15.31
N TYR H 20 -32.13 19.81 -14.50
CA TYR H 20 -32.60 21.19 -14.56
C TYR H 20 -33.20 21.52 -15.93
N LYS H 21 -34.17 20.70 -16.32
CA LYS H 21 -34.91 20.92 -17.56
C LYS H 21 -35.89 22.08 -17.38
N GLU H 22 -36.39 22.57 -18.51
CA GLU H 22 -37.40 23.62 -18.48
C GLU H 22 -38.78 23.03 -18.21
N SER H 23 -39.19 22.06 -19.03
CA SER H 23 -40.45 21.36 -18.84
C SER H 23 -40.27 19.93 -19.31
N THR H 24 -41.22 19.08 -18.92
CA THR H 24 -41.21 17.69 -19.36
C THR H 24 -42.60 17.26 -19.80
N ASP H 25 -42.67 16.44 -20.84
CA ASP H 25 -43.93 15.97 -21.39
C ASP H 25 -44.21 14.56 -20.86
N VAL H 26 -45.42 14.38 -20.32
CA VAL H 26 -45.85 13.07 -19.83
C VAL H 26 -47.13 12.67 -20.56
N PRO H 27 -47.29 11.43 -20.97
CA PRO H 27 -48.55 11.01 -21.62
C PRO H 27 -49.75 11.32 -20.74
N ALA H 28 -50.76 11.97 -21.34
CA ALA H 28 -51.83 12.59 -20.59
C ALA H 28 -52.86 11.58 -20.10
N SER H 29 -53.31 11.77 -18.87
CA SER H 29 -54.39 10.98 -18.29
C SER H 29 -55.03 11.78 -17.17
N ARG H 30 -56.33 11.57 -16.97
CA ARG H 30 -57.08 12.33 -15.97
C ARG H 30 -56.49 12.15 -14.58
N PHE H 31 -56.08 10.93 -14.24
CA PHE H 31 -55.47 10.68 -12.94
C PHE H 31 -54.17 11.45 -12.78
N LYS H 32 -53.29 11.36 -13.78
CA LYS H 32 -52.05 12.13 -13.77
C LYS H 32 -52.31 13.62 -13.65
N GLU H 33 -53.32 14.12 -14.36
CA GLU H 33 -53.64 15.54 -14.32
C GLU H 33 -54.14 15.94 -12.93
N GLU H 34 -54.93 15.08 -12.29
CA GLU H 34 -55.41 15.38 -10.96
C GLU H 34 -54.27 15.38 -9.94
N ILE H 35 -53.26 14.53 -10.15
CA ILE H 35 -52.08 14.56 -9.30
C ILE H 35 -51.29 15.85 -9.52
N LEU H 36 -51.09 16.21 -10.80
CA LEU H 36 -50.37 17.43 -11.14
C LEU H 36 -51.05 18.67 -10.56
N ARG H 37 -52.39 18.64 -10.46
CA ARG H 37 -53.10 19.73 -9.81
C ARG H 37 -52.62 19.93 -8.38
N ILE H 38 -52.54 18.83 -7.62
CA ILE H 38 -52.03 18.90 -6.25
C ILE H 38 -50.59 19.40 -6.24
N LEU H 39 -49.78 18.91 -7.18
CA LEU H 39 -48.39 19.36 -7.27
C LEU H 39 -48.30 20.87 -7.41
N ALA H 40 -48.97 21.42 -8.44
CA ALA H 40 -48.91 22.84 -8.69
C ALA H 40 -49.53 23.65 -7.55
N ARG H 41 -50.58 23.12 -6.93
CA ARG H 41 -51.19 23.78 -5.79
C ARG H 41 -50.22 23.87 -4.61
N GLU H 42 -49.38 22.85 -4.44
CA GLU H 42 -48.43 22.83 -3.34
C GLU H 42 -47.11 23.50 -3.67
N GLY H 43 -46.91 23.94 -4.91
CA GLY H 43 -45.74 24.71 -5.28
C GLY H 43 -44.53 23.90 -5.68
N PHE H 44 -44.67 22.59 -5.87
CA PHE H 44 -43.53 21.80 -6.33
C PHE H 44 -43.22 22.04 -7.80
N ILE H 45 -44.18 22.56 -8.57
CA ILE H 45 -43.99 22.87 -9.97
C ILE H 45 -44.62 24.23 -10.26
N LYS H 46 -44.12 24.89 -11.32
CA LYS H 46 -44.74 26.11 -11.78
C LYS H 46 -46.14 25.88 -12.35
N GLY H 47 -46.49 24.64 -12.63
CA GLY H 47 -47.78 24.30 -13.17
C GLY H 47 -47.66 23.28 -14.29
N TYR H 48 -48.79 23.02 -14.92
CA TYR H 48 -48.86 22.08 -16.03
C TYR H 48 -49.80 22.65 -17.09
N GLU H 49 -49.73 22.08 -18.28
CA GLU H 49 -50.70 22.43 -19.32
C GLU H 49 -50.82 21.29 -20.32
N ARG H 50 -52.05 21.07 -20.80
CA ARG H 50 -52.29 20.10 -21.85
C ARG H 50 -51.66 20.57 -23.15
N VAL H 51 -50.98 19.65 -23.84
CA VAL H 51 -50.36 19.94 -25.13
C VAL H 51 -50.62 18.75 -26.05
N ASP H 52 -50.25 18.93 -27.32
CA ASP H 52 -50.39 17.87 -28.31
C ASP H 52 -49.05 17.64 -28.99
N VAL H 53 -48.58 16.40 -28.95
CA VAL H 53 -47.45 15.96 -29.73
C VAL H 53 -48.03 15.29 -30.97
N ASP H 54 -47.15 14.90 -31.90
CA ASP H 54 -47.48 14.69 -33.31
C ASP H 54 -48.91 14.23 -33.57
N GLY H 55 -49.41 13.30 -32.77
CA GLY H 55 -50.82 12.98 -32.84
C GLY H 55 -51.53 12.85 -31.51
N LYS H 56 -50.78 12.80 -30.40
CA LYS H 56 -51.35 12.33 -29.15
C LYS H 56 -51.26 13.40 -28.06
N PRO H 57 -52.17 13.37 -27.09
CA PRO H 57 -52.17 14.40 -26.04
C PRO H 57 -51.18 14.10 -24.93
N TYR H 58 -50.51 15.16 -24.47
CA TYR H 58 -49.52 15.08 -23.41
C TYR H 58 -49.76 16.20 -22.41
N LEU H 59 -48.98 16.16 -21.32
CA LEU H 59 -49.02 17.18 -20.28
C LEU H 59 -47.62 17.73 -20.11
N ARG H 60 -47.47 19.03 -20.33
CA ARG H 60 -46.20 19.71 -20.08
C ARG H 60 -46.18 20.16 -18.63
N VAL H 61 -45.30 19.54 -17.84
CA VAL H 61 -45.03 19.95 -16.47
C VAL H 61 -43.88 20.93 -16.49
N TYR H 62 -44.11 22.16 -16.05
CA TYR H 62 -43.07 23.19 -16.01
C TYR H 62 -42.41 23.15 -14.64
N LEU H 63 -41.12 22.82 -14.62
CA LEU H 63 -40.45 22.52 -13.36
C LEU H 63 -40.02 23.81 -12.65
N LYS H 64 -39.72 23.65 -11.36
CA LYS H 64 -39.41 24.75 -10.46
C LYS H 64 -38.07 24.47 -9.77
N TYR H 65 -37.26 25.50 -9.63
CA TYR H 65 -35.94 25.37 -8.99
C TYR H 65 -35.66 26.61 -8.16
N GLY H 66 -34.72 26.47 -7.23
CA GLY H 66 -34.34 27.54 -6.35
C GLY H 66 -33.40 28.52 -7.01
N PRO H 67 -32.85 29.45 -6.23
CA PRO H 67 -31.88 30.40 -6.78
C PRO H 67 -30.54 29.73 -7.03
N ARG H 68 -29.79 30.30 -7.98
CA ARG H 68 -28.47 29.79 -8.30
C ARG H 68 -27.54 29.96 -7.11
N ARG H 69 -26.87 28.88 -6.72
CA ARG H 69 -26.06 28.87 -5.51
C ARG H 69 -24.63 29.32 -5.80
N GLN H 70 -23.94 29.71 -4.74
CA GLN H 70 -22.57 30.20 -4.83
C GLN H 70 -21.58 29.04 -4.71
N GLY H 71 -20.29 29.37 -4.77
CA GLY H 71 -19.24 28.40 -4.61
C GLY H 71 -19.22 27.37 -5.72
N PRO H 72 -18.57 26.24 -5.46
CA PRO H 72 -18.62 25.12 -6.42
C PRO H 72 -20.04 24.57 -6.52
N ASP H 73 -20.30 23.94 -7.66
CA ASP H 73 -21.63 23.43 -7.99
C ASP H 73 -22.67 24.53 -7.83
N PRO H 74 -22.68 25.51 -8.74
CA PRO H 74 -23.69 26.58 -8.65
C PRO H 74 -25.09 26.14 -9.02
N ARG H 75 -25.29 24.87 -9.34
CA ARG H 75 -26.61 24.38 -9.70
C ARG H 75 -27.59 24.67 -8.56
N PRO H 76 -28.78 25.19 -8.86
CA PRO H 76 -29.69 25.62 -7.79
C PRO H 76 -30.23 24.42 -7.02
N GLU H 77 -30.74 24.73 -5.83
CA GLU H 77 -31.37 23.72 -5.01
C GLU H 77 -32.65 23.21 -5.66
N GLN H 78 -32.89 21.91 -5.53
CA GLN H 78 -34.08 21.31 -6.11
C GLN H 78 -35.31 21.67 -5.30
N VAL H 79 -36.40 22.03 -5.99
CA VAL H 79 -37.66 22.27 -5.30
C VAL H 79 -38.31 20.94 -4.91
N ILE H 80 -38.17 19.92 -5.76
CA ILE H 80 -38.64 18.57 -5.45
C ILE H 80 -37.40 17.77 -5.08
N HIS H 81 -37.08 17.73 -3.78
CA HIS H 81 -35.91 17.01 -3.33
C HIS H 81 -36.10 15.50 -3.44
N HIS H 82 -37.35 15.02 -3.33
CA HIS H 82 -37.61 13.60 -3.27
C HIS H 82 -39.06 13.34 -3.68
N ILE H 83 -39.26 12.37 -4.56
CA ILE H 83 -40.60 12.01 -5.02
C ILE H 83 -40.61 10.50 -5.29
N ARG H 84 -41.37 9.75 -4.49
CA ARG H 84 -41.32 8.29 -4.55
C ARG H 84 -42.72 7.71 -4.58
N ARG H 85 -42.95 6.80 -5.52
CA ARG H 85 -44.21 6.07 -5.61
C ARG H 85 -44.27 5.02 -4.51
N ILE H 86 -45.43 4.92 -3.86
CA ILE H 86 -45.64 3.99 -2.75
C ILE H 86 -46.53 2.82 -3.16
N SER H 87 -47.77 3.09 -3.55
CA SER H 87 -48.71 2.04 -3.92
C SER H 87 -48.46 1.66 -5.37
N LYS H 88 -47.56 0.72 -5.57
CA LYS H 88 -47.19 0.22 -6.89
C LYS H 88 -48.09 -0.94 -7.30
N PRO H 89 -48.17 -1.24 -8.59
CA PRO H 89 -48.83 -2.49 -9.00
C PRO H 89 -48.07 -3.68 -8.45
N GLY H 90 -48.81 -4.68 -7.96
CA GLY H 90 -48.20 -5.81 -7.32
C GLY H 90 -48.01 -5.68 -5.83
N ARG H 91 -47.99 -4.45 -5.30
CA ARG H 91 -48.12 -4.22 -3.87
C ARG H 91 -48.82 -2.87 -3.70
N ARG H 92 -50.15 -2.92 -3.62
CA ARG H 92 -50.95 -1.70 -3.46
C ARG H 92 -51.05 -1.36 -1.97
N VAL H 93 -51.00 -0.07 -1.68
CA VAL H 93 -50.94 0.43 -0.30
C VAL H 93 -52.20 1.24 -0.02
N TYR H 94 -53.01 0.76 0.91
CA TYR H 94 -54.20 1.46 1.38
C TYR H 94 -54.05 1.74 2.87
N VAL H 95 -54.39 2.96 3.28
CA VAL H 95 -54.27 3.38 4.66
C VAL H 95 -55.57 4.04 5.10
N GLY H 96 -55.94 3.81 6.36
CA GLY H 96 -57.04 4.53 6.96
C GLY H 96 -56.63 5.96 7.33
N VAL H 97 -57.60 6.72 7.82
CA VAL H 97 -57.35 8.11 8.14
C VAL H 97 -56.37 8.22 9.30
N LYS H 98 -56.46 7.33 10.27
CA LYS H 98 -55.53 7.30 11.39
C LYS H 98 -54.19 6.67 11.03
N GLU H 99 -53.98 6.33 9.76
CA GLU H 99 -52.75 5.72 9.29
C GLU H 99 -52.05 6.56 8.23
N ILE H 100 -52.48 7.79 8.02
CA ILE H 100 -51.85 8.65 7.02
C ILE H 100 -50.52 9.17 7.57
N PRO H 101 -49.43 9.03 6.85
CA PRO H 101 -48.13 9.46 7.38
C PRO H 101 -47.92 10.97 7.26
N ARG H 102 -47.32 11.54 8.29
CA ARG H 102 -46.89 12.94 8.30
C ARG H 102 -45.51 13.01 7.68
N VAL H 103 -45.43 13.50 6.45
CA VAL H 103 -44.19 13.50 5.68
C VAL H 103 -43.26 14.60 6.19
N ARG H 104 -42.04 14.22 6.56
CA ARG H 104 -41.00 15.15 7.00
C ARG H 104 -41.46 16.00 8.17
N ARG H 105 -42.28 15.39 9.04
CA ARG H 105 -42.85 16.08 10.20
C ARG H 105 -43.57 17.37 9.80
N GLY H 106 -44.15 17.39 8.60
CA GLY H 106 -44.93 18.52 8.14
C GLY H 106 -44.45 19.14 6.83
N LEU H 107 -43.13 19.19 6.62
CA LEU H 107 -42.57 19.92 5.48
C LEU H 107 -42.84 19.25 4.14
N GLY H 108 -43.23 17.98 4.14
CA GLY H 108 -43.56 17.28 2.91
C GLY H 108 -45.06 17.09 2.73
N ILE H 109 -45.40 16.35 1.68
CA ILE H 109 -46.78 15.98 1.40
C ILE H 109 -46.86 14.49 1.09
N ALA H 110 -48.05 13.94 1.25
CA ALA H 110 -48.37 12.59 0.79
C ALA H 110 -49.66 12.67 -0.01
N ILE H 111 -49.62 12.21 -1.25
CA ILE H 111 -50.78 12.25 -2.13
C ILE H 111 -51.57 10.97 -1.96
N LEU H 112 -52.83 11.10 -1.59
CA LEU H 112 -53.75 9.99 -1.46
C LEU H 112 -54.82 10.06 -2.54
N SER H 113 -55.32 8.90 -2.92
CA SER H 113 -56.53 8.79 -3.74
C SER H 113 -57.62 8.23 -2.83
N THR H 114 -58.63 9.05 -2.54
CA THR H 114 -59.72 8.69 -1.65
C THR H 114 -61.03 8.71 -2.43
N SER H 115 -62.08 8.19 -1.79
CA SER H 115 -63.40 8.20 -2.40
C SER H 115 -63.91 9.61 -2.67
N LYS H 116 -63.29 10.63 -2.04
CA LYS H 116 -63.65 12.01 -2.27
C LYS H 116 -62.67 12.73 -3.19
N GLY H 117 -61.86 11.99 -3.95
CA GLY H 117 -60.95 12.57 -4.91
C GLY H 117 -59.49 12.37 -4.49
N VAL H 118 -58.61 12.98 -5.27
CA VAL H 118 -57.18 12.94 -4.99
C VAL H 118 -56.84 14.09 -4.07
N LEU H 119 -56.34 13.77 -2.88
CA LEU H 119 -56.11 14.76 -1.83
C LEU H 119 -54.67 14.63 -1.32
N THR H 120 -54.31 15.53 -0.42
CA THR H 120 -53.03 15.46 0.28
C THR H 120 -53.25 14.93 1.70
N ASP H 121 -52.15 14.68 2.40
CA ASP H 121 -52.24 14.15 3.75
C ASP H 121 -53.05 15.08 4.65
N ARG H 122 -52.73 16.38 4.62
CA ARG H 122 -53.49 17.32 5.43
C ARG H 122 -54.91 17.49 4.90
N GLU H 123 -55.07 17.50 3.57
CA GLU H 123 -56.40 17.64 2.99
C GLU H 123 -57.30 16.47 3.38
N ALA H 124 -56.81 15.24 3.18
CA ALA H 124 -57.59 14.07 3.54
C ALA H 124 -57.84 14.01 5.05
N ARG H 125 -56.81 14.31 5.85
CA ARG H 125 -56.95 14.30 7.30
C ARG H 125 -58.04 15.28 7.74
N LYS H 126 -58.07 16.46 7.15
CA LYS H 126 -59.14 17.40 7.45
C LYS H 126 -60.49 16.89 6.94
N LEU H 127 -60.50 16.15 5.83
CA LEU H 127 -61.74 15.57 5.34
C LEU H 127 -62.14 14.32 6.12
N GLY H 128 -61.19 13.63 6.73
CA GLY H 128 -61.49 12.48 7.55
C GLY H 128 -61.63 11.17 6.80
N VAL H 129 -61.05 11.05 5.61
CA VAL H 129 -61.12 9.83 4.82
C VAL H 129 -59.71 9.39 4.45
N GLY H 130 -59.56 8.08 4.22
CA GLY H 130 -58.30 7.53 3.76
C GLY H 130 -58.45 6.91 2.39
N GLY H 131 -57.41 6.21 1.92
CA GLY H 131 -57.47 5.57 0.63
C GLY H 131 -56.14 4.99 0.18
N GLU H 132 -55.84 5.12 -1.10
CA GLU H 132 -54.61 4.57 -1.66
C GLU H 132 -53.48 5.58 -1.55
N LEU H 133 -52.39 5.18 -0.92
CA LEU H 133 -51.21 6.04 -0.71
C LEU H 133 -50.41 6.08 -2.00
N ILE H 134 -50.73 7.07 -2.86
CA ILE H 134 -50.14 7.13 -4.19
C ILE H 134 -48.63 7.30 -4.11
N CYS H 135 -48.18 8.40 -3.51
CA CYS H 135 -46.76 8.74 -3.52
C CYS H 135 -46.47 9.75 -2.43
N GLU H 136 -45.20 9.79 -2.03
CA GLU H 136 -44.70 10.78 -1.08
C GLU H 136 -43.77 11.75 -1.80
N VAL H 137 -43.90 13.03 -1.48
CA VAL H 137 -43.14 14.09 -2.13
C VAL H 137 -42.68 15.09 -1.07
N TRP H 138 -41.40 15.44 -1.11
CA TRP H 138 -40.86 16.49 -0.24
C TRP H 138 -39.57 17.08 -0.79
N GLU I 1 72.86 37.70 -23.30
CA GLU I 1 73.82 37.50 -22.21
C GLU I 1 73.50 36.22 -21.45
N GLN I 2 72.31 36.17 -20.85
CA GLN I 2 71.91 35.01 -20.05
C GLN I 2 70.40 34.99 -19.93
N TYR I 3 69.81 33.81 -20.11
CA TYR I 3 68.37 33.63 -20.04
C TYR I 3 68.05 32.48 -19.11
N TYR I 4 67.12 32.70 -18.18
CA TYR I 4 66.86 31.77 -17.10
C TYR I 4 65.51 31.06 -17.29
N GLY I 5 65.48 29.78 -16.93
CA GLY I 5 64.26 28.99 -16.89
C GLY I 5 64.23 28.07 -15.69
N THR I 6 63.06 27.88 -15.09
CA THR I 6 62.98 27.05 -13.87
C THR I 6 62.62 25.60 -14.19
N GLY I 7 61.42 25.38 -14.72
CA GLY I 7 60.98 24.02 -14.99
C GLY I 7 60.74 23.19 -13.74
N ARG I 8 59.82 22.23 -13.80
CA ARG I 8 59.53 21.38 -12.66
C ARG I 8 58.74 20.16 -13.13
N ARG I 9 59.07 19.01 -12.57
CA ARG I 9 58.40 17.77 -12.96
C ARG I 9 58.55 16.75 -11.84
N LYS I 10 57.42 16.36 -11.23
CA LYS I 10 57.38 15.24 -10.30
C LYS I 10 58.37 15.43 -9.14
N GLU I 11 58.25 16.58 -8.47
CA GLU I 11 59.06 16.91 -7.30
C GLU I 11 60.55 17.01 -7.64
N ALA I 12 60.85 17.89 -8.59
CA ALA I 12 62.23 18.11 -9.02
C ALA I 12 62.34 19.50 -9.64
N VAL I 13 63.42 20.20 -9.33
CA VAL I 13 63.68 21.53 -9.86
C VAL I 13 65.03 21.51 -10.58
N ALA I 14 65.17 22.38 -11.58
CA ALA I 14 66.39 22.43 -12.38
C ALA I 14 66.56 23.85 -12.93
N ARG I 15 67.37 24.66 -12.24
CA ARG I 15 67.69 25.98 -12.73
C ARG I 15 68.48 25.86 -14.04
N VAL I 16 67.95 26.46 -15.10
CA VAL I 16 68.55 26.42 -16.43
C VAL I 16 69.02 27.81 -16.77
N PHE I 17 70.33 27.96 -16.98
CA PHE I 17 70.94 29.23 -17.39
C PHE I 17 71.49 29.04 -18.80
N LEU I 18 70.90 29.73 -19.77
CA LEU I 18 71.34 29.67 -21.15
C LEU I 18 72.22 30.87 -21.43
N ARG I 19 73.47 30.60 -21.81
CA ARG I 19 74.44 31.63 -22.16
C ARG I 19 74.97 31.27 -23.54
N PRO I 20 74.95 32.20 -24.50
CA PRO I 20 75.38 31.86 -25.87
C PRO I 20 76.82 31.35 -25.90
N GLY I 21 76.98 30.14 -26.42
CA GLY I 21 78.29 29.52 -26.47
C GLY I 21 78.37 28.42 -27.54
N ASN I 22 79.24 27.45 -27.29
CA ASN I 22 79.49 26.40 -28.28
C ASN I 22 78.32 25.43 -28.38
N GLY I 23 77.71 25.09 -27.24
CA GLY I 23 76.62 24.14 -27.23
C GLY I 23 76.84 23.00 -26.25
N LYS I 24 77.82 23.17 -25.37
CA LYS I 24 78.14 22.18 -24.35
C LYS I 24 77.47 22.53 -23.04
N VAL I 25 76.94 21.51 -22.35
CA VAL I 25 76.08 21.69 -21.19
C VAL I 25 76.79 21.16 -19.95
N THR I 26 76.67 21.91 -18.86
CA THR I 26 77.16 21.52 -17.55
C THR I 26 75.98 21.36 -16.61
N VAL I 27 75.98 20.27 -15.84
CA VAL I 27 74.89 19.97 -14.90
C VAL I 27 75.54 19.60 -13.57
N ASN I 28 75.42 20.49 -12.59
CA ASN I 28 75.99 20.28 -11.25
C ASN I 28 77.50 20.03 -11.31
N GLY I 29 78.19 20.81 -12.14
CA GLY I 29 79.62 20.66 -12.33
C GLY I 29 80.02 19.50 -13.21
N GLN I 30 79.16 18.50 -13.39
CA GLN I 30 79.44 17.36 -14.25
C GLN I 30 78.96 17.64 -15.67
N ASP I 31 79.48 16.85 -16.60
CA ASP I 31 79.03 16.95 -17.98
C ASP I 31 77.61 16.41 -18.11
N PHE I 32 76.96 16.78 -19.21
CA PHE I 32 75.60 16.30 -19.46
C PHE I 32 75.57 14.79 -19.64
N ASN I 33 76.67 14.19 -20.10
CA ASN I 33 76.72 12.76 -20.36
C ASN I 33 77.33 11.97 -19.20
N GLU I 34 77.91 12.64 -18.20
CA GLU I 34 78.41 11.93 -17.02
C GLU I 34 77.37 11.84 -15.92
N TYR I 35 76.37 12.71 -15.94
CA TYR I 35 75.18 12.54 -15.11
C TYR I 35 74.22 11.55 -15.75
N PHE I 36 73.99 11.71 -17.04
CA PHE I 36 73.15 10.87 -17.89
C PHE I 36 74.03 9.83 -18.59
N GLN I 37 73.58 9.32 -19.74
CA GLN I 37 74.28 8.28 -20.51
C GLN I 37 74.33 6.97 -19.74
N GLY I 38 73.17 6.34 -19.68
CA GLY I 38 72.85 5.21 -18.84
C GLY I 38 71.37 5.37 -18.62
N LEU I 39 70.89 6.54 -19.07
CA LEU I 39 69.48 6.88 -19.15
C LEU I 39 69.21 7.26 -20.59
N VAL I 40 68.38 6.47 -21.28
CA VAL I 40 68.19 6.67 -22.71
C VAL I 40 67.35 7.92 -22.99
N ARG I 41 66.45 8.29 -22.07
CA ARG I 41 65.59 9.45 -22.29
C ARG I 41 66.31 10.78 -22.08
N ALA I 42 67.60 10.75 -21.76
CA ALA I 42 68.32 11.99 -21.44
C ALA I 42 68.27 12.97 -22.60
N VAL I 43 68.36 12.47 -23.84
CA VAL I 43 68.34 13.34 -25.01
C VAL I 43 67.08 14.20 -25.02
N ALA I 44 65.99 13.70 -24.45
CA ALA I 44 64.74 14.46 -24.42
C ALA I 44 64.90 15.80 -23.72
N ALA I 45 65.82 15.88 -22.74
CA ALA I 45 66.04 17.13 -22.03
C ALA I 45 66.52 18.24 -22.96
N LEU I 46 67.05 17.90 -24.13
CA LEU I 46 67.50 18.88 -25.11
C LEU I 46 66.49 19.08 -26.24
N GLU I 47 65.30 18.50 -26.13
CA GLU I 47 64.31 18.65 -27.17
C GLU I 47 63.89 20.08 -27.46
N PRO I 48 63.76 20.99 -26.48
CA PRO I 48 63.42 22.38 -26.83
C PRO I 48 64.35 23.00 -27.87
N LEU I 49 65.67 22.82 -27.72
CA LEU I 49 66.60 23.36 -28.69
C LEU I 49 66.33 22.79 -30.08
N ARG I 50 66.23 21.47 -30.19
CA ARG I 50 65.87 20.85 -31.45
C ARG I 50 64.54 21.39 -31.98
N ALA I 51 63.63 21.79 -31.08
CA ALA I 51 62.38 22.39 -31.51
C ALA I 51 62.63 23.65 -32.32
N VAL I 52 63.55 24.50 -31.86
CA VAL I 52 63.94 25.67 -32.63
C VAL I 52 65.16 25.41 -33.50
N ASP I 53 65.70 24.18 -33.47
CA ASP I 53 66.82 23.76 -34.31
C ASP I 53 68.05 24.62 -34.09
N ALA I 54 68.24 25.12 -32.88
CA ALA I 54 69.44 25.92 -32.59
C ALA I 54 70.63 25.01 -32.31
N LEU I 55 70.58 24.29 -31.18
CA LEU I 55 71.45 23.14 -30.89
C LEU I 55 72.93 23.49 -30.79
N GLY I 56 73.30 24.71 -31.16
CA GLY I 56 74.70 25.11 -31.10
C GLY I 56 74.89 26.55 -30.69
N HIS I 57 73.79 27.25 -30.42
CA HIS I 57 73.84 28.67 -30.10
C HIS I 57 73.83 28.95 -28.61
N PHE I 58 73.54 27.94 -27.77
CA PHE I 58 73.39 28.14 -26.34
C PHE I 58 74.17 27.07 -25.58
N ASP I 59 75.17 27.48 -24.80
CA ASP I 59 75.66 26.67 -23.71
C ASP I 59 74.69 26.76 -22.54
N ALA I 60 74.64 25.70 -21.75
CA ALA I 60 73.69 25.62 -20.64
C ALA I 60 74.43 25.28 -19.35
N TYR I 61 74.06 25.98 -18.29
CA TYR I 61 74.50 25.66 -16.94
C TYR I 61 73.26 25.34 -16.12
N ILE I 62 73.12 24.10 -15.68
CA ILE I 62 71.90 23.62 -15.05
C ILE I 62 72.23 23.11 -13.65
N THR I 63 71.41 23.48 -12.69
CA THR I 63 71.53 23.05 -11.30
C THR I 63 70.24 22.31 -10.94
N VAL I 64 70.33 20.99 -10.82
CA VAL I 64 69.16 20.12 -10.69
C VAL I 64 69.17 19.46 -9.33
N ARG I 65 68.00 19.37 -8.71
CA ARG I 65 67.83 18.66 -7.45
C ARG I 65 66.36 18.35 -7.24
N GLY I 66 66.08 17.16 -6.72
CA GLY I 66 64.71 16.72 -6.52
C GLY I 66 64.34 15.50 -7.32
N GLY I 67 63.49 14.65 -6.75
CA GLY I 67 62.99 13.43 -7.37
C GLY I 67 64.11 12.53 -7.85
N GLY I 68 63.81 11.78 -8.92
CA GLY I 68 64.79 10.97 -9.59
C GLY I 68 65.25 11.61 -10.88
N LYS I 69 66.23 10.95 -11.52
CA LYS I 69 66.89 11.56 -12.67
C LYS I 69 65.99 11.71 -13.89
N SER I 70 64.92 10.92 -13.99
CA SER I 70 64.01 11.05 -15.13
C SER I 70 63.13 12.30 -14.98
N GLY I 71 62.53 12.49 -13.81
CA GLY I 71 61.87 13.74 -13.52
C GLY I 71 62.82 14.93 -13.64
N GLN I 72 64.10 14.72 -13.30
CA GLN I 72 65.09 15.76 -13.50
C GLN I 72 65.30 16.07 -14.97
N ILE I 73 65.29 15.04 -15.83
CA ILE I 73 65.41 15.25 -17.27
C ILE I 73 64.24 16.08 -17.78
N ASP I 74 63.02 15.74 -17.36
CA ASP I 74 61.87 16.48 -17.83
C ASP I 74 61.83 17.90 -17.26
N ALA I 75 62.31 18.09 -16.03
CA ALA I 75 62.41 19.43 -15.47
C ALA I 75 63.44 20.27 -16.23
N ILE I 76 64.55 19.64 -16.65
CA ILE I 76 65.52 20.33 -17.49
C ILE I 76 64.88 20.72 -18.82
N LYS I 77 64.08 19.83 -19.38
CA LYS I 77 63.34 20.15 -20.60
C LYS I 77 62.50 21.41 -20.42
N LEU I 78 61.70 21.45 -19.36
CA LEU I 78 60.83 22.59 -19.14
C LEU I 78 61.63 23.87 -18.85
N GLY I 79 62.74 23.74 -18.12
CA GLY I 79 63.56 24.91 -17.85
C GLY I 79 64.21 25.48 -19.10
N ILE I 80 64.72 24.61 -19.96
CA ILE I 80 65.25 25.06 -21.24
C ILE I 80 64.16 25.73 -22.07
N ALA I 81 62.95 25.15 -22.06
CA ALA I 81 61.85 25.76 -22.79
C ALA I 81 61.55 27.16 -22.26
N ARG I 82 61.51 27.32 -20.94
CA ARG I 82 61.18 28.63 -20.36
C ARG I 82 62.26 29.66 -20.65
N ALA I 83 63.54 29.26 -20.53
CA ALA I 83 64.61 30.19 -20.83
C ALA I 83 64.62 30.58 -22.30
N LEU I 84 64.37 29.60 -23.19
CA LEU I 84 64.33 29.89 -24.61
C LEU I 84 63.15 30.80 -24.96
N VAL I 85 62.02 30.65 -24.25
CA VAL I 85 60.89 31.54 -24.45
C VAL I 85 61.23 32.95 -23.97
N GLN I 86 61.91 33.05 -22.82
CA GLN I 86 62.33 34.36 -22.34
C GLN I 86 63.31 35.03 -23.28
N TYR I 87 64.10 34.24 -24.01
CA TYR I 87 64.98 34.80 -25.03
C TYR I 87 64.18 35.54 -26.10
N ASN I 88 63.25 34.84 -26.74
CA ASN I 88 62.42 35.41 -27.78
C ASN I 88 60.98 34.94 -27.59
N PRO I 89 60.04 35.85 -27.33
CA PRO I 89 58.64 35.42 -27.14
C PRO I 89 58.05 34.79 -28.38
N ASP I 90 58.52 35.17 -29.57
CA ASP I 90 58.04 34.57 -30.81
C ASP I 90 58.29 33.08 -30.89
N TYR I 91 59.12 32.52 -30.00
CA TYR I 91 59.33 31.09 -29.95
C TYR I 91 58.16 30.33 -29.33
N ARG I 92 57.30 31.02 -28.58
CA ARG I 92 56.17 30.34 -27.95
C ARG I 92 55.27 29.70 -29.00
N ALA I 93 54.98 30.42 -30.08
CA ALA I 93 54.17 29.87 -31.15
C ALA I 93 54.81 28.64 -31.78
N LYS I 94 56.13 28.48 -31.65
CA LYS I 94 56.80 27.29 -32.13
C LYS I 94 56.93 26.21 -31.08
N LEU I 95 56.76 26.56 -29.79
CA LEU I 95 56.88 25.58 -28.72
C LEU I 95 55.54 25.13 -28.15
N LYS I 96 54.47 25.90 -28.34
CA LYS I 96 53.17 25.54 -27.80
C LYS I 96 52.59 24.30 -28.45
N PRO I 97 52.63 24.15 -29.79
CA PRO I 97 52.14 22.89 -30.38
C PRO I 97 52.86 21.66 -29.87
N LEU I 98 54.17 21.77 -29.61
CA LEU I 98 54.94 20.66 -29.06
C LEU I 98 54.67 20.45 -27.57
N GLY I 99 54.05 21.41 -26.90
CA GLY I 99 53.72 21.25 -25.49
C GLY I 99 54.90 21.25 -24.55
N PHE I 100 56.07 21.74 -25.00
CA PHE I 100 57.23 21.75 -24.11
C PHE I 100 57.07 22.75 -22.98
N LEU I 101 56.25 23.78 -23.18
CA LEU I 101 55.98 24.76 -22.13
C LEU I 101 54.88 24.32 -21.17
N THR I 102 54.32 23.13 -21.37
CA THR I 102 53.29 22.61 -20.49
C THR I 102 53.93 21.98 -19.25
N ARG I 103 53.40 22.31 -18.08
CA ARG I 103 53.88 21.73 -16.84
C ARG I 103 53.19 20.39 -16.60
N ASP I 104 53.97 19.35 -16.37
CA ASP I 104 53.44 18.01 -16.16
C ASP I 104 53.05 17.86 -14.69
N ALA I 105 51.74 17.87 -14.42
CA ALA I 105 51.21 17.87 -13.07
C ALA I 105 50.95 16.47 -12.52
N ARG I 106 51.48 15.43 -13.16
CA ARG I 106 51.31 14.08 -12.65
C ARG I 106 52.21 13.89 -11.42
N VAL I 107 51.59 13.65 -10.26
CA VAL I 107 52.32 13.47 -9.01
C VAL I 107 51.91 12.13 -8.41
N VAL I 108 52.80 11.57 -7.58
CA VAL I 108 52.52 10.30 -6.93
C VAL I 108 51.29 10.45 -6.04
N GLU I 109 50.28 9.63 -6.30
CA GLU I 109 49.03 9.72 -5.56
C GLU I 109 49.21 9.21 -4.14
N ARG I 110 48.67 9.97 -3.17
CA ARG I 110 48.86 9.66 -1.76
C ARG I 110 48.25 8.31 -1.39
N LYS I 111 48.96 7.56 -0.57
CA LYS I 111 48.47 6.26 -0.12
C LYS I 111 47.34 6.43 0.89
N LYS I 112 46.40 5.49 0.86
CA LYS I 112 45.15 5.62 1.60
C LYS I 112 44.91 4.39 2.46
N TYR I 113 44.30 4.60 3.62
CA TYR I 113 44.02 3.51 4.54
C TYR I 113 43.05 2.51 3.92
N GLY I 114 43.11 1.27 4.40
CA GLY I 114 42.30 0.20 3.88
C GLY I 114 42.83 -0.45 2.62
N LYS I 115 43.67 0.23 1.86
CA LYS I 115 44.27 -0.29 0.64
C LYS I 115 45.75 -0.60 0.89
N HIS I 116 46.41 -1.11 -0.14
CA HIS I 116 47.83 -1.43 -0.08
C HIS I 116 48.71 -0.30 -0.59
N LYS I 117 48.51 0.12 -1.86
CA LYS I 117 49.20 1.31 -2.37
C LYS I 117 48.15 2.23 -3.01
N ALA I 118 47.41 2.94 -2.17
CA ALA I 118 46.55 4.07 -2.55
C ALA I 118 45.38 3.68 -3.45
N ARG I 119 45.47 2.53 -4.11
CA ARG I 119 44.34 1.96 -4.84
C ARG I 119 44.26 0.45 -4.76
N ARG I 120 45.36 -0.26 -4.49
CA ARG I 120 45.37 -1.72 -4.54
C ARG I 120 44.57 -2.26 -3.36
N ALA I 121 43.34 -2.66 -3.63
CA ALA I 121 42.49 -3.19 -2.57
C ALA I 121 43.02 -4.56 -2.13
N PRO I 122 42.99 -4.85 -0.83
CA PRO I 122 43.48 -6.15 -0.37
C PRO I 122 42.63 -7.29 -0.91
N GLN I 123 43.29 -8.36 -1.32
CA GLN I 123 42.60 -9.50 -1.90
C GLN I 123 41.71 -10.17 -0.86
N TYR I 124 40.52 -10.58 -1.29
CA TYR I 124 39.60 -11.34 -0.45
C TYR I 124 39.06 -12.51 -1.26
N SER I 125 38.77 -13.60 -0.57
CA SER I 125 38.31 -14.83 -1.22
C SER I 125 36.84 -15.14 -0.99
N LYS I 126 36.28 -14.71 0.15
CA LYS I 126 34.88 -14.87 0.50
C LYS I 126 34.54 -16.34 0.76
N ARG I 127 35.50 -17.23 0.53
CA ARG I 127 35.35 -18.66 0.81
C ARG I 127 36.67 -19.39 0.56
N LYS J 1 72.13 40.86 17.38
CA LYS J 1 72.55 39.48 17.55
C LYS J 1 71.84 38.82 18.73
N ILE J 2 70.52 38.66 18.60
CA ILE J 2 69.71 38.00 19.62
C ILE J 2 68.80 37.00 18.92
N ARG J 3 68.97 35.72 19.25
CA ARG J 3 68.20 34.66 18.62
C ARG J 3 66.81 34.57 19.23
N ILE J 4 65.79 34.66 18.39
CA ILE J 4 64.39 34.55 18.80
C ILE J 4 63.76 33.39 18.04
N LYS J 5 63.33 32.37 18.76
CA LYS J 5 62.66 31.20 18.19
C LYS J 5 61.25 31.12 18.76
N LEU J 6 60.26 31.51 17.98
CA LEU J 6 58.87 31.37 18.38
C LEU J 6 58.34 30.01 17.93
N ARG J 7 57.46 29.43 18.74
CA ARG J 7 56.84 28.17 18.39
C ARG J 7 55.41 28.14 18.89
N GLY J 8 54.55 27.45 18.14
CA GLY J 8 53.15 27.40 18.51
C GLY J 8 52.38 26.40 17.67
N PHE J 9 51.08 26.31 17.96
CA PHE J 9 50.17 25.45 17.22
C PHE J 9 49.27 26.22 16.26
N ASP J 10 49.28 27.56 16.33
CA ASP J 10 48.45 28.40 15.49
C ASP J 10 49.35 29.35 14.71
N HIS J 11 49.22 29.34 13.38
CA HIS J 11 50.05 30.20 12.56
C HIS J 11 49.60 31.66 12.64
N LYS J 12 48.30 31.89 12.84
CA LYS J 12 47.81 33.27 12.94
C LYS J 12 48.35 33.95 14.18
N THR J 13 48.35 33.25 15.32
CA THR J 13 48.85 33.86 16.56
C THR J 13 50.34 34.14 16.47
N LEU J 14 51.11 33.17 15.97
CA LEU J 14 52.54 33.38 15.79
C LEU J 14 52.82 34.55 14.85
N ASP J 15 52.08 34.62 13.75
CA ASP J 15 52.29 35.70 12.77
C ASP J 15 51.97 37.06 13.39
N ALA J 16 50.85 37.16 14.11
CA ALA J 16 50.49 38.42 14.74
C ALA J 16 51.52 38.83 15.78
N SER J 17 51.97 37.89 16.60
CA SER J 17 52.97 38.22 17.62
C SER J 17 54.29 38.63 16.99
N ALA J 18 54.67 37.97 15.88
CA ALA J 18 55.91 38.33 15.21
C ALA J 18 55.83 39.72 14.60
N GLN J 19 54.70 40.06 13.98
CA GLN J 19 54.54 41.42 13.44
C GLN J 19 54.52 42.45 14.56
N LYS J 20 53.93 42.11 15.71
CA LYS J 20 53.94 43.01 16.85
C LYS J 20 55.37 43.26 17.32
N ILE J 21 56.17 42.20 17.42
CA ILE J 21 57.57 42.36 17.83
C ILE J 21 58.34 43.20 16.82
N VAL J 22 58.08 42.98 15.52
CA VAL J 22 58.80 43.71 14.49
C VAL J 22 58.47 45.20 14.57
N GLU J 23 57.19 45.53 14.74
CA GLU J 23 56.81 46.93 14.81
C GLU J 23 57.28 47.59 16.11
N ALA J 24 57.32 46.83 17.21
CA ALA J 24 57.81 47.38 18.47
C ALA J 24 59.32 47.51 18.49
N ALA J 25 60.03 46.81 17.61
CA ALA J 25 61.48 46.94 17.54
C ALA J 25 61.95 47.88 16.44
N ARG J 26 61.13 48.14 15.43
CA ARG J 26 61.54 49.06 14.37
C ARG J 26 61.70 50.47 14.90
N ARG J 27 60.73 50.95 15.68
CA ARG J 27 60.77 52.31 16.19
C ARG J 27 61.87 52.51 17.23
N SER J 28 62.35 51.43 17.85
CA SER J 28 63.32 51.52 18.93
C SER J 28 64.65 50.85 18.63
N GLY J 29 64.78 50.15 17.51
CA GLY J 29 66.01 49.49 17.15
C GLY J 29 66.43 49.83 15.74
N ALA J 30 67.19 48.91 15.14
CA ALA J 30 67.71 49.05 13.80
C ALA J 30 66.79 48.34 12.81
N GLN J 31 67.25 48.23 11.55
CA GLN J 31 66.47 47.59 10.50
C GLN J 31 66.33 46.10 10.81
N VAL J 32 65.12 45.67 11.17
CA VAL J 32 64.88 44.29 11.54
C VAL J 32 64.91 43.41 10.30
N SER J 33 65.43 42.19 10.46
CA SER J 33 65.58 41.26 9.35
C SER J 33 64.33 40.42 9.11
N GLY J 34 63.21 40.74 9.75
CA GLY J 34 61.97 40.03 9.51
C GLY J 34 62.01 38.58 9.97
N PRO J 35 60.86 37.92 9.97
CA PRO J 35 60.80 36.51 10.39
C PRO J 35 61.12 35.55 9.25
N ILE J 36 61.60 34.38 9.64
CA ILE J 36 61.95 33.31 8.72
C ILE J 36 61.01 32.13 8.98
N PRO J 37 60.52 31.45 7.93
CA PRO J 37 59.44 30.47 8.13
C PRO J 37 59.75 29.31 9.08
N LEU J 38 60.98 28.76 9.06
CA LEU J 38 61.33 27.66 9.95
C LEU J 38 60.35 26.49 9.86
N PRO J 39 60.49 25.63 8.83
CA PRO J 39 59.42 24.69 8.44
C PRO J 39 58.70 23.95 9.57
N THR J 40 57.45 23.61 9.31
CA THR J 40 56.54 23.07 10.32
C THR J 40 56.90 21.65 10.70
N ARG J 41 56.71 21.32 11.99
CA ARG J 41 56.88 19.96 12.50
C ARG J 41 55.50 19.32 12.65
N VAL J 42 55.17 18.39 11.76
CA VAL J 42 53.86 17.75 11.74
C VAL J 42 53.98 16.37 12.38
N ARG J 43 53.08 16.06 13.31
CA ARG J 43 53.03 14.77 13.98
C ARG J 43 51.63 14.20 13.81
N ARG J 44 51.51 13.11 13.07
CA ARG J 44 50.22 12.52 12.76
C ARG J 44 49.89 11.38 13.71
N PHE J 45 48.59 11.09 13.82
CA PHE J 45 48.10 10.01 14.68
C PHE J 45 46.98 9.28 13.94
N THR J 46 47.21 8.01 13.62
CA THR J 46 46.20 7.17 12.98
C THR J 46 45.56 6.27 14.03
N VAL J 47 44.22 6.30 14.07
CA VAL J 47 43.46 5.63 15.13
C VAL J 47 42.15 5.11 14.55
N ILE J 48 41.88 3.82 14.76
CA ILE J 48 40.66 3.21 14.25
C ILE J 48 39.44 4.00 14.74
N ARG J 49 38.47 4.18 13.84
CA ARG J 49 37.26 4.92 14.20
C ARG J 49 36.47 4.18 15.28
N GLY J 50 36.13 2.93 15.03
CA GLY J 50 35.29 2.17 15.93
C GLY J 50 36.04 1.64 17.13
N PRO J 51 35.30 1.37 18.21
CA PRO J 51 35.91 0.71 19.38
C PRO J 51 36.15 -0.78 19.17
N PHE J 52 35.62 -1.36 18.11
CA PHE J 52 35.82 -2.76 17.76
C PHE J 52 36.45 -2.86 16.38
N LYS J 53 36.48 -4.08 15.83
CA LYS J 53 37.41 -4.48 14.78
C LYS J 53 37.59 -3.48 13.65
N HIS J 54 36.61 -3.38 12.75
CA HIS J 54 36.41 -2.27 11.81
C HIS J 54 37.72 -1.58 11.39
N LYS J 55 38.64 -2.34 10.80
CA LYS J 55 40.04 -1.96 10.70
C LYS J 55 40.34 -0.96 9.58
N ASP J 56 39.42 -0.73 8.65
CA ASP J 56 39.75 -0.01 7.42
C ASP J 56 39.14 1.40 7.35
N SER J 57 39.06 2.11 8.47
CA SER J 57 38.64 3.52 8.44
C SER J 57 39.71 4.47 8.96
N ARG J 58 40.12 4.35 10.22
CA ARG J 58 41.36 4.88 10.78
C ARG J 58 41.45 6.41 10.98
N GLU J 59 40.59 7.20 10.33
CA GLU J 59 40.35 8.62 10.64
C GLU J 59 41.53 9.37 11.27
N HIS J 60 42.67 9.46 10.60
CA HIS J 60 43.85 9.99 11.27
C HIS J 60 43.78 11.52 11.41
N PHE J 61 44.38 12.01 12.49
CA PHE J 61 44.51 13.42 12.81
C PHE J 61 45.98 13.84 12.72
N GLU J 62 46.22 15.14 12.94
CA GLU J 62 47.56 15.68 12.90
C GLU J 62 47.69 16.82 13.92
N LEU J 63 48.93 17.06 14.34
CA LEU J 63 49.26 18.15 15.24
C LEU J 63 50.53 18.81 14.71
N ARG J 64 50.43 20.08 14.32
CA ARG J 64 51.51 20.79 13.67
C ARG J 64 52.08 21.86 14.59
N THR J 65 53.40 22.03 14.52
CA THR J 65 54.12 23.01 15.32
C THR J 65 54.85 23.96 14.36
N HIS J 66 54.46 25.23 14.39
CA HIS J 66 55.06 26.25 13.55
C HIS J 66 56.07 27.06 14.35
N ASN J 67 57.07 27.60 13.66
CA ASN J 67 58.18 28.29 14.29
C ASN J 67 58.51 29.57 13.52
N ARG J 68 59.09 30.53 14.23
CA ARG J 68 59.43 31.84 13.68
C ARG J 68 60.80 32.26 14.16
N LEU J 69 61.49 33.06 13.33
CA LEU J 69 62.92 33.33 13.45
C LEU J 69 63.21 34.83 13.28
N VAL J 70 62.55 35.66 14.11
CA VAL J 70 62.65 37.12 13.99
C VAL J 70 64.10 37.56 13.88
N ASP J 71 64.91 37.26 14.90
CA ASP J 71 66.36 37.46 14.88
C ASP J 71 66.74 38.92 14.61
N ILE J 72 66.41 39.77 15.58
CA ILE J 72 66.70 41.20 15.48
C ILE J 72 68.20 41.43 15.53
N ILE J 73 68.72 42.25 14.61
CA ILE J 73 70.11 42.68 14.64
C ILE J 73 70.19 43.99 15.41
N ASN J 74 71.39 44.30 15.90
CA ASN J 74 71.67 45.51 16.67
C ASN J 74 70.79 45.56 17.92
N PRO J 75 71.08 44.73 18.94
CA PRO J 75 70.27 44.77 20.15
C PRO J 75 70.46 46.06 20.92
N ASN J 76 69.89 47.15 20.40
CA ASN J 76 70.04 48.45 21.04
C ASN J 76 69.38 48.45 22.40
N ARG J 77 69.90 49.30 23.29
CA ARG J 77 69.36 49.40 24.63
C ARG J 77 67.98 50.04 24.66
N LYS J 78 67.61 50.77 23.59
CA LYS J 78 66.28 51.36 23.50
C LYS J 78 65.23 50.38 23.01
N THR J 79 65.64 49.25 22.41
CA THR J 79 64.70 48.34 21.80
C THR J 79 63.84 47.62 22.84
N ILE J 80 64.46 47.23 23.97
CA ILE J 80 63.74 46.46 24.97
C ILE J 80 62.78 47.31 25.78
N GLU J 81 62.73 48.61 25.52
CA GLU J 81 61.74 49.46 26.20
C GLU J 81 60.33 49.05 25.80
N GLN J 82 60.04 49.03 24.50
CA GLN J 82 58.74 48.59 24.01
C GLN J 82 58.59 47.08 24.03
N LEU J 83 59.56 46.34 24.57
CA LEU J 83 59.57 44.89 24.49
C LEU J 83 59.73 44.30 25.88
N MET J 84 59.72 42.96 25.92
CA MET J 84 59.98 42.11 27.07
C MET J 84 58.82 42.11 28.08
N THR J 85 57.88 43.05 27.94
CA THR J 85 56.54 42.83 28.49
C THR J 85 55.55 43.66 27.65
N LEU J 86 55.12 43.06 26.53
CA LEU J 86 54.00 43.57 25.75
C LEU J 86 53.55 42.42 24.84
N ASP J 87 52.46 41.74 25.20
CA ASP J 87 52.05 40.59 24.39
C ASP J 87 50.58 40.28 24.60
N LEU J 88 49.87 40.09 23.49
CA LEU J 88 48.54 39.50 23.44
C LEU J 88 48.56 37.96 23.43
N PRO J 89 49.41 37.30 22.62
CA PRO J 89 49.24 35.85 22.41
C PRO J 89 49.40 35.04 23.69
N THR J 90 48.71 33.90 23.72
CA THR J 90 48.72 32.98 24.86
C THR J 90 49.35 31.65 24.50
N GLY J 91 48.85 30.96 23.48
CA GLY J 91 49.37 29.66 23.11
C GLY J 91 50.60 29.73 22.24
N VAL J 92 51.60 30.49 22.68
CA VAL J 92 52.83 30.71 21.93
C VAL J 92 54.00 30.67 22.90
N GLU J 93 55.01 29.86 22.58
CA GLU J 93 56.22 29.78 23.39
C GLU J 93 57.36 30.52 22.70
N ILE J 94 58.17 31.21 23.51
CA ILE J 94 59.23 32.08 23.01
C ILE J 94 60.57 31.55 23.51
N GLU J 95 61.56 31.52 22.63
CA GLU J 95 62.92 31.14 22.97
C GLU J 95 63.85 32.31 22.67
N ILE J 96 64.71 32.63 23.62
CA ILE J 96 65.63 33.77 23.50
C ILE J 96 67.04 33.30 23.81
N LYS J 97 67.98 33.67 22.95
CA LYS J 97 69.39 33.33 23.16
C LYS J 97 70.26 34.49 22.70
N THR J 98 71.52 34.43 23.08
CA THR J 98 72.48 35.48 22.73
C THR J 98 73.12 35.24 21.36
N VAL J 99 73.11 36.27 20.53
N LYS K 1 26.28 -36.50 -68.75
CA LYS K 1 26.68 -35.98 -70.06
C LYS K 1 25.46 -35.79 -70.96
N ARG K 2 24.85 -34.61 -70.88
CA ARG K 2 23.67 -34.30 -71.70
C ARG K 2 23.81 -32.96 -72.39
N GLN K 3 24.62 -32.06 -71.81
CA GLN K 3 24.84 -30.72 -72.34
C GLN K 3 23.52 -29.94 -72.44
N VAL K 4 22.94 -29.69 -71.27
CA VAL K 4 21.64 -29.02 -71.20
C VAL K 4 21.76 -27.53 -71.49
N ALA K 5 22.76 -26.87 -70.89
CA ALA K 5 23.14 -25.49 -71.18
C ALA K 5 22.12 -24.46 -70.71
N SER K 6 20.97 -24.91 -70.21
CA SER K 6 19.96 -24.01 -69.65
C SER K 6 18.91 -24.81 -68.91
N GLY K 7 18.60 -24.43 -67.68
CA GLY K 7 17.64 -25.16 -66.89
C GLY K 7 17.07 -24.35 -65.74
N ARG K 8 16.54 -25.06 -64.76
CA ARG K 8 15.93 -24.48 -63.57
C ARG K 8 16.74 -24.85 -62.33
N ALA K 9 16.54 -24.06 -61.27
CA ALA K 9 17.23 -24.28 -60.00
C ALA K 9 16.23 -24.12 -58.87
N TYR K 10 15.88 -25.22 -58.21
CA TYR K 10 14.96 -25.21 -57.09
C TYR K 10 15.74 -25.16 -55.78
N ILE K 11 15.30 -24.31 -54.86
CA ILE K 11 15.92 -24.15 -53.56
C ILE K 11 14.87 -24.46 -52.49
N HIS K 12 15.13 -25.50 -51.71
CA HIS K 12 14.25 -25.91 -50.62
C HIS K 12 14.94 -25.51 -49.32
N ALA K 13 14.48 -24.41 -48.72
CA ALA K 13 15.11 -23.82 -47.54
C ALA K 13 14.18 -23.98 -46.34
N SER K 14 14.55 -24.87 -45.43
CA SER K 14 13.85 -25.02 -44.16
C SER K 14 14.76 -24.56 -43.02
N TYR K 15 14.18 -24.44 -41.83
CA TYR K 15 14.96 -24.02 -40.67
C TYR K 15 16.00 -25.05 -40.26
N ASN K 16 15.94 -26.27 -40.81
CA ASN K 16 16.89 -27.33 -40.46
C ASN K 16 17.89 -27.66 -41.56
N ASN K 17 17.59 -27.33 -42.81
CA ASN K 17 18.50 -27.65 -43.91
C ASN K 17 18.07 -26.89 -45.15
N THR K 18 19.04 -26.64 -46.03
CA THR K 18 18.81 -26.04 -47.33
C THR K 18 19.35 -26.98 -48.40
N ILE K 19 18.53 -27.32 -49.38
CA ILE K 19 18.87 -28.30 -50.40
C ILE K 19 18.56 -27.72 -51.77
N VAL K 20 19.51 -27.83 -52.69
CA VAL K 20 19.43 -27.24 -54.03
C VAL K 20 19.34 -28.36 -55.04
N THR K 21 18.35 -28.30 -55.93
CA THR K 21 18.17 -29.27 -57.00
C THR K 21 18.16 -28.53 -58.33
N ILE K 22 19.12 -28.83 -59.18
CA ILE K 22 19.23 -28.23 -60.50
C ILE K 22 18.63 -29.19 -61.51
N THR K 23 17.68 -28.70 -62.31
CA THR K 23 16.92 -29.49 -63.26
C THR K 23 16.99 -28.87 -64.64
N ASP K 24 16.44 -29.58 -65.63
CA ASP K 24 16.29 -29.08 -66.98
C ASP K 24 15.03 -28.22 -67.07
N PRO K 25 14.81 -27.53 -68.19
CA PRO K 25 13.61 -26.69 -68.30
C PRO K 25 12.29 -27.44 -68.15
N ASP K 26 12.31 -28.77 -68.13
CA ASP K 26 11.11 -29.56 -67.89
C ASP K 26 11.00 -30.03 -66.44
N GLY K 27 12.00 -29.75 -65.61
CA GLY K 27 11.96 -30.10 -64.21
C GLY K 27 12.68 -31.38 -63.83
N ASN K 28 13.12 -32.16 -64.80
CA ASN K 28 13.86 -33.38 -64.51
C ASN K 28 15.23 -33.02 -63.96
N PRO K 29 15.61 -33.50 -62.78
CA PRO K 29 16.88 -33.07 -62.18
C PRO K 29 18.08 -33.64 -62.93
N ILE K 30 19.22 -33.00 -62.68
CA ILE K 30 20.48 -33.36 -63.31
C ILE K 30 21.49 -33.68 -62.21
N THR K 31 21.77 -32.68 -61.37
CA THR K 31 22.56 -32.83 -60.17
C THR K 31 21.85 -32.11 -59.04
N TRP K 32 22.40 -32.24 -57.83
CA TRP K 32 21.83 -31.59 -56.65
C TRP K 32 22.87 -31.60 -55.55
N SER K 33 22.54 -30.95 -54.44
CA SER K 33 23.40 -30.87 -53.27
C SER K 33 22.56 -30.44 -52.09
N SER K 34 23.19 -30.39 -50.92
CA SER K 34 22.53 -29.97 -49.68
C SER K 34 23.62 -29.75 -48.63
N GLY K 35 23.19 -29.38 -47.42
CA GLY K 35 24.13 -29.25 -46.33
C GLY K 35 24.76 -30.57 -45.93
N GLY K 36 24.08 -31.69 -46.21
CA GLY K 36 24.63 -32.99 -45.88
C GLY K 36 25.61 -33.51 -46.90
N VAL K 37 25.50 -33.07 -48.15
CA VAL K 37 26.48 -33.46 -49.16
C VAL K 37 27.82 -32.80 -48.86
N ILE K 38 27.80 -31.59 -48.31
CA ILE K 38 29.00 -30.99 -47.73
C ILE K 38 29.24 -31.67 -46.40
N GLY K 39 30.40 -31.45 -45.79
CA GLY K 39 30.76 -32.15 -44.57
C GLY K 39 29.83 -31.89 -43.40
N TYR K 40 29.02 -30.84 -43.46
CA TYR K 40 28.16 -30.48 -42.33
C TYR K 40 27.12 -31.56 -42.07
N LYS K 41 26.95 -31.91 -40.79
CA LYS K 41 26.16 -33.07 -40.39
C LYS K 41 24.93 -32.71 -39.56
N GLY K 42 25.11 -31.94 -38.49
CA GLY K 42 24.01 -31.69 -37.57
C GLY K 42 23.19 -30.46 -37.89
N SER K 43 23.09 -29.53 -36.92
CA SER K 43 22.36 -28.30 -37.15
C SER K 43 23.10 -27.33 -38.05
N ARG K 44 24.39 -27.56 -38.27
CA ARG K 44 25.19 -26.69 -39.14
C ARG K 44 24.69 -26.65 -40.58
N LYS K 45 23.74 -27.52 -40.94
CA LYS K 45 23.14 -27.46 -42.26
C LYS K 45 22.10 -26.36 -42.39
N GLY K 46 21.52 -25.91 -41.28
CA GLY K 46 20.53 -24.85 -41.32
C GLY K 46 21.13 -23.46 -41.29
N THR K 47 22.39 -23.35 -41.68
CA THR K 47 23.28 -22.20 -41.73
C THR K 47 23.29 -21.59 -43.12
N PRO K 48 23.23 -20.25 -43.22
CA PRO K 48 23.35 -19.61 -44.54
C PRO K 48 24.66 -19.93 -45.24
N TYR K 49 25.75 -20.09 -44.51
CA TYR K 49 27.02 -20.48 -45.12
C TYR K 49 26.93 -21.90 -45.70
N ALA K 50 26.27 -22.80 -44.97
CA ALA K 50 26.06 -24.15 -45.50
C ALA K 50 25.22 -24.11 -46.77
N ALA K 51 24.20 -23.25 -46.80
CA ALA K 51 23.38 -23.10 -48.00
C ALA K 51 24.21 -22.55 -49.15
N GLN K 52 25.13 -21.62 -48.87
CA GLN K 52 26.00 -21.10 -49.90
C GLN K 52 26.90 -22.20 -50.47
N LEU K 53 27.47 -23.03 -49.59
CA LEU K 53 28.30 -24.13 -50.06
C LEU K 53 27.50 -25.12 -50.89
N ALA K 54 26.26 -25.42 -50.47
CA ALA K 54 25.42 -26.33 -51.23
C ALA K 54 25.10 -25.76 -52.61
N ALA K 55 24.73 -24.49 -52.66
CA ALA K 55 24.42 -23.86 -53.94
C ALA K 55 25.63 -23.87 -54.87
N LEU K 56 26.80 -23.52 -54.34
CA LEU K 56 28.01 -23.48 -55.18
C LEU K 56 28.39 -24.88 -55.64
N ASP K 57 28.22 -25.89 -54.79
CA ASP K 57 28.53 -27.26 -55.19
C ASP K 57 27.60 -27.75 -56.28
N ALA K 58 26.29 -27.50 -56.12
CA ALA K 58 25.34 -27.89 -57.15
C ALA K 58 25.62 -27.15 -58.46
N ALA K 59 26.01 -25.88 -58.37
CA ALA K 59 26.34 -25.12 -59.57
C ALA K 59 27.56 -25.70 -60.27
N LYS K 60 28.60 -26.03 -59.51
CA LYS K 60 29.80 -26.61 -60.11
C LYS K 60 29.51 -27.99 -60.70
N LYS K 61 28.59 -28.74 -60.09
CA LYS K 61 28.18 -30.01 -60.69
C LYS K 61 27.43 -29.78 -62.00
N ALA K 62 26.59 -28.74 -62.05
CA ALA K 62 25.90 -28.41 -63.29
C ALA K 62 26.87 -27.90 -64.36
N MET K 63 28.01 -27.34 -63.95
CA MET K 63 29.02 -26.93 -64.91
C MET K 63 29.55 -28.12 -65.70
N ALA K 64 29.62 -29.29 -65.08
CA ALA K 64 30.05 -30.49 -65.79
C ALA K 64 29.11 -30.80 -66.96
N TYR K 65 27.81 -30.57 -66.77
CA TYR K 65 26.85 -30.69 -67.85
C TYR K 65 26.82 -29.47 -68.76
N GLY K 66 27.75 -28.54 -68.58
CA GLY K 66 27.87 -27.40 -69.47
C GLY K 66 26.68 -26.47 -69.46
N MET K 67 26.10 -26.21 -68.29
CA MET K 67 24.95 -25.32 -68.18
C MET K 67 25.40 -23.91 -67.82
N GLN K 68 24.76 -22.92 -68.43
CA GLN K 68 25.17 -21.53 -68.29
C GLN K 68 24.11 -20.66 -67.65
N SER K 69 22.85 -20.77 -68.09
CA SER K 69 21.77 -19.94 -67.57
C SER K 69 20.77 -20.81 -66.81
N VAL K 70 20.24 -20.28 -65.71
CA VAL K 70 19.29 -21.00 -64.88
C VAL K 70 18.10 -20.09 -64.57
N ASP K 71 17.00 -20.72 -64.18
CA ASP K 71 15.83 -20.04 -63.62
C ASP K 71 15.66 -20.52 -62.19
N VAL K 72 15.77 -19.61 -61.23
CA VAL K 72 15.78 -19.97 -59.81
C VAL K 72 14.35 -20.00 -59.29
N ILE K 73 14.06 -21.01 -58.46
CA ILE K 73 12.76 -21.19 -57.84
C ILE K 73 12.99 -21.43 -56.35
N VAL K 74 12.41 -20.57 -55.50
CA VAL K 74 12.59 -20.64 -54.07
C VAL K 74 11.34 -21.23 -53.43
N ARG K 75 11.52 -22.18 -52.52
CA ARG K 75 10.43 -22.75 -51.74
C ARG K 75 10.84 -22.84 -50.28
N GLY K 76 10.02 -22.28 -49.42
CA GLY K 76 10.21 -22.43 -47.99
C GLY K 76 10.88 -21.21 -47.36
N THR K 77 10.49 -20.91 -46.13
CA THR K 77 11.10 -19.85 -45.34
C THR K 77 12.11 -20.49 -44.40
N GLY K 78 13.39 -20.21 -44.63
CA GLY K 78 14.45 -20.74 -43.79
C GLY K 78 15.70 -19.90 -43.90
N ALA K 79 16.42 -19.80 -42.79
CA ALA K 79 17.68 -19.07 -42.79
C ALA K 79 18.64 -19.69 -43.78
N GLY K 80 19.10 -18.90 -44.74
CA GLY K 80 19.97 -19.37 -45.79
C GLY K 80 19.36 -19.39 -47.17
N ARG K 81 18.12 -18.94 -47.34
CA ARG K 81 17.54 -18.85 -48.67
C ARG K 81 18.23 -17.77 -49.49
N GLU K 82 18.31 -16.55 -48.95
CA GLU K 82 18.95 -15.45 -49.67
C GLU K 82 20.43 -15.70 -49.87
N GLN K 83 21.08 -16.41 -48.94
CA GLN K 83 22.49 -16.71 -49.13
C GLN K 83 22.71 -17.66 -50.30
N ALA K 84 21.83 -18.66 -50.44
CA ALA K 84 21.91 -19.54 -51.61
C ALA K 84 21.59 -18.78 -52.89
N ILE K 85 20.64 -17.84 -52.82
CA ILE K 85 20.34 -16.98 -53.97
C ILE K 85 21.60 -16.24 -54.41
N ARG K 86 22.23 -15.54 -53.46
CA ARG K 86 23.43 -14.76 -53.79
C ARG K 86 24.60 -15.65 -54.18
N ALA K 87 24.64 -16.89 -53.71
CA ALA K 87 25.68 -17.82 -54.13
C ALA K 87 25.50 -18.21 -55.59
N LEU K 88 24.27 -18.53 -55.99
CA LEU K 88 24.02 -18.88 -57.38
C LEU K 88 24.15 -17.68 -58.30
N GLN K 89 23.83 -16.48 -57.80
CA GLN K 89 23.82 -15.29 -58.64
C GLN K 89 25.20 -15.02 -59.25
N ALA K 90 26.23 -15.01 -58.41
CA ALA K 90 27.62 -14.86 -58.86
C ALA K 90 28.30 -16.20 -58.66
N SER K 91 28.11 -17.10 -59.62
CA SER K 91 28.79 -18.40 -59.61
C SER K 91 29.18 -18.83 -61.01
N GLY K 92 29.18 -17.91 -61.97
CA GLY K 92 29.31 -18.25 -63.37
C GLY K 92 27.99 -18.59 -64.01
N LEU K 93 27.04 -19.11 -63.24
CA LEU K 93 25.71 -19.38 -63.74
C LEU K 93 24.91 -18.09 -63.85
N GLN K 94 24.45 -17.78 -65.06
CA GLN K 94 23.58 -16.63 -65.26
C GLN K 94 22.20 -16.92 -64.67
N VAL K 95 21.78 -16.10 -63.71
CA VAL K 95 20.47 -16.24 -63.09
C VAL K 95 19.48 -15.37 -63.86
N LYS K 96 18.52 -16.02 -64.52
CA LYS K 96 17.59 -15.31 -65.38
C LYS K 96 16.39 -14.75 -64.61
N SER K 97 15.82 -15.52 -63.70
CA SER K 97 14.66 -15.06 -62.95
C SER K 97 14.57 -15.82 -61.63
N ILE K 98 14.31 -15.09 -60.56
CA ILE K 98 14.12 -15.66 -59.23
C ILE K 98 12.63 -15.62 -58.92
N VAL K 99 12.07 -16.76 -58.52
CA VAL K 99 10.63 -16.90 -58.30
C VAL K 99 10.41 -17.65 -57.00
N ASP K 100 9.59 -17.09 -56.12
CA ASP K 100 9.19 -17.75 -54.89
C ASP K 100 7.89 -18.50 -55.15
N ASP K 101 7.92 -19.82 -54.95
CA ASP K 101 6.78 -20.69 -55.20
C ASP K 101 6.53 -21.59 -53.99
N THR K 102 6.52 -20.99 -52.81
CA THR K 102 6.33 -21.76 -51.58
C THR K 102 4.92 -22.30 -51.54
N PRO K 103 4.74 -23.61 -51.34
CA PRO K 103 3.38 -24.17 -51.29
C PRO K 103 2.64 -23.80 -50.02
N VAL K 104 1.67 -22.89 -50.13
CA VAL K 104 0.83 -22.47 -49.01
C VAL K 104 -0.54 -23.12 -49.18
N PRO K 105 -1.07 -23.80 -48.16
CA PRO K 105 -2.39 -24.40 -48.29
C PRO K 105 -3.48 -23.36 -48.11
N HIS K 106 -4.69 -23.77 -48.49
CA HIS K 106 -5.90 -22.95 -48.33
C HIS K 106 -6.66 -23.37 -47.08
N ASN K 107 -5.91 -23.67 -46.01
CA ASN K 107 -6.42 -24.21 -44.75
C ASN K 107 -7.04 -25.60 -44.97
N GLY K 108 -6.21 -26.52 -45.45
CA GLY K 108 -6.64 -27.88 -45.71
C GLY K 108 -6.41 -28.87 -44.59
N CYS K 109 -5.18 -28.97 -44.12
CA CYS K 109 -4.80 -30.00 -43.15
C CYS K 109 -4.42 -29.38 -41.81
N ARG K 110 -4.51 -30.22 -40.77
CA ARG K 110 -4.22 -29.78 -39.41
C ARG K 110 -2.73 -29.91 -39.13
N PRO K 111 -2.04 -28.84 -38.72
CA PRO K 111 -0.61 -28.95 -38.47
C PRO K 111 -0.31 -29.72 -37.21
N LYS K 112 0.98 -29.99 -37.00
CA LYS K 112 1.43 -30.57 -35.75
C LYS K 112 1.38 -29.50 -34.65
N LYS K 113 1.42 -29.97 -33.40
CA LYS K 113 1.41 -29.09 -32.24
C LYS K 113 2.47 -28.00 -32.33
N LYS K 114 3.56 -28.27 -33.06
CA LYS K 114 4.60 -27.27 -33.26
C LYS K 114 4.11 -26.06 -34.02
N PHE K 115 3.19 -26.26 -34.97
CA PHE K 115 2.73 -25.19 -35.85
C PHE K 115 1.29 -24.76 -35.54
N ARG K 116 0.78 -25.08 -34.36
CA ARG K 116 -0.61 -24.81 -34.03
C ARG K 116 -0.78 -23.35 -33.62
N LYS K 117 -1.93 -23.04 -33.03
CA LYS K 117 -2.41 -21.66 -32.84
C LYS K 117 -2.63 -20.98 -34.19
N ALA K 118 -2.91 -21.79 -35.21
CA ALA K 118 -3.23 -21.32 -36.55
C ALA K 118 -3.96 -22.44 -37.27
N SER K 119 -4.31 -22.21 -38.52
CA SER K 119 -5.03 -23.21 -39.30
C SER K 119 -4.54 -23.27 -40.75
N PRO L 1 -35.91 -9.85 -3.86
CA PRO L 1 -36.99 -10.65 -4.47
C PRO L 1 -38.30 -9.86 -4.56
N THR L 2 -39.08 -10.11 -5.60
CA THR L 2 -40.33 -9.38 -5.77
C THR L 2 -41.33 -9.79 -4.68
N ILE L 3 -42.34 -8.95 -4.48
CA ILE L 3 -43.36 -9.20 -3.46
C ILE L 3 -44.10 -10.50 -3.77
N ASN L 4 -44.41 -10.74 -5.04
CA ASN L 4 -45.06 -11.99 -5.41
C ASN L 4 -44.18 -13.19 -5.07
N GLN L 5 -42.86 -13.07 -5.26
CA GLN L 5 -41.95 -14.12 -4.86
C GLN L 5 -42.01 -14.36 -3.35
N LEU L 6 -42.11 -13.29 -2.56
CA LEU L 6 -42.19 -13.44 -1.11
C LEU L 6 -43.51 -14.08 -0.69
N VAL L 7 -44.58 -13.80 -1.42
CA VAL L 7 -45.85 -14.48 -1.14
C VAL L 7 -45.76 -15.96 -1.51
N ARG L 8 -45.01 -16.29 -2.56
CA ARG L 8 -44.89 -17.68 -2.98
C ARG L 8 -43.88 -18.44 -2.12
N LYS L 9 -42.66 -17.92 -2.00
CA LYS L 9 -41.58 -18.63 -1.31
C LYS L 9 -41.46 -18.21 0.15
N GLY L 10 -41.45 -16.91 0.44
CA GLY L 10 -41.32 -16.42 1.79
C GLY L 10 -39.89 -16.48 2.30
N ARG L 11 -39.64 -15.69 3.35
CA ARG L 11 -38.33 -15.68 3.97
C ARG L 11 -38.12 -16.94 4.79
N GLU L 12 -36.86 -17.36 4.89
CA GLU L 12 -36.48 -18.59 5.56
C GLU L 12 -35.81 -18.25 6.89
N LYS L 13 -36.45 -18.65 7.99
CA LYS L 13 -35.88 -18.39 9.30
C LYS L 13 -34.64 -19.25 9.51
N VAL L 14 -33.59 -18.61 10.05
CA VAL L 14 -32.31 -19.28 10.26
C VAL L 14 -32.30 -19.91 11.66
N ARG L 15 -31.94 -21.18 11.72
CA ARG L 15 -31.79 -21.90 12.98
C ARG L 15 -30.32 -22.00 13.33
N LYS L 16 -30.01 -21.89 14.62
CA LYS L 16 -28.64 -21.93 15.11
C LYS L 16 -28.34 -23.30 15.71
N LYS L 17 -27.25 -23.91 15.25
CA LYS L 17 -26.81 -25.19 15.79
C LYS L 17 -26.19 -24.99 17.16
N SER L 18 -26.55 -25.86 18.09
CA SER L 18 -26.05 -25.75 19.45
C SER L 18 -24.57 -26.11 19.50
N LYS L 19 -23.77 -25.23 20.10
CA LYS L 19 -22.35 -25.50 20.27
C LYS L 19 -22.07 -26.52 21.38
N VAL L 20 -23.06 -26.80 22.22
CA VAL L 20 -22.89 -27.73 23.34
C VAL L 20 -24.01 -28.77 23.29
N PRO L 21 -23.87 -29.85 22.53
CA PRO L 21 -24.86 -30.93 22.57
C PRO L 21 -24.78 -31.77 23.83
N ALA L 22 -24.90 -31.11 24.99
CA ALA L 22 -25.23 -31.80 26.22
C ALA L 22 -26.75 -31.93 26.24
N LEU L 23 -27.24 -33.12 25.92
CA LEU L 23 -28.64 -33.32 25.57
C LEU L 23 -29.55 -32.87 26.70
N LYS L 24 -30.83 -32.70 26.36
CA LYS L 24 -31.85 -32.08 27.20
C LYS L 24 -31.55 -30.60 27.46
N GLY L 25 -30.61 -30.02 26.71
CA GLY L 25 -30.23 -28.63 26.92
C GLY L 25 -29.75 -28.33 28.32
N ALA L 26 -29.20 -29.33 29.01
CA ALA L 26 -28.82 -29.16 30.40
C ALA L 26 -27.64 -28.20 30.53
N PRO L 27 -27.55 -27.48 31.65
CA PRO L 27 -26.39 -26.62 31.87
C PRO L 27 -25.15 -27.39 32.31
N PHE L 28 -25.36 -28.55 32.92
CA PHE L 28 -24.28 -29.45 33.31
C PHE L 28 -24.70 -30.88 33.05
N ARG L 29 -23.71 -31.77 33.00
CA ARG L 29 -24.01 -33.18 32.80
C ARG L 29 -22.96 -34.04 33.50
N ARG L 30 -23.43 -35.10 34.14
CA ARG L 30 -22.57 -36.03 34.86
C ARG L 30 -22.02 -37.09 33.92
N GLY L 31 -20.76 -37.48 34.13
CA GLY L 31 -20.16 -38.53 33.34
C GLY L 31 -19.04 -39.20 34.10
N VAL L 32 -18.57 -40.30 33.54
CA VAL L 32 -17.48 -41.08 34.09
C VAL L 32 -16.30 -41.00 33.13
N CYS L 33 -15.10 -40.76 33.66
CA CYS L 33 -13.94 -40.67 32.80
C CYS L 33 -13.63 -42.02 32.15
N THR L 34 -13.00 -41.96 30.98
CA THR L 34 -12.53 -43.15 30.28
C THR L 34 -11.01 -43.17 30.18
N VAL L 35 -10.42 -42.12 29.62
CA VAL L 35 -8.98 -41.91 29.60
C VAL L 35 -8.72 -40.48 30.03
N VAL L 36 -7.59 -40.27 30.69
CA VAL L 36 -7.12 -38.93 31.05
C VAL L 36 -5.81 -38.74 30.30
N ARG L 37 -5.87 -38.08 29.15
CA ARG L 37 -4.74 -37.95 28.25
C ARG L 37 -4.18 -36.54 28.28
N THR L 38 -3.17 -36.31 27.44
CA THR L 38 -2.52 -35.02 27.30
C THR L 38 -2.48 -34.68 25.81
N VAL L 39 -3.04 -33.53 25.46
CA VAL L 39 -3.18 -33.11 24.06
C VAL L 39 -2.29 -31.90 23.81
N THR L 40 -1.65 -31.86 22.65
CA THR L 40 -0.85 -30.73 22.21
C THR L 40 -1.71 -29.71 21.49
N PRO L 41 -1.50 -28.43 21.74
CA PRO L 41 -2.38 -27.39 21.18
C PRO L 41 -2.04 -27.08 19.72
N LYS L 42 -2.74 -26.10 19.17
CA LYS L 42 -2.65 -25.77 17.75
C LYS L 42 -1.58 -24.69 17.52
N LYS L 43 -1.58 -24.12 16.31
CA LYS L 43 -0.48 -23.40 15.66
C LYS L 43 0.39 -22.52 16.57
N PRO L 44 -0.16 -21.50 17.24
CA PRO L 44 0.71 -20.51 17.88
C PRO L 44 1.19 -20.87 19.27
N ASN L 45 0.65 -21.91 19.89
CA ASN L 45 0.94 -22.25 21.27
C ASN L 45 1.59 -23.62 21.37
N SER L 46 2.11 -23.91 22.56
CA SER L 46 2.77 -25.18 22.84
C SER L 46 2.68 -25.43 24.33
N ALA L 47 2.05 -26.53 24.72
CA ALA L 47 1.89 -26.90 26.14
C ALA L 47 1.43 -28.34 26.20
N LEU L 48 1.10 -28.80 27.40
CA LEU L 48 0.56 -30.14 27.63
C LEU L 48 -0.77 -29.97 28.34
N ARG L 49 -1.86 -29.97 27.58
CA ARG L 49 -3.18 -29.73 28.14
C ARG L 49 -3.78 -31.01 28.70
N LYS L 50 -4.45 -30.89 29.83
CA LYS L 50 -5.05 -32.04 30.51
C LYS L 50 -6.50 -32.19 30.04
N VAL L 51 -6.78 -33.30 29.36
CA VAL L 51 -8.10 -33.59 28.81
C VAL L 51 -8.55 -34.95 29.31
N ALA L 52 -9.85 -35.14 29.40
CA ALA L 52 -10.41 -36.43 29.81
C ALA L 52 -11.59 -36.76 28.91
N LYS L 53 -11.61 -37.99 28.38
CA LYS L 53 -12.72 -38.45 27.56
C LYS L 53 -13.83 -38.92 28.50
N VAL L 54 -14.82 -38.07 28.71
CA VAL L 54 -15.91 -38.35 29.64
C VAL L 54 -17.04 -39.04 28.89
N ARG L 55 -17.51 -40.15 29.45
CA ARG L 55 -18.70 -40.86 28.98
C ARG L 55 -19.90 -40.35 29.77
N LEU L 56 -20.83 -39.71 29.09
CA LEU L 56 -21.90 -38.96 29.74
C LEU L 56 -23.12 -39.82 30.01
N THR L 57 -23.94 -39.37 30.96
CA THR L 57 -25.27 -39.91 31.15
C THR L 57 -26.22 -39.53 30.03
N SER L 58 -25.81 -38.60 29.16
CA SER L 58 -26.59 -38.23 27.99
C SER L 58 -26.47 -39.24 26.85
N GLY L 59 -25.57 -40.21 26.96
CA GLY L 59 -25.32 -41.16 25.90
C GLY L 59 -24.08 -40.86 25.07
N TYR L 60 -23.52 -39.67 25.21
CA TYR L 60 -22.32 -39.28 24.48
C TYR L 60 -21.06 -39.68 25.23
N GLU L 61 -19.95 -39.70 24.50
CA GLU L 61 -18.61 -39.83 25.08
C GLU L 61 -17.75 -38.79 24.38
N VAL L 62 -17.47 -37.69 25.07
CA VAL L 62 -16.79 -36.54 24.47
C VAL L 62 -15.61 -36.13 25.34
N THR L 63 -14.62 -35.51 24.72
CA THR L 63 -13.46 -35.03 25.46
C THR L 63 -13.77 -33.68 26.10
N ALA L 64 -13.33 -33.52 27.35
CA ALA L 64 -13.57 -32.30 28.10
C ALA L 64 -12.30 -31.89 28.82
N TYR L 65 -12.15 -30.57 29.01
CA TYR L 65 -10.92 -30.01 29.52
C TYR L 65 -10.87 -30.07 31.05
N ILE L 66 -9.66 -30.25 31.57
CA ILE L 66 -9.42 -30.31 33.01
C ILE L 66 -8.69 -29.04 33.43
N PRO L 67 -9.40 -27.98 33.81
CA PRO L 67 -8.73 -26.72 34.18
C PRO L 67 -7.99 -26.86 35.50
N GLY L 68 -7.26 -25.81 35.84
CA GLY L 68 -6.55 -25.74 37.10
C GLY L 68 -5.11 -26.17 37.00
N GLU L 69 -4.35 -25.86 38.06
CA GLU L 69 -2.93 -26.22 38.11
C GLU L 69 -2.75 -27.73 38.17
N GLY L 70 -3.31 -28.37 39.19
CA GLY L 70 -3.20 -29.81 39.33
C GLY L 70 -4.56 -30.46 39.45
N HIS L 71 -4.64 -31.75 39.08
CA HIS L 71 -5.89 -32.48 39.13
C HIS L 71 -5.66 -33.88 39.68
N ASN L 72 -6.75 -34.52 40.10
CA ASN L 72 -6.72 -35.91 40.56
C ASN L 72 -7.90 -36.61 39.89
N LEU L 73 -7.67 -37.13 38.69
CA LEU L 73 -8.73 -37.78 37.92
C LEU L 73 -8.15 -39.07 37.34
N GLN L 74 -8.50 -40.20 37.95
CA GLN L 74 -8.06 -41.50 37.47
C GLN L 74 -9.01 -41.97 36.36
N GLU L 75 -8.91 -43.25 35.98
CA GLU L 75 -9.73 -43.77 34.90
C GLU L 75 -11.21 -43.76 35.27
N HIS L 76 -11.53 -44.27 36.46
CA HIS L 76 -12.92 -44.40 36.89
C HIS L 76 -13.42 -43.18 37.66
N SER L 77 -12.86 -42.00 37.40
CA SER L 77 -13.28 -40.79 38.09
C SER L 77 -14.62 -40.29 37.52
N VAL L 78 -15.56 -39.99 38.41
CA VAL L 78 -16.87 -39.48 38.05
C VAL L 78 -16.85 -37.97 38.18
N VAL L 79 -17.05 -37.26 37.08
CA VAL L 79 -16.92 -35.81 37.05
C VAL L 79 -18.12 -35.20 36.33
N LEU L 80 -18.39 -33.94 36.66
CA LEU L 80 -19.45 -33.17 36.04
C LEU L 80 -18.86 -32.16 35.06
N ILE L 81 -19.47 -32.03 33.89
CA ILE L 81 -18.96 -31.15 32.85
C ILE L 81 -19.98 -30.08 32.53
N ARG L 82 -19.47 -28.95 32.06
CA ARG L 82 -20.23 -27.77 31.67
C ARG L 82 -19.78 -27.33 30.28
N GLY L 83 -20.45 -26.32 29.75
CA GLY L 83 -20.08 -25.74 28.48
C GLY L 83 -18.78 -24.95 28.58
N GLY L 84 -18.46 -24.28 27.48
CA GLY L 84 -17.23 -23.51 27.39
C GLY L 84 -16.11 -24.31 26.77
N ARG L 85 -15.55 -23.81 25.67
CA ARG L 85 -14.56 -24.55 24.91
C ARG L 85 -13.15 -24.07 25.23
N VAL L 86 -12.18 -24.80 24.71
CA VAL L 86 -10.76 -24.45 24.78
C VAL L 86 -10.31 -24.21 23.35
N LYS L 87 -10.10 -22.94 22.99
CA LYS L 87 -9.87 -22.55 21.61
C LYS L 87 -8.66 -23.24 20.97
N LEU L 89 -7.54 -26.04 21.45
CA LEU L 89 -7.71 -27.48 21.41
C LEU L 89 -8.91 -27.86 20.55
N PRO L 90 -8.65 -28.18 19.28
CA PRO L 90 -9.75 -28.57 18.38
C PRO L 90 -10.42 -29.83 18.87
N GLY L 91 -11.75 -29.76 19.00
CA GLY L 91 -12.55 -30.88 19.44
C GLY L 91 -12.98 -30.81 20.90
N VAL L 92 -12.26 -30.05 21.72
CA VAL L 92 -12.59 -29.92 23.14
C VAL L 92 -13.58 -28.76 23.28
N ARG L 93 -14.84 -29.08 23.53
CA ARG L 93 -15.91 -28.09 23.61
C ARG L 93 -16.50 -27.98 25.01
N TYR L 94 -16.05 -28.79 25.96
CA TYR L 94 -16.65 -28.85 27.28
C TYR L 94 -15.56 -28.75 28.34
N HIS L 95 -15.93 -28.26 29.52
CA HIS L 95 -15.03 -28.11 30.65
C HIS L 95 -15.44 -29.01 31.78
N ILE L 96 -14.46 -29.47 32.56
CA ILE L 96 -14.74 -30.17 33.80
C ILE L 96 -15.05 -29.13 34.88
N VAL L 97 -16.06 -29.41 35.70
CA VAL L 97 -16.39 -28.55 36.83
C VAL L 97 -15.58 -29.04 38.03
N ARG L 98 -14.65 -28.20 38.49
CA ARG L 98 -13.78 -28.59 39.59
C ARG L 98 -14.50 -28.44 40.92
N GLY L 99 -14.47 -29.49 41.73
CA GLY L 99 -15.20 -29.54 42.97
C GLY L 99 -16.44 -30.39 42.97
N VAL L 100 -16.56 -31.35 42.05
CA VAL L 100 -17.79 -32.12 41.89
C VAL L 100 -17.50 -33.61 41.71
N TYR L 101 -17.74 -34.38 42.78
CA TYR L 101 -17.86 -35.83 42.87
C TYR L 101 -16.57 -36.64 42.74
N ASP L 102 -15.53 -36.10 42.11
CA ASP L 102 -14.23 -36.75 42.16
C ASP L 102 -13.09 -35.74 42.04
N ALA L 103 -13.41 -34.54 41.56
CA ALA L 103 -12.40 -33.57 41.15
C ALA L 103 -12.26 -32.54 42.26
N ALA L 104 -11.21 -32.68 43.06
CA ALA L 104 -10.94 -31.71 44.10
C ALA L 104 -10.69 -30.33 43.50
N GLY L 105 -10.88 -29.31 44.32
CA GLY L 105 -10.55 -27.97 43.89
C GLY L 105 -9.05 -27.76 43.86
N VAL L 106 -8.62 -26.81 43.02
CA VAL L 106 -7.21 -26.50 42.90
C VAL L 106 -6.70 -26.01 44.25
N LYS L 107 -5.69 -26.71 44.77
CA LYS L 107 -5.16 -26.36 46.08
C LYS L 107 -4.33 -25.09 46.00
N ASP L 108 -4.26 -24.37 47.13
CA ASP L 108 -3.55 -23.11 47.28
C ASP L 108 -4.10 -22.00 46.39
N ARG L 109 -5.26 -22.23 45.77
CA ARG L 109 -5.91 -21.19 44.98
C ARG L 109 -6.44 -20.10 45.90
N LYS L 110 -6.15 -18.84 45.56
CA LYS L 110 -6.56 -17.71 46.40
C LYS L 110 -7.18 -16.55 45.65
N LYS L 111 -6.98 -16.42 44.33
CA LYS L 111 -7.47 -15.26 43.60
C LYS L 111 -8.89 -15.48 43.07
N SER L 112 -9.07 -16.47 42.20
CA SER L 112 -10.38 -16.77 41.61
C SER L 112 -10.76 -18.18 42.05
N ARG L 113 -11.38 -18.28 43.23
CA ARG L 113 -11.59 -19.58 43.83
C ARG L 113 -12.88 -20.24 43.35
N SER L 114 -13.95 -19.46 43.19
CA SER L 114 -15.24 -20.04 42.82
C SER L 114 -15.20 -20.69 41.44
N LYS L 115 -14.28 -20.29 40.57
CA LYS L 115 -14.15 -20.90 39.25
C LYS L 115 -13.31 -22.17 39.26
N TYR L 116 -12.71 -22.53 40.40
CA TYR L 116 -11.90 -23.74 40.49
C TYR L 116 -12.23 -24.56 41.73
N GLY L 117 -13.38 -24.29 42.35
CA GLY L 117 -13.88 -25.12 43.44
C GLY L 117 -13.03 -25.15 44.69
N THR L 118 -12.48 -24.00 45.09
CA THR L 118 -11.65 -23.90 46.28
C THR L 118 -12.37 -23.06 47.32
N LYS L 119 -12.59 -23.63 48.51
CA LYS L 119 -13.32 -22.93 49.55
C LYS L 119 -12.45 -21.85 50.19
N LYS L 120 -13.11 -20.96 50.93
CA LYS L 120 -12.43 -19.85 51.56
C LYS L 120 -11.43 -20.34 52.60
N PRO L 121 -10.19 -19.86 52.60
CA PRO L 121 -9.23 -20.25 53.63
C PRO L 121 -9.66 -19.77 55.01
N LYS L 122 -8.94 -20.23 56.02
CA LYS L 122 -9.31 -20.00 57.41
C LYS L 122 -8.89 -18.59 57.83
N GLU L 123 -8.89 -18.35 59.15
CA GLU L 123 -8.66 -17.03 59.72
C GLU L 123 -7.40 -16.37 59.14
N ALA L 124 -7.43 -15.05 59.09
CA ALA L 124 -6.29 -14.27 58.58
C ALA L 124 -5.28 -14.01 59.69
N ALA L 125 -4.17 -13.37 59.33
N ALA M 1 91.11 -31.88 -8.02
CA ALA M 1 91.23 -33.34 -7.90
C ALA M 1 90.65 -33.81 -6.57
N ARG M 2 91.14 -34.96 -6.10
CA ARG M 2 90.64 -35.56 -4.87
C ARG M 2 91.20 -34.78 -3.68
N ILE M 3 90.35 -33.95 -3.07
CA ILE M 3 90.74 -33.07 -1.98
C ILE M 3 89.82 -33.30 -0.80
N ALA M 4 90.41 -33.57 0.36
CA ALA M 4 89.69 -33.63 1.64
C ALA M 4 88.54 -34.63 1.59
N GLY M 5 88.83 -35.83 1.10
CA GLY M 5 87.86 -36.89 1.01
C GLY M 5 87.88 -37.54 -0.35
N VAL M 6 86.86 -38.36 -0.60
CA VAL M 6 86.76 -39.15 -1.83
C VAL M 6 85.99 -38.36 -2.89
N GLU M 7 85.79 -37.07 -2.64
CA GLU M 7 85.01 -36.21 -3.53
C GLU M 7 85.93 -35.41 -4.45
N ILE M 8 85.51 -35.26 -5.70
CA ILE M 8 86.30 -34.56 -6.71
C ILE M 8 85.42 -33.58 -7.47
N PRO M 9 85.58 -32.28 -7.28
CA PRO M 9 84.95 -31.31 -8.18
C PRO M 9 85.84 -31.07 -9.40
N ARG M 10 85.22 -30.62 -10.49
CA ARG M 10 85.91 -30.58 -11.76
C ARG M 10 85.32 -29.53 -12.68
N ASN M 11 86.20 -28.84 -13.41
CA ASN M 11 85.84 -28.01 -14.56
C ASN M 11 84.95 -26.83 -14.15
N LYS M 12 85.37 -26.10 -13.12
CA LYS M 12 84.73 -24.86 -12.72
C LYS M 12 85.68 -24.14 -11.76
N ARG M 13 85.28 -22.94 -11.36
CA ARG M 13 86.11 -22.13 -10.47
C ARG M 13 86.39 -22.86 -9.17
N VAL M 14 87.60 -22.66 -8.63
CA VAL M 14 88.06 -23.49 -7.52
C VAL M 14 87.22 -23.25 -6.26
N ASP M 15 86.79 -22.01 -6.03
CA ASP M 15 85.96 -21.73 -4.87
C ASP M 15 84.60 -22.42 -4.96
N VAL M 16 83.92 -22.24 -6.09
CA VAL M 16 82.65 -22.92 -6.32
C VAL M 16 82.84 -24.43 -6.30
N ALA M 17 84.02 -24.90 -6.74
CA ALA M 17 84.30 -26.33 -6.69
C ALA M 17 84.41 -26.83 -5.26
N LEU M 18 85.14 -26.09 -4.41
CA LEU M 18 85.25 -26.44 -3.00
C LEU M 18 83.90 -26.34 -2.28
N THR M 19 82.97 -25.54 -2.80
CA THR M 19 81.63 -25.53 -2.23
C THR M 19 81.02 -26.93 -2.20
N TYR M 20 81.44 -27.80 -3.12
CA TYR M 20 80.97 -29.19 -3.16
C TYR M 20 81.61 -30.06 -2.08
N ILE M 21 82.41 -29.49 -1.17
CA ILE M 21 82.86 -30.20 0.02
C ILE M 21 81.83 -29.99 1.11
N TYR M 22 81.60 -31.03 1.92
CA TYR M 22 80.49 -30.97 2.87
C TYR M 22 80.76 -29.98 3.99
N GLY M 23 81.98 -29.93 4.49
CA GLY M 23 82.26 -28.98 5.57
C GLY M 23 82.59 -27.59 5.13
N ILE M 24 82.39 -27.26 3.85
CA ILE M 24 82.91 -26.02 3.26
C ILE M 24 81.80 -25.32 2.50
N GLY M 25 81.58 -24.06 2.84
CA GLY M 25 80.73 -23.17 2.07
C GLY M 25 81.55 -22.22 1.21
N LYS M 26 81.00 -21.03 0.96
CA LYS M 26 81.74 -20.05 0.19
C LYS M 26 82.75 -19.30 1.06
N ALA M 27 82.41 -19.06 2.33
CA ALA M 27 83.35 -18.35 3.21
C ALA M 27 84.59 -19.19 3.46
N ARG M 28 84.42 -20.48 3.76
CA ARG M 28 85.58 -21.34 4.02
C ARG M 28 86.39 -21.56 2.74
N ALA M 29 85.72 -21.65 1.58
CA ALA M 29 86.44 -21.78 0.32
C ALA M 29 87.27 -20.53 0.04
N LYS M 30 86.69 -19.35 0.25
CA LYS M 30 87.45 -18.11 0.08
C LYS M 30 88.62 -18.05 1.04
N GLU M 31 88.40 -18.46 2.30
CA GLU M 31 89.47 -18.42 3.29
C GLU M 31 90.61 -19.37 2.90
N ALA M 32 90.26 -20.57 2.44
CA ALA M 32 91.29 -21.53 2.03
C ALA M 32 92.07 -21.04 0.83
N LEU M 33 91.36 -20.58 -0.22
CA LEU M 33 92.05 -20.10 -1.40
C LEU M 33 92.87 -18.84 -1.10
N GLU M 34 92.48 -18.08 -0.09
CA GLU M 34 93.22 -16.88 0.29
C GLU M 34 94.50 -17.25 1.04
N LYS M 35 94.39 -18.12 2.05
CA LYS M 35 95.57 -18.51 2.80
C LYS M 35 96.51 -19.39 1.98
N THR M 36 95.96 -20.15 1.03
CA THR M 36 96.78 -20.99 0.17
C THR M 36 97.38 -20.23 -1.01
N GLY M 37 96.93 -19.00 -1.24
CA GLY M 37 97.45 -18.19 -2.33
C GLY M 37 97.12 -18.74 -3.70
N ILE M 38 95.85 -19.06 -3.92
CA ILE M 38 95.39 -19.64 -5.18
C ILE M 38 94.35 -18.71 -5.79
N ASN M 39 94.46 -18.49 -7.09
CA ASN M 39 93.48 -17.68 -7.80
C ASN M 39 92.15 -18.42 -7.85
N PRO M 40 91.09 -17.88 -7.23
CA PRO M 40 89.79 -18.57 -7.29
C PRO M 40 89.14 -18.54 -8.66
N ALA M 41 89.72 -17.85 -9.64
CA ALA M 41 89.10 -17.75 -10.95
C ALA M 41 89.45 -18.94 -11.84
N THR M 42 90.61 -19.55 -11.64
CA THR M 42 91.02 -20.66 -12.48
C THR M 42 90.08 -21.85 -12.31
N ARG M 43 89.97 -22.65 -13.36
CA ARG M 43 89.17 -23.86 -13.29
C ARG M 43 89.93 -24.95 -12.55
N VAL M 44 89.22 -26.03 -12.22
CA VAL M 44 89.86 -27.14 -11.51
C VAL M 44 90.88 -27.83 -12.41
N LYS M 45 90.53 -28.06 -13.67
CA LYS M 45 91.46 -28.68 -14.60
C LYS M 45 92.67 -27.81 -14.90
N ASP M 46 92.70 -26.57 -14.41
CA ASP M 46 93.83 -25.67 -14.57
C ASP M 46 94.63 -25.51 -13.28
N LEU M 47 94.61 -26.53 -12.43
CA LEU M 47 95.30 -26.48 -11.14
C LEU M 47 96.60 -27.26 -11.19
N THR M 48 97.63 -26.70 -10.56
CA THR M 48 98.91 -27.39 -10.45
C THR M 48 98.79 -28.53 -9.44
N GLU M 49 99.55 -29.60 -9.69
CA GLU M 49 99.66 -30.67 -8.71
C GLU M 49 100.12 -30.12 -7.36
N ALA M 50 101.04 -29.16 -7.38
CA ALA M 50 101.50 -28.52 -6.15
C ALA M 50 100.38 -27.74 -5.48
N GLU M 51 99.56 -27.03 -6.27
CA GLU M 51 98.44 -26.30 -5.71
C GLU M 51 97.41 -27.24 -5.09
N VAL M 52 97.16 -28.39 -5.74
CA VAL M 52 96.23 -29.36 -5.19
C VAL M 52 96.77 -29.94 -3.90
N VAL M 53 98.07 -30.26 -3.86
CA VAL M 53 98.67 -30.76 -2.63
C VAL M 53 98.58 -29.73 -1.52
N ARG M 54 98.78 -28.45 -1.87
CA ARG M 54 98.71 -27.39 -0.87
C ARG M 54 97.31 -27.25 -0.30
N LEU M 55 96.31 -27.16 -1.18
CA LEU M 55 94.94 -27.02 -0.73
C LEU M 55 94.49 -28.24 0.08
N ARG M 56 94.87 -29.43 -0.37
CA ARG M 56 94.55 -30.64 0.37
C ARG M 56 95.19 -30.63 1.75
N GLU M 57 96.49 -30.29 1.81
CA GLU M 57 97.20 -30.23 3.08
C GLU M 57 96.53 -29.26 4.04
N TYR M 58 96.09 -28.11 3.53
CA TYR M 58 95.45 -27.14 4.41
C TYR M 58 94.09 -27.63 4.88
N VAL M 59 93.20 -27.95 3.95
CA VAL M 59 91.80 -28.22 4.31
C VAL M 59 91.67 -29.54 5.06
N GLU M 60 92.45 -30.55 4.68
CA GLU M 60 92.33 -31.88 5.27
C GLU M 60 92.35 -31.84 6.79
N ASN M 61 93.32 -31.11 7.35
CA ASN M 61 93.33 -30.85 8.79
C ASN M 61 93.45 -29.35 9.02
N THR M 62 92.32 -28.66 8.86
CA THR M 62 92.08 -27.34 9.45
C THR M 62 90.67 -27.19 9.99
N TRP M 63 89.70 -27.95 9.49
CA TRP M 63 88.36 -28.02 10.06
C TRP M 63 87.94 -29.48 10.06
N LYS M 64 86.85 -29.75 10.78
CA LYS M 64 86.25 -31.07 10.75
C LYS M 64 85.42 -31.22 9.47
N LEU M 65 85.50 -32.39 8.85
CA LEU M 65 84.95 -32.59 7.52
C LEU M 65 84.03 -33.81 7.45
N GLU M 66 83.68 -34.22 6.21
CA GLU M 66 82.48 -35.00 5.92
C GLU M 66 82.16 -36.07 6.95
N GLY M 67 83.03 -37.06 7.09
CA GLY M 67 82.75 -38.19 7.97
C GLY M 67 82.63 -37.76 9.42
N GLU M 68 83.69 -37.14 9.93
CA GLU M 68 83.69 -36.69 11.31
C GLU M 68 82.61 -35.63 11.55
N LEU M 69 82.31 -34.80 10.54
CA LEU M 69 81.30 -33.76 10.72
C LEU M 69 79.90 -34.38 10.87
N ARG M 70 79.53 -35.27 9.94
CA ARG M 70 78.22 -35.91 10.05
C ARG M 70 78.12 -36.75 11.30
N ALA M 71 79.21 -37.44 11.68
CA ALA M 71 79.19 -38.22 12.91
C ALA M 71 79.03 -37.32 14.12
N GLU M 72 79.66 -36.15 14.11
CA GLU M 72 79.57 -35.23 15.24
C GLU M 72 78.18 -34.63 15.34
N VAL M 73 77.54 -34.32 14.20
CA VAL M 73 76.18 -33.79 14.23
C VAL M 73 75.21 -34.85 14.72
N ALA M 74 75.36 -36.09 14.23
CA ALA M 74 74.53 -37.17 14.71
C ALA M 74 74.74 -37.41 16.19
N ALA M 75 75.99 -37.28 16.66
CA ALA M 75 76.27 -37.44 18.08
C ALA M 75 75.67 -36.33 18.90
N ASN M 76 75.65 -35.10 18.37
CA ASN M 76 75.01 -33.99 19.08
C ASN M 76 73.52 -34.23 19.23
N ILE M 77 72.85 -34.61 18.14
CA ILE M 77 71.41 -34.86 18.20
C ILE M 77 71.12 -36.07 19.09
N LYS M 78 71.93 -37.11 18.98
CA LYS M 78 71.79 -38.28 19.83
C LYS M 78 71.97 -37.94 21.30
N ARG M 79 72.92 -37.05 21.60
CA ARG M 79 73.13 -36.61 22.98
C ARG M 79 71.92 -35.82 23.48
N LEU M 80 71.37 -34.95 22.63
CA LEU M 80 70.18 -34.21 23.01
C LEU M 80 69.01 -35.15 23.31
N MET M 81 68.87 -36.23 22.52
CA MET M 81 67.80 -37.18 22.78
C MET M 81 68.07 -38.02 24.02
N ASP M 82 69.33 -38.43 24.23
CA ASP M 82 69.67 -39.32 25.33
C ASP M 82 69.52 -38.63 26.68
N ILE M 83 69.83 -37.34 26.75
CA ILE M 83 69.70 -36.60 28.00
C ILE M 83 68.25 -36.27 28.33
N GLY M 84 67.30 -36.65 27.48
CA GLY M 84 65.91 -36.34 27.72
C GLY M 84 65.58 -34.88 27.56
N CYS M 85 66.39 -34.12 26.85
CA CYS M 85 66.16 -32.69 26.67
C CYS M 85 64.90 -32.45 25.83
N TYR M 86 64.40 -31.22 25.89
CA TYR M 86 63.23 -30.84 25.10
C TYR M 86 63.54 -30.88 23.62
N ARG M 87 64.72 -30.38 23.23
CA ARG M 87 65.14 -30.46 21.84
C ARG M 87 65.23 -31.91 21.37
N GLY M 88 65.71 -32.80 22.25
CA GLY M 88 65.74 -34.21 21.93
C GLY M 88 64.34 -34.77 21.74
N LEU M 89 63.37 -34.28 22.52
CA LEU M 89 61.98 -34.69 22.32
C LEU M 89 61.47 -34.22 20.96
N ARG M 90 61.79 -32.97 20.58
CA ARG M 90 61.36 -32.46 19.29
C ARG M 90 61.96 -33.27 18.14
N HIS M 91 63.24 -33.63 18.27
CA HIS M 91 63.87 -34.50 17.27
C HIS M 91 63.21 -35.87 17.26
N ARG M 92 62.80 -36.37 18.43
CA ARG M 92 62.22 -37.70 18.51
C ARG M 92 60.90 -37.78 17.78
N ARG M 93 60.11 -36.70 17.80
CA ARG M 93 58.81 -36.66 17.15
C ARG M 93 58.87 -36.12 15.73
N GLY M 94 60.00 -35.56 15.32
CA GLY M 94 60.11 -34.96 14.00
C GLY M 94 59.35 -33.65 13.89
N LEU M 95 59.62 -32.73 14.80
CA LEU M 95 58.98 -31.44 14.87
C LEU M 95 60.04 -30.34 14.89
N PRO M 96 59.65 -29.09 14.65
CA PRO M 96 60.61 -27.99 14.74
C PRO M 96 61.26 -27.90 16.12
N VAL M 97 62.55 -27.56 16.12
CA VAL M 97 63.32 -27.46 17.35
C VAL M 97 63.54 -26.01 17.78
N ARG M 98 63.50 -25.07 16.85
CA ARG M 98 63.91 -23.69 17.10
C ARG M 98 62.72 -22.77 17.35
N GLY M 99 61.68 -23.27 18.02
CA GLY M 99 60.62 -22.41 18.51
C GLY M 99 59.63 -21.91 17.49
N GLN M 100 59.48 -22.61 16.37
CA GLN M 100 58.50 -22.20 15.37
C GLN M 100 57.14 -22.84 15.69
N ARG M 101 56.10 -22.34 15.04
CA ARG M 101 54.75 -22.84 15.25
C ARG M 101 54.55 -24.17 14.51
N THR M 102 53.55 -24.93 14.97
CA THR M 102 53.22 -26.22 14.38
C THR M 102 51.77 -26.35 13.94
N ARG M 103 50.90 -25.40 14.29
CA ARG M 103 49.51 -25.41 13.85
C ARG M 103 49.37 -25.25 12.33
N THR M 104 50.47 -25.00 11.64
CA THR M 104 50.48 -24.58 10.24
C THR M 104 51.75 -25.12 9.59
N ASN M 105 52.14 -24.43 8.55
CA ASN M 105 53.27 -24.81 7.80
C ASN M 105 54.43 -24.81 8.75
N ALA M 106 55.11 -25.94 8.72
CA ALA M 106 56.28 -26.26 9.49
C ALA M 106 56.26 -27.56 8.84
N ARG M 107 55.97 -27.54 7.57
CA ARG M 107 55.81 -28.85 6.95
C ARG M 107 57.15 -29.48 6.60
N THR M 108 58.17 -28.66 6.32
CA THR M 108 59.46 -29.18 5.88
C THR M 108 60.14 -30.04 6.95
N ARG M 109 59.71 -29.93 8.19
CA ARG M 109 60.17 -30.82 9.25
C ARG M 109 59.30 -32.05 9.41
N LYS M 110 58.04 -31.98 8.98
CA LYS M 110 57.09 -33.07 9.13
C LYS M 110 56.90 -33.88 7.84
N GLY M 111 57.67 -33.59 6.80
CA GLY M 111 57.60 -34.35 5.57
C GLY M 111 56.35 -34.03 4.76
N PRO M 112 55.81 -35.03 4.08
CA PRO M 112 54.59 -34.82 3.30
C PRO M 112 53.39 -34.52 4.19
N ARG M 113 52.30 -34.13 3.54
CA ARG M 113 51.09 -33.67 4.22
C ARG M 113 50.11 -34.83 4.33
N LYS M 114 49.95 -35.37 5.54
CA LYS M 114 49.13 -36.56 5.76
C LYS M 114 47.71 -36.11 6.14
N THR M 115 46.91 -35.84 5.12
CA THR M 115 45.56 -35.34 5.33
C THR M 115 44.67 -36.39 6.00
N VAL M 116 43.79 -35.92 6.88
CA VAL M 116 42.88 -36.77 7.61
C VAL M 116 41.46 -36.23 7.44
N ALA M 117 40.51 -36.88 8.11
CA ALA M 117 39.10 -36.52 7.99
C ALA M 117 38.80 -35.27 8.82
N GLY M 118 37.56 -34.80 8.69
CA GLY M 118 37.11 -33.61 9.39
C GLY M 118 36.24 -32.70 8.55
N ALA N 1 39.22 -2.84 31.56
CA ALA N 1 39.78 -1.92 32.54
C ALA N 1 39.30 -2.25 33.94
N ARG N 2 39.80 -3.37 34.48
CA ARG N 2 39.45 -3.77 35.83
C ARG N 2 40.13 -2.86 36.85
N LYS N 3 39.46 -2.66 37.99
CA LYS N 3 39.97 -1.72 38.99
C LYS N 3 41.33 -2.16 39.53
N ALA N 4 41.50 -3.45 39.80
CA ALA N 4 42.76 -3.94 40.34
C ALA N 4 43.92 -3.63 39.40
N LEU N 5 43.68 -3.73 38.09
CA LEU N 5 44.73 -3.45 37.11
C LEU N 5 45.12 -1.98 37.09
N ILE N 6 44.30 -1.09 37.66
CA ILE N 6 44.64 0.32 37.76
C ILE N 6 45.77 0.47 38.79
N GLU N 7 46.15 -0.64 39.41
CA GLU N 7 47.37 -0.70 40.20
C GLU N 7 48.61 -0.50 39.34
N LYS N 8 48.48 -0.49 38.01
CA LYS N 8 49.60 -0.26 37.12
C LYS N 8 50.46 0.90 37.60
N ALA N 9 49.84 2.03 37.90
CA ALA N 9 50.54 3.13 38.53
C ALA N 9 51.14 2.64 39.83
N LYS N 10 52.48 2.54 39.87
CA LYS N 10 53.14 1.88 40.99
C LYS N 10 54.57 2.38 41.07
N ARG N 11 54.90 3.07 42.16
CA ARG N 11 56.28 3.46 42.39
C ARG N 11 57.19 2.26 42.60
N THR N 12 56.62 1.10 42.95
CA THR N 12 57.38 -0.13 43.18
C THR N 12 56.80 -1.24 42.32
N PRO N 13 57.02 -1.19 41.00
CA PRO N 13 56.59 -2.29 40.13
C PRO N 13 57.48 -3.52 40.22
N LYS N 14 58.53 -3.46 41.05
CA LYS N 14 59.44 -4.55 41.38
C LYS N 14 60.40 -4.85 40.23
N PHE N 15 60.15 -4.27 39.06
CA PHE N 15 60.98 -4.46 37.87
C PHE N 15 60.64 -3.37 36.86
N LYS N 16 61.66 -2.96 36.10
CA LYS N 16 61.45 -1.93 35.07
C LYS N 16 60.63 -2.47 33.91
N VAL N 17 60.82 -3.74 33.56
CA VAL N 17 60.14 -4.30 32.39
C VAL N 17 58.65 -4.47 32.66
N ARG N 18 58.27 -4.82 33.89
CA ARG N 18 56.87 -5.03 34.21
C ARG N 18 56.06 -3.74 34.13
N ALA N 19 56.72 -2.58 34.22
CA ALA N 19 56.02 -1.30 34.17
C ALA N 19 55.59 -1.02 32.73
N TYR N 20 54.30 -1.23 32.45
CA TYR N 20 53.71 -0.88 31.17
C TYR N 20 52.89 0.39 31.33
N THR N 21 52.26 0.83 30.25
CA THR N 21 51.50 2.06 30.23
C THR N 21 50.02 1.77 30.00
N ARG N 22 49.17 2.58 30.63
CA ARG N 22 47.72 2.45 30.53
C ARG N 22 47.11 3.79 30.16
N CYS N 23 45.88 3.71 29.66
CA CYS N 23 45.11 4.93 29.37
C CYS N 23 44.65 5.54 30.69
N VAL N 24 45.03 6.79 30.93
CA VAL N 24 44.70 7.43 32.20
C VAL N 24 43.20 7.67 32.31
N ARG N 25 42.51 7.83 31.19
CA ARG N 25 41.08 8.13 31.23
C ARG N 25 40.24 6.89 31.44
N CYS N 26 40.30 5.94 30.51
CA CYS N 26 39.43 4.78 30.54
C CYS N 26 40.09 3.53 31.09
N GLY N 27 41.38 3.59 31.43
CA GLY N 27 42.07 2.43 31.97
C GLY N 27 42.45 1.39 30.94
N ARG N 28 42.50 1.75 29.67
CA ARG N 28 42.85 0.79 28.62
C ARG N 28 44.29 0.33 28.78
N ALA N 29 44.57 -0.87 28.26
CA ALA N 29 45.91 -1.43 28.26
C ALA N 29 46.58 -1.38 26.89
N ARG N 30 45.84 -1.62 25.82
CA ARG N 30 46.37 -1.63 24.47
C ARG N 30 46.09 -0.31 23.76
N SER N 31 46.86 -0.06 22.70
CA SER N 31 46.73 1.15 21.89
C SER N 31 46.82 2.41 22.77
N VAL N 32 47.80 2.41 23.67
CA VAL N 32 47.98 3.50 24.62
C VAL N 32 49.07 4.41 24.04
N TYR N 33 48.65 5.54 23.48
CA TYR N 33 49.59 6.49 22.90
C TYR N 33 50.41 7.15 24.00
N ARG N 34 51.74 7.20 23.78
CA ARG N 34 52.64 7.73 24.81
C ARG N 34 52.67 9.25 24.84
N PHE N 35 52.43 9.89 23.69
CA PHE N 35 52.43 11.35 23.66
C PHE N 35 51.29 11.92 24.48
N PHE N 36 50.10 11.33 24.39
CA PHE N 36 48.93 11.81 25.12
C PHE N 36 48.68 11.06 26.42
N GLY N 37 49.25 9.87 26.58
CA GLY N 37 48.93 9.04 27.72
C GLY N 37 47.54 8.43 27.69
N LEU N 38 46.79 8.62 26.61
CA LEU N 38 45.46 8.08 26.46
C LEU N 38 45.49 6.83 25.57
N CYS N 39 44.33 6.20 25.44
CA CYS N 39 44.15 5.15 24.45
C CYS N 39 43.70 5.78 23.14
N ARG N 40 43.40 4.94 22.15
CA ARG N 40 42.98 5.46 20.86
C ARG N 40 41.54 5.99 20.91
N ILE N 41 40.68 5.33 21.68
CA ILE N 41 39.27 5.72 21.75
C ILE N 41 39.11 7.05 22.48
N CYS N 42 39.71 7.16 23.67
CA CYS N 42 39.69 8.43 24.37
C CYS N 42 40.41 9.52 23.58
N LEU N 43 41.44 9.14 22.82
CA LEU N 43 42.08 10.10 21.92
C LEU N 43 41.07 10.67 20.94
N ARG N 44 40.32 9.79 20.26
CA ARG N 44 39.34 10.27 19.28
C ARG N 44 38.28 11.12 19.94
N GLU N 45 37.78 10.70 21.11
CA GLU N 45 36.71 11.42 21.77
C GLU N 45 37.16 12.82 22.19
N LEU N 46 38.29 12.91 22.90
CA LEU N 46 38.76 14.22 23.35
C LEU N 46 39.25 15.08 22.19
N ALA N 47 39.68 14.47 21.08
CA ALA N 47 40.04 15.25 19.90
C ALA N 47 38.80 15.84 19.24
N HIS N 48 37.71 15.08 19.20
CA HIS N 48 36.45 15.63 18.69
C HIS N 48 35.93 16.74 19.59
N LYS N 49 36.03 16.56 20.91
CA LYS N 49 35.56 17.59 21.82
C LYS N 49 36.43 18.85 21.79
N GLY N 50 37.60 18.79 21.17
CA GLY N 50 38.46 19.96 21.10
C GLY N 50 39.27 20.24 22.35
N GLN N 51 39.46 19.24 23.21
CA GLN N 51 40.21 19.39 24.44
C GLN N 51 41.70 19.09 24.26
N LEU N 52 42.14 18.86 23.03
CA LEU N 52 43.55 18.63 22.72
C LEU N 52 44.06 19.77 21.86
N PRO N 53 44.80 20.72 22.41
CA PRO N 53 45.23 21.88 21.62
C PRO N 53 46.06 21.47 20.41
N GLY N 54 45.84 22.20 19.31
CA GLY N 54 46.58 21.97 18.08
C GLY N 54 46.26 20.70 17.33
N VAL N 55 45.38 19.86 17.86
CA VAL N 55 45.02 18.60 17.21
C VAL N 55 43.89 18.88 16.23
N ARG N 56 44.14 18.62 14.96
CA ARG N 56 43.21 18.93 13.89
C ARG N 56 43.06 17.71 12.98
N LYS N 57 41.96 17.66 12.24
CA LYS N 57 41.74 16.57 11.30
C LYS N 57 42.70 16.69 10.12
N ALA N 58 43.34 15.58 9.77
CA ALA N 58 44.31 15.56 8.68
C ALA N 58 43.64 15.21 7.37
N SER N 59 44.10 15.85 6.29
CA SER N 59 43.58 15.60 4.95
C SER N 59 44.57 16.16 3.95
N TRP N 60 45.06 15.31 3.05
CA TRP N 60 46.01 15.75 2.03
C TRP N 60 46.01 14.82 0.82
N PRO O 1 -41.65 -20.84 -52.08
CA PRO O 1 -42.00 -19.77 -51.14
C PRO O 1 -43.50 -19.50 -51.08
N ILE O 2 -43.88 -18.27 -50.79
CA ILE O 2 -45.28 -17.85 -50.70
C ILE O 2 -45.40 -16.58 -51.53
N THR O 3 -45.82 -16.71 -52.78
CA THR O 3 -45.84 -15.60 -53.71
C THR O 3 -46.95 -14.61 -53.35
N LYS O 4 -46.99 -13.50 -54.08
CA LYS O 4 -47.94 -12.43 -53.77
C LYS O 4 -49.36 -12.82 -54.15
N GLU O 5 -49.53 -13.60 -55.21
CA GLU O 5 -50.87 -13.95 -55.66
C GLU O 5 -51.59 -14.87 -54.66
N GLU O 6 -50.86 -15.83 -54.09
CA GLU O 6 -51.46 -16.69 -53.07
C GLU O 6 -51.80 -15.90 -51.82
N LYS O 7 -50.91 -14.98 -51.43
CA LYS O 7 -51.18 -14.13 -50.27
C LYS O 7 -52.43 -13.28 -50.48
N GLN O 8 -52.55 -12.66 -51.65
CA GLN O 8 -53.74 -11.87 -51.94
C GLN O 8 -54.98 -12.75 -52.04
N LYS O 9 -54.84 -13.98 -52.55
CA LYS O 9 -55.96 -14.90 -52.61
C LYS O 9 -56.50 -15.18 -51.21
N VAL O 10 -55.62 -15.54 -50.28
CA VAL O 10 -56.09 -15.86 -48.93
C VAL O 10 -56.59 -14.61 -48.21
N ILE O 11 -55.96 -13.45 -48.46
CA ILE O 11 -56.43 -12.22 -47.84
C ILE O 11 -57.84 -11.89 -48.30
N GLN O 12 -58.07 -11.90 -49.62
CA GLN O 12 -59.41 -11.62 -50.14
C GLN O 12 -60.41 -12.70 -49.72
N GLU O 13 -59.92 -13.92 -49.46
CA GLU O 13 -60.83 -14.99 -49.04
C GLU O 13 -61.23 -14.86 -47.57
N PHE O 14 -60.39 -14.26 -46.75
CA PHE O 14 -60.65 -14.16 -45.31
C PHE O 14 -60.87 -12.71 -44.85
N ALA O 15 -60.99 -11.77 -45.77
CA ALA O 15 -61.19 -10.38 -45.39
C ALA O 15 -62.60 -10.19 -44.85
N ARG O 16 -62.69 -9.51 -43.70
CA ARG O 16 -64.00 -9.20 -43.13
C ARG O 16 -64.81 -8.28 -44.04
N PHE O 17 -64.13 -7.51 -44.87
CA PHE O 17 -64.77 -6.57 -45.78
C PHE O 17 -63.77 -6.19 -46.86
N PRO O 18 -64.22 -5.67 -48.00
CA PRO O 18 -63.28 -5.20 -49.02
C PRO O 18 -62.38 -4.10 -48.48
N GLY O 19 -61.08 -4.39 -48.44
CA GLY O 19 -60.08 -3.48 -47.90
C GLY O 19 -59.43 -3.97 -46.64
N ASP O 20 -60.01 -4.96 -45.96
CA ASP O 20 -59.46 -5.47 -44.72
C ASP O 20 -58.22 -6.33 -45.00
N THR O 21 -57.09 -5.92 -44.46
CA THR O 21 -55.84 -6.66 -44.61
C THR O 21 -55.22 -7.05 -43.27
N GLY O 22 -55.84 -6.69 -42.15
CA GLY O 22 -55.21 -6.94 -40.87
C GLY O 22 -56.14 -7.38 -39.76
N SER O 23 -57.33 -7.87 -40.09
CA SER O 23 -58.22 -8.39 -39.06
C SER O 23 -57.66 -9.72 -38.51
N THR O 24 -58.24 -10.15 -37.38
CA THR O 24 -57.76 -11.36 -36.73
C THR O 24 -57.91 -12.57 -37.64
N GLU O 25 -59.02 -12.67 -38.38
CA GLU O 25 -59.21 -13.78 -39.30
C GLU O 25 -58.12 -13.84 -40.36
N VAL O 26 -57.77 -12.68 -40.93
CA VAL O 26 -56.73 -12.63 -41.96
C VAL O 26 -55.39 -13.05 -41.38
N GLN O 27 -55.06 -12.53 -40.19
CA GLN O 27 -53.80 -12.88 -39.56
C GLN O 27 -53.71 -14.38 -39.28
N VAL O 28 -54.78 -14.97 -38.76
CA VAL O 28 -54.76 -16.39 -38.43
C VAL O 28 -54.69 -17.23 -39.70
N ALA O 29 -55.38 -16.82 -40.76
CA ALA O 29 -55.31 -17.55 -42.03
C ALA O 29 -53.90 -17.51 -42.60
N LEU O 30 -53.26 -16.34 -42.58
CA LEU O 30 -51.90 -16.23 -43.11
C LEU O 30 -50.92 -17.03 -42.27
N LEU O 31 -51.04 -16.97 -40.94
CA LEU O 31 -50.18 -17.79 -40.10
C LEU O 31 -50.40 -19.26 -40.34
N THR O 32 -51.64 -19.67 -40.60
CA THR O 32 -51.93 -21.07 -40.88
C THR O 32 -51.29 -21.51 -42.20
N LEU O 33 -51.35 -20.66 -43.22
CA LEU O 33 -50.70 -20.98 -44.49
C LEU O 33 -49.19 -21.14 -44.29
N ARG O 34 -48.57 -20.19 -43.58
CA ARG O 34 -47.14 -20.29 -43.30
C ARG O 34 -46.82 -21.54 -42.49
N ILE O 35 -47.68 -21.89 -41.54
CA ILE O 35 -47.43 -23.04 -40.68
C ILE O 35 -47.50 -24.33 -41.48
N ASN O 36 -48.49 -24.44 -42.38
CA ASN O 36 -48.58 -25.64 -43.21
C ASN O 36 -47.41 -25.75 -44.16
N ARG O 37 -46.99 -24.61 -44.74
CA ARG O 37 -45.81 -24.62 -45.60
C ARG O 37 -44.57 -25.08 -44.83
N LEU O 38 -44.38 -24.54 -43.63
CA LEU O 38 -43.21 -24.91 -42.84
C LEU O 38 -43.27 -26.35 -42.36
N SER O 39 -44.47 -26.86 -42.06
CA SER O 39 -44.59 -28.25 -41.66
C SER O 39 -44.26 -29.19 -42.81
N GLU O 40 -44.72 -28.85 -44.01
CA GLU O 40 -44.32 -29.62 -45.19
C GLU O 40 -42.80 -29.53 -45.41
N HIS O 41 -42.22 -28.38 -45.11
CA HIS O 41 -40.76 -28.25 -45.21
C HIS O 41 -40.04 -29.04 -44.13
N LEU O 42 -40.67 -29.26 -42.98
CA LEU O 42 -40.02 -29.90 -41.85
C LEU O 42 -40.25 -31.40 -41.79
N LYS O 43 -41.22 -31.94 -42.55
CA LYS O 43 -41.28 -33.39 -42.73
C LYS O 43 -39.97 -33.91 -43.32
N VAL O 44 -39.61 -33.41 -44.49
CA VAL O 44 -38.25 -33.52 -45.00
C VAL O 44 -37.41 -32.54 -44.19
N HIS O 45 -36.08 -32.64 -44.30
CA HIS O 45 -35.19 -31.70 -43.62
C HIS O 45 -35.48 -31.62 -42.12
N LYS O 46 -35.75 -32.78 -41.52
CA LYS O 46 -36.11 -32.82 -40.11
C LYS O 46 -34.97 -32.41 -39.18
N LYS O 47 -33.77 -32.23 -39.72
CA LYS O 47 -32.62 -31.78 -38.94
C LYS O 47 -32.50 -30.26 -38.89
N ASP O 48 -33.51 -29.53 -39.37
CA ASP O 48 -33.51 -28.07 -39.38
C ASP O 48 -34.27 -27.58 -38.16
N HIS O 49 -33.54 -27.25 -37.10
CA HIS O 49 -34.15 -26.82 -35.85
C HIS O 49 -34.36 -25.30 -35.78
N HIS O 50 -33.50 -24.53 -36.45
CA HIS O 50 -33.64 -23.08 -36.43
C HIS O 50 -34.97 -22.64 -37.04
N SER O 51 -35.46 -23.35 -38.05
CA SER O 51 -36.78 -23.09 -38.59
C SER O 51 -37.87 -23.69 -37.74
N HIS O 52 -37.57 -24.79 -37.03
CA HIS O 52 -38.49 -25.36 -36.06
C HIS O 52 -38.87 -24.33 -34.99
N ARG O 53 -37.91 -23.49 -34.60
CA ARG O 53 -38.19 -22.44 -33.62
C ARG O 53 -39.18 -21.42 -34.19
N GLY O 54 -38.98 -21.01 -35.44
CA GLY O 54 -39.93 -20.12 -36.09
C GLY O 54 -41.32 -20.72 -36.18
N LEU O 55 -41.38 -22.03 -36.43
CA LEU O 55 -42.67 -22.73 -36.44
C LEU O 55 -43.34 -22.63 -35.07
N LEU O 56 -42.59 -22.89 -34.00
CA LEU O 56 -43.12 -22.74 -32.65
C LEU O 56 -43.66 -21.33 -32.42
N MET O 57 -42.91 -20.32 -32.85
CA MET O 57 -43.34 -18.93 -32.63
C MET O 57 -44.62 -18.62 -33.40
N MET O 58 -44.71 -19.06 -34.66
CA MET O 58 -45.92 -18.84 -35.43
C MET O 58 -47.13 -19.53 -34.78
N VAL O 59 -46.93 -20.75 -34.29
CA VAL O 59 -48.03 -21.46 -33.62
C VAL O 59 -48.47 -20.72 -32.38
N GLY O 60 -47.52 -20.21 -31.60
CA GLY O 60 -47.89 -19.43 -30.41
C GLY O 60 -48.66 -18.17 -30.76
N GLN O 61 -48.23 -17.45 -31.80
CA GLN O 61 -48.95 -16.25 -32.23
C GLN O 61 -50.36 -16.59 -32.67
N ARG O 62 -50.52 -17.65 -33.45
CA ARG O 62 -51.85 -18.05 -33.90
C ARG O 62 -52.73 -18.45 -32.73
N ARG O 63 -52.17 -19.14 -31.73
CA ARG O 63 -52.95 -19.52 -30.57
C ARG O 63 -53.40 -18.30 -29.77
N ARG O 64 -52.53 -17.30 -29.65
CA ARG O 64 -52.92 -16.10 -28.90
C ARG O 64 -54.00 -15.32 -29.64
N LEU O 65 -53.90 -15.23 -30.97
CA LEU O 65 -54.94 -14.54 -31.73
C LEU O 65 -56.27 -15.29 -31.66
N LEU O 66 -56.23 -16.62 -31.75
CA LEU O 66 -57.45 -17.40 -31.61
C LEU O 66 -58.04 -17.27 -30.21
N ARG O 67 -57.18 -17.14 -29.20
CA ARG O 67 -57.68 -16.91 -27.84
C ARG O 67 -58.39 -15.57 -27.73
N TYR O 68 -57.81 -14.53 -28.33
CA TYR O 68 -58.48 -13.23 -28.36
C TYR O 68 -59.83 -13.32 -29.04
N LEU O 69 -59.89 -13.99 -30.20
CA LEU O 69 -61.16 -14.14 -30.90
C LEU O 69 -62.16 -14.92 -30.05
N GLN O 70 -61.70 -16.00 -29.41
CA GLN O 70 -62.55 -16.78 -28.51
C GLN O 70 -63.16 -15.90 -27.43
N ARG O 71 -62.35 -15.00 -26.85
CA ARG O 71 -62.87 -14.13 -25.80
C ARG O 71 -63.89 -13.13 -26.35
N GLU O 72 -63.59 -12.53 -27.49
CA GLU O 72 -64.43 -11.42 -27.96
C GLU O 72 -65.70 -11.89 -28.65
N ASP O 73 -65.56 -12.61 -29.77
CA ASP O 73 -66.71 -13.05 -30.56
C ASP O 73 -66.54 -14.53 -30.88
N PRO O 74 -67.07 -15.42 -30.03
CA PRO O 74 -66.91 -16.86 -30.27
C PRO O 74 -67.56 -17.35 -31.55
N GLU O 75 -68.53 -16.61 -32.10
CA GLU O 75 -69.16 -17.04 -33.35
C GLU O 75 -68.16 -17.00 -34.50
N ARG O 76 -67.48 -15.86 -34.68
CA ARG O 76 -66.46 -15.79 -35.72
C ARG O 76 -65.30 -16.73 -35.41
N TYR O 77 -65.06 -17.04 -34.14
CA TYR O 77 -64.03 -18.02 -33.77
C TYR O 77 -64.39 -19.41 -34.30
N ARG O 78 -65.62 -19.86 -34.03
CA ARG O 78 -66.07 -21.14 -34.55
C ARG O 78 -66.09 -21.15 -36.06
N ALA O 79 -66.50 -20.02 -36.67
CA ALA O 79 -66.52 -19.94 -38.13
C ALA O 79 -65.11 -20.06 -38.71
N LEU O 80 -64.15 -19.38 -38.11
CA LEU O 80 -62.77 -19.45 -38.55
C LEU O 80 -62.24 -20.87 -38.45
N ILE O 81 -62.47 -21.53 -37.31
CA ILE O 81 -61.96 -22.89 -37.13
C ILE O 81 -62.64 -23.85 -38.10
N GLU O 82 -63.93 -23.63 -38.36
CA GLU O 82 -64.64 -24.48 -39.32
C GLU O 82 -64.11 -24.29 -40.73
N LYS O 83 -63.77 -23.05 -41.10
CA LYS O 83 -63.27 -22.81 -42.45
C LYS O 83 -61.86 -23.35 -42.62
N LEU O 84 -61.01 -23.21 -41.60
CA LEU O 84 -59.62 -23.64 -41.71
C LEU O 84 -59.38 -25.08 -41.26
N GLY O 85 -60.29 -25.66 -40.48
CA GLY O 85 -60.11 -27.01 -40.00
C GLY O 85 -58.95 -27.14 -39.05
N ILE O 86 -59.05 -26.49 -37.88
CA ILE O 86 -57.98 -26.50 -36.88
C ILE O 86 -58.48 -27.22 -35.65
N ARG O 87 -57.61 -27.35 -34.64
CA ARG O 87 -57.94 -28.00 -33.37
C ARG O 87 -58.30 -29.46 -33.58
N GLY O 88 -57.63 -30.11 -34.53
CA GLY O 88 -57.89 -31.50 -34.84
C GLY O 88 -59.07 -31.69 -35.77
N MET P 1 -77.39 -24.59 39.80
CA MET P 1 -78.02 -23.28 39.84
C MET P 1 -76.98 -22.17 39.79
N VAL P 2 -77.41 -20.99 39.38
CA VAL P 2 -76.56 -19.81 39.39
C VAL P 2 -76.61 -19.18 40.77
N LYS P 3 -75.47 -18.78 41.30
CA LYS P 3 -75.37 -18.28 42.66
C LYS P 3 -74.66 -16.94 42.68
N ILE P 4 -74.89 -16.22 43.77
CA ILE P 4 -74.23 -14.95 44.06
C ILE P 4 -73.35 -15.17 45.28
N ARG P 5 -72.04 -15.11 45.09
CA ARG P 5 -71.11 -15.47 46.16
C ARG P 5 -69.87 -14.60 46.07
N LEU P 6 -68.92 -14.85 46.96
CA LEU P 6 -67.70 -14.08 47.05
C LEU P 6 -66.54 -14.80 46.35
N ALA P 7 -65.66 -14.01 45.75
CA ALA P 7 -64.40 -14.50 45.21
C ALA P 7 -63.25 -13.78 45.89
N ARG P 8 -62.15 -14.51 46.11
CA ARG P 8 -61.00 -13.99 46.85
C ARG P 8 -59.95 -13.49 45.86
N PHE P 9 -59.61 -12.20 45.96
CA PHE P 9 -58.67 -11.59 45.04
C PHE P 9 -57.49 -10.89 45.69
N GLY P 10 -57.51 -10.68 47.00
CA GLY P 10 -56.37 -10.08 47.66
C GLY P 10 -55.22 -11.04 47.78
N SER P 11 -54.17 -10.59 48.47
CA SER P 11 -52.99 -11.40 48.70
C SER P 11 -53.10 -12.13 50.04
N LYS P 12 -52.04 -12.86 50.39
CA LYS P 12 -52.02 -13.60 51.65
C LYS P 12 -52.12 -12.64 52.82
N HIS P 13 -52.97 -12.98 53.79
CA HIS P 13 -53.30 -12.16 54.95
C HIS P 13 -53.87 -10.80 54.56
N ASN P 14 -54.28 -10.64 53.31
CA ASN P 14 -54.89 -9.40 52.82
C ASN P 14 -56.07 -9.78 51.94
N PRO P 15 -57.16 -10.27 52.53
CA PRO P 15 -58.28 -10.78 51.73
C PRO P 15 -59.13 -9.65 51.16
N HIS P 16 -59.47 -9.76 49.88
CA HIS P 16 -60.37 -8.82 49.23
C HIS P 16 -61.32 -9.62 48.35
N TYR P 17 -62.62 -9.42 48.54
CA TYR P 17 -63.62 -10.25 47.88
C TYR P 17 -64.38 -9.46 46.82
N ARG P 18 -64.69 -10.14 45.73
CA ARG P 18 -65.59 -9.65 44.70
C ARG P 18 -66.92 -10.39 44.84
N ILE P 19 -67.97 -9.63 45.15
CA ILE P 19 -69.33 -10.16 45.13
C ILE P 19 -69.74 -10.35 43.69
N VAL P 20 -70.11 -11.58 43.33
CA VAL P 20 -70.02 -12.04 41.95
C VAL P 20 -71.13 -13.05 41.67
N VAL P 21 -71.61 -13.05 40.43
CA VAL P 21 -72.63 -13.97 39.96
C VAL P 21 -71.95 -15.02 39.10
N THR P 22 -72.09 -16.29 39.49
CA THR P 22 -71.42 -17.36 38.76
C THR P 22 -72.16 -18.67 38.96
N ASP P 23 -71.87 -19.63 38.10
CA ASP P 23 -72.43 -20.96 38.26
C ASP P 23 -71.77 -21.67 39.44
N ALA P 24 -72.59 -22.33 40.25
CA ALA P 24 -72.07 -22.98 41.46
C ALA P 24 -71.05 -24.06 41.13
N ARG P 25 -71.15 -24.67 39.96
CA ARG P 25 -70.24 -25.75 39.58
C ARG P 25 -68.84 -25.27 39.24
N ARG P 26 -68.61 -23.97 39.17
CA ARG P 26 -67.30 -23.46 38.81
C ARG P 26 -66.49 -23.15 40.07
N LYS P 27 -65.16 -23.18 39.91
CA LYS P 27 -64.28 -22.82 41.02
C LYS P 27 -64.55 -21.39 41.46
N ARG P 28 -64.25 -21.11 42.73
CA ARG P 28 -64.67 -19.84 43.31
C ARG P 28 -63.92 -18.64 42.74
N ASP P 29 -62.73 -18.86 42.17
CA ASP P 29 -61.97 -17.79 41.53
C ASP P 29 -62.04 -17.87 40.01
N GLY P 30 -62.97 -18.66 39.47
CA GLY P 30 -63.06 -18.89 38.04
C GLY P 30 -63.94 -17.89 37.33
N LYS P 31 -64.23 -18.18 36.06
CA LYS P 31 -64.94 -17.26 35.18
C LYS P 31 -66.37 -17.03 35.64
N TYR P 32 -66.63 -15.87 36.21
CA TYR P 32 -67.97 -15.55 36.66
C TYR P 32 -68.74 -14.82 35.57
N ILE P 33 -70.03 -14.62 35.81
CA ILE P 33 -70.90 -13.97 34.84
C ILE P 33 -70.81 -12.45 34.95
N GLU P 34 -70.82 -11.92 36.17
CA GLU P 34 -70.79 -10.48 36.37
C GLU P 34 -70.33 -10.17 37.79
N LYS P 35 -69.52 -9.13 37.93
CA LYS P 35 -69.15 -8.61 39.24
C LYS P 35 -70.19 -7.59 39.65
N ILE P 36 -70.92 -7.88 40.74
CA ILE P 36 -71.97 -7.00 41.23
C ILE P 36 -71.56 -6.25 42.48
N GLY P 37 -70.36 -6.49 43.01
CA GLY P 37 -69.89 -5.65 44.10
C GLY P 37 -68.52 -6.08 44.58
N TYR P 38 -68.06 -5.40 45.63
CA TYR P 38 -66.81 -5.79 46.27
C TYR P 38 -66.92 -5.56 47.77
N TYR P 39 -66.09 -6.29 48.51
CA TYR P 39 -66.15 -6.38 49.96
C TYR P 39 -64.74 -6.48 50.53
N ASP P 40 -64.45 -5.62 51.51
CA ASP P 40 -63.18 -5.63 52.24
C ASP P 40 -63.45 -5.96 53.69
N PRO P 41 -63.10 -7.17 54.16
CA PRO P 41 -63.50 -7.57 55.51
C PRO P 41 -62.73 -6.86 56.62
N ARG P 42 -61.52 -6.39 56.35
CA ARG P 42 -60.70 -5.75 57.38
C ARG P 42 -60.99 -4.26 57.53
N LYS P 43 -61.90 -3.73 56.71
CA LYS P 43 -62.32 -2.32 56.78
C LYS P 43 -61.11 -1.38 56.72
N THR P 44 -60.37 -1.48 55.61
CA THR P 44 -59.17 -0.68 55.42
C THR P 44 -59.46 0.71 54.89
N THR P 45 -60.49 0.87 54.07
CA THR P 45 -60.92 2.14 53.52
C THR P 45 -62.35 2.44 53.96
N PRO P 46 -62.74 3.72 54.00
CA PRO P 46 -64.14 4.04 54.34
C PRO P 46 -65.16 3.41 53.41
N ASP P 47 -64.77 3.08 52.18
CA ASP P 47 -65.64 2.39 51.23
C ASP P 47 -65.11 0.97 51.10
N TRP P 48 -65.56 0.10 52.02
CA TRP P 48 -65.12 -1.29 52.07
C TRP P 48 -66.21 -2.25 51.64
N LEU P 49 -67.32 -1.75 51.12
CA LEU P 49 -68.42 -2.60 50.67
C LEU P 49 -69.27 -1.81 49.69
N LYS P 50 -69.31 -2.26 48.44
CA LYS P 50 -70.15 -1.63 47.43
C LYS P 50 -70.91 -2.71 46.66
N VAL P 51 -72.19 -2.45 46.39
CA VAL P 51 -73.07 -3.41 45.73
C VAL P 51 -73.94 -2.65 44.74
N ASP P 52 -74.07 -3.20 43.52
CA ASP P 52 -74.97 -2.66 42.51
C ASP P 52 -76.36 -3.22 42.79
N VAL P 53 -77.21 -2.41 43.42
CA VAL P 53 -78.48 -2.91 43.95
C VAL P 53 -79.39 -3.39 42.85
N GLU P 54 -79.53 -2.61 41.77
CA GLU P 54 -80.44 -2.99 40.69
C GLU P 54 -80.02 -4.31 40.05
N ARG P 55 -78.71 -4.51 39.86
CA ARG P 55 -78.23 -5.76 39.27
C ARG P 55 -78.47 -6.95 40.19
N ALA P 56 -78.24 -6.78 41.49
CA ALA P 56 -78.52 -7.85 42.44
C ALA P 56 -80.00 -8.20 42.45
N ARG P 57 -80.86 -7.18 42.41
CA ARG P 57 -82.30 -7.43 42.32
C ARG P 57 -82.65 -8.19 41.05
N TYR P 58 -82.02 -7.83 39.93
CA TYR P 58 -82.26 -8.57 38.69
C TYR P 58 -81.89 -10.04 38.83
N TRP P 59 -80.67 -10.31 39.29
CA TRP P 59 -80.20 -11.69 39.35
C TRP P 59 -81.00 -12.51 40.36
N LEU P 60 -81.50 -11.87 41.42
CA LEU P 60 -82.41 -12.57 42.31
C LEU P 60 -83.76 -12.81 41.64
N SER P 61 -84.20 -11.89 40.77
CA SER P 61 -85.47 -12.08 40.09
C SER P 61 -85.40 -13.22 39.08
N VAL P 62 -84.25 -13.41 38.44
CA VAL P 62 -84.12 -14.46 37.44
C VAL P 62 -83.80 -15.82 38.05
N GLY P 63 -83.45 -15.87 39.34
CA GLY P 63 -83.29 -17.15 40.00
C GLY P 63 -81.91 -17.48 40.52
N ALA P 64 -81.15 -16.48 40.94
CA ALA P 64 -79.87 -16.73 41.59
C ALA P 64 -80.07 -16.89 43.09
N GLN P 65 -79.16 -17.62 43.71
CA GLN P 65 -79.22 -17.90 45.14
C GLN P 65 -77.93 -17.43 45.81
N PRO P 66 -77.98 -16.48 46.72
CA PRO P 66 -76.76 -16.01 47.39
C PRO P 66 -76.38 -16.90 48.57
N THR P 67 -75.09 -16.86 48.90
CA THR P 67 -74.61 -17.53 50.09
C THR P 67 -75.05 -16.76 51.33
N ASP P 68 -74.93 -17.41 52.49
CA ASP P 68 -75.28 -16.75 53.74
C ASP P 68 -74.47 -15.47 53.93
N THR P 69 -73.16 -15.54 53.68
CA THR P 69 -72.32 -14.34 53.74
C THR P 69 -72.70 -13.35 52.64
N ALA P 70 -72.93 -13.86 51.42
CA ALA P 70 -73.34 -12.98 50.34
C ALA P 70 -74.68 -12.32 50.63
N ARG P 71 -75.64 -13.10 51.15
CA ARG P 71 -76.94 -12.52 51.50
C ARG P 71 -76.80 -11.49 52.60
N ARG P 72 -75.92 -11.74 53.57
CA ARG P 72 -75.69 -10.76 54.63
C ARG P 72 -75.13 -9.46 54.06
N LEU P 73 -74.13 -9.56 53.19
CA LEU P 73 -73.54 -8.35 52.60
C LEU P 73 -74.56 -7.60 51.75
N LEU P 74 -75.40 -8.33 51.01
CA LEU P 74 -76.44 -7.67 50.21
C LEU P 74 -77.45 -6.97 51.11
N ARG P 75 -77.90 -7.65 52.17
CA ARG P 75 -78.85 -7.06 53.12
C ARG P 75 -78.28 -5.80 53.75
N GLN P 76 -76.97 -5.77 53.99
CA GLN P 76 -76.36 -4.55 54.52
C GLN P 76 -76.41 -3.42 53.51
N ALA P 77 -76.44 -3.73 52.22
CA ALA P 77 -76.56 -2.74 51.16
C ALA P 77 -78.00 -2.45 50.77
N GLY P 78 -78.97 -2.94 51.54
CA GLY P 78 -80.36 -2.64 51.26
C GLY P 78 -80.92 -3.27 50.01
N VAL P 79 -80.39 -4.42 49.60
CA VAL P 79 -80.91 -5.10 48.41
C VAL P 79 -82.32 -5.60 48.65
N PHE P 80 -82.61 -6.05 49.88
CA PHE P 80 -83.92 -6.59 50.23
C PHE P 80 -84.82 -5.57 50.91
N ARG P 81 -84.29 -4.41 51.28
CA ARG P 81 -85.10 -3.39 51.94
C ARG P 81 -86.24 -2.96 51.04
N GLN P 82 -87.46 -2.99 51.59
CA GLN P 82 -88.65 -2.62 50.85
C GLN P 82 -89.47 -1.55 51.58
N GLU P 83 -88.83 -0.76 52.43
CA GLU P 83 -89.51 0.25 53.22
C GLU P 83 -90.09 1.36 52.35
N ALA P 84 -89.22 2.12 51.70
N PRO Q 1 -76.25 -13.97 11.26
CA PRO Q 1 -76.40 -14.03 9.80
C PRO Q 1 -75.69 -15.24 9.18
N LYS Q 2 -76.44 -16.11 8.52
CA LYS Q 2 -75.85 -17.26 7.86
C LYS Q 2 -74.99 -16.78 6.68
N LYS Q 3 -73.77 -17.30 6.59
CA LYS Q 3 -72.83 -16.86 5.57
C LYS Q 3 -73.38 -17.13 4.18
N VAL Q 4 -73.30 -16.13 3.31
CA VAL Q 4 -73.75 -16.24 1.93
C VAL Q 4 -72.56 -15.92 1.03
N LEU Q 5 -72.05 -16.93 0.34
CA LEU Q 5 -70.95 -16.80 -0.60
C LEU Q 5 -71.48 -16.75 -2.03
N THR Q 6 -70.57 -16.54 -2.98
CA THR Q 6 -70.92 -16.48 -4.39
C THR Q 6 -69.83 -17.18 -5.19
N GLY Q 7 -70.21 -18.18 -5.98
CA GLY Q 7 -69.23 -18.93 -6.74
C GLY Q 7 -69.71 -19.45 -8.08
N VAL Q 8 -68.94 -20.39 -8.64
CA VAL Q 8 -69.18 -20.94 -9.97
C VAL Q 8 -69.38 -22.44 -9.83
N VAL Q 9 -70.44 -22.95 -10.44
CA VAL Q 9 -70.70 -24.39 -10.44
C VAL Q 9 -69.76 -25.06 -11.43
N VAL Q 10 -68.87 -25.90 -10.92
CA VAL Q 10 -67.84 -26.55 -11.71
C VAL Q 10 -67.99 -28.07 -11.74
N SER Q 11 -69.01 -28.62 -11.10
CA SER Q 11 -69.24 -30.07 -11.14
C SER Q 11 -70.71 -30.33 -10.86
N ASP Q 12 -71.42 -30.84 -11.87
CA ASP Q 12 -72.78 -31.32 -11.72
C ASP Q 12 -72.85 -32.84 -11.85
N LYS Q 13 -71.72 -33.53 -11.71
CA LYS Q 13 -71.64 -34.96 -11.93
C LYS Q 13 -72.20 -35.78 -10.77
N MET Q 14 -72.54 -35.15 -9.66
CA MET Q 14 -73.14 -35.83 -8.52
C MET Q 14 -74.66 -35.73 -8.59
N GLN Q 15 -75.32 -36.48 -7.71
CA GLN Q 15 -76.77 -36.47 -7.63
C GLN Q 15 -77.21 -35.44 -6.59
N LYS Q 16 -77.97 -34.43 -7.05
CA LYS Q 16 -78.50 -33.38 -6.18
C LYS Q 16 -77.40 -32.62 -5.46
N THR Q 17 -76.24 -32.47 -6.10
CA THR Q 17 -75.11 -31.79 -5.49
C THR Q 17 -74.32 -31.07 -6.57
N VAL Q 18 -73.76 -29.92 -6.23
CA VAL Q 18 -72.92 -29.16 -7.15
C VAL Q 18 -71.70 -28.65 -6.41
N THR Q 19 -70.56 -28.60 -7.09
CA THR Q 19 -69.32 -28.08 -6.52
C THR Q 19 -69.17 -26.62 -6.93
N VAL Q 20 -69.32 -25.72 -5.98
CA VAL Q 20 -69.25 -24.29 -6.23
C VAL Q 20 -67.89 -23.78 -5.78
N LEU Q 21 -67.14 -23.21 -6.72
CA LEU Q 21 -65.84 -22.62 -6.42
C LEU Q 21 -66.02 -21.15 -6.07
N VAL Q 22 -65.47 -20.74 -4.95
CA VAL Q 22 -65.66 -19.40 -4.38
C VAL Q 22 -64.29 -18.77 -4.17
N GLU Q 23 -64.06 -17.61 -4.78
CA GLU Q 23 -62.82 -16.88 -4.63
C GLU Q 23 -62.97 -15.78 -3.57
N ARG Q 24 -61.83 -15.26 -3.14
CA ARG Q 24 -61.80 -14.19 -2.15
C ARG Q 24 -60.47 -13.46 -2.22
N GLN Q 25 -60.54 -12.13 -2.25
CA GLN Q 25 -59.35 -11.27 -2.25
C GLN Q 25 -59.13 -10.72 -0.86
N PHE Q 26 -57.86 -10.59 -0.48
CA PHE Q 26 -57.53 -10.00 0.81
C PHE Q 26 -56.06 -9.60 0.82
N PRO Q 27 -55.69 -8.55 1.55
CA PRO Q 27 -54.28 -8.19 1.65
C PRO Q 27 -53.50 -9.23 2.44
N HIS Q 28 -52.26 -9.47 2.02
CA HIS Q 28 -51.43 -10.46 2.68
C HIS Q 28 -51.06 -9.98 4.08
N PRO Q 29 -51.08 -10.88 5.08
CA PRO Q 29 -50.88 -10.41 6.47
C PRO Q 29 -49.55 -9.75 6.73
N LEU Q 30 -48.51 -10.09 5.97
CA LEU Q 30 -47.19 -9.50 6.16
C LEU Q 30 -46.72 -8.66 4.99
N TYR Q 31 -47.08 -9.01 3.77
CA TYR Q 31 -46.55 -8.36 2.58
C TYR Q 31 -47.55 -7.45 1.89
N GLY Q 32 -48.77 -7.30 2.44
CA GLY Q 32 -49.70 -6.28 2.00
C GLY Q 32 -50.28 -6.45 0.61
N LYS Q 33 -49.72 -7.33 -0.21
CA LYS Q 33 -50.25 -7.54 -1.55
C LYS Q 33 -51.65 -8.14 -1.47
N VAL Q 34 -52.56 -7.61 -2.29
CA VAL Q 34 -53.90 -8.17 -2.35
C VAL Q 34 -53.83 -9.49 -3.11
N ILE Q 35 -53.88 -10.60 -2.36
CA ILE Q 35 -53.79 -11.92 -2.94
C ILE Q 35 -55.19 -12.50 -3.05
N LYS Q 36 -55.31 -13.54 -3.87
CA LYS Q 36 -56.59 -14.13 -4.25
C LYS Q 36 -56.56 -15.63 -3.96
N ARG Q 37 -57.39 -16.07 -3.02
CA ARG Q 37 -57.50 -17.48 -2.69
C ARG Q 37 -58.88 -17.99 -3.11
N SER Q 38 -59.07 -19.31 -3.04
CA SER Q 38 -60.31 -19.92 -3.48
C SER Q 38 -60.58 -21.19 -2.70
N LYS Q 39 -61.83 -21.64 -2.75
CA LYS Q 39 -62.25 -22.81 -2.01
C LYS Q 39 -63.51 -23.39 -2.66
N LYS Q 40 -63.56 -24.72 -2.75
CA LYS Q 40 -64.70 -25.42 -3.33
C LYS Q 40 -65.63 -25.91 -2.22
N TYR Q 41 -66.93 -25.62 -2.38
CA TYR Q 41 -67.95 -26.01 -1.43
C TYR Q 41 -68.94 -26.92 -2.12
N LEU Q 42 -69.32 -28.02 -1.46
CA LEU Q 42 -70.36 -28.90 -1.96
C LEU Q 42 -71.70 -28.36 -1.52
N ALA Q 43 -72.50 -27.87 -2.48
CA ALA Q 43 -73.79 -27.27 -2.20
C ALA Q 43 -74.91 -28.17 -2.69
N HIS Q 44 -76.07 -27.99 -2.06
CA HIS Q 44 -77.23 -28.85 -2.25
C HIS Q 44 -78.10 -28.29 -3.38
N ASP Q 45 -78.35 -29.11 -4.40
CA ASP Q 45 -79.23 -28.76 -5.51
C ASP Q 45 -80.33 -29.82 -5.59
N PRO Q 46 -81.38 -29.67 -4.77
CA PRO Q 46 -82.41 -30.72 -4.70
C PRO Q 46 -83.28 -30.83 -5.94
N GLU Q 47 -83.13 -29.93 -6.91
CA GLU Q 47 -83.94 -29.97 -8.13
C GLU Q 47 -83.11 -30.16 -9.39
N GLU Q 48 -81.79 -30.37 -9.26
CA GLU Q 48 -80.89 -30.40 -10.41
C GLU Q 48 -81.07 -29.17 -11.30
N LYS Q 49 -81.41 -28.04 -10.67
CA LYS Q 49 -81.74 -26.82 -11.38
C LYS Q 49 -80.53 -26.12 -11.96
N TYR Q 50 -79.39 -26.21 -11.29
CA TYR Q 50 -78.18 -25.50 -11.68
C TYR Q 50 -77.23 -26.42 -12.43
N LYS Q 51 -76.61 -25.90 -13.48
CA LYS Q 51 -75.74 -26.67 -14.35
C LYS Q 51 -74.33 -26.08 -14.32
N LEU Q 52 -73.47 -26.62 -15.17
CA LEU Q 52 -72.07 -26.18 -15.22
C LEU Q 52 -71.98 -24.75 -15.74
N GLY Q 53 -71.06 -23.98 -15.15
CA GLY Q 53 -70.85 -22.61 -15.54
C GLY Q 53 -71.75 -21.60 -14.86
N ASP Q 54 -72.79 -22.06 -14.17
CA ASP Q 54 -73.70 -21.14 -13.50
C ASP Q 54 -73.03 -20.48 -12.31
N VAL Q 55 -73.06 -19.15 -12.26
CA VAL Q 55 -72.58 -18.41 -11.11
C VAL Q 55 -73.75 -18.20 -10.16
N VAL Q 56 -73.62 -18.73 -8.94
CA VAL Q 56 -74.72 -18.86 -8.00
C VAL Q 56 -74.31 -18.38 -6.62
N GLU Q 57 -75.29 -17.95 -5.84
CA GLU Q 57 -75.11 -17.64 -4.43
C GLU Q 57 -75.37 -18.89 -3.60
N ILE Q 58 -74.61 -19.01 -2.51
CA ILE Q 58 -74.62 -20.18 -1.65
C ILE Q 58 -74.83 -19.69 -0.22
N ILE Q 59 -75.58 -20.46 0.58
CA ILE Q 59 -75.96 -20.04 1.92
C ILE Q 59 -75.66 -21.16 2.91
N GLU Q 60 -75.12 -20.77 4.07
CA GLU Q 60 -74.89 -21.69 5.17
C GLU Q 60 -76.19 -22.38 5.58
N SER Q 61 -76.17 -23.69 5.64
CA SER Q 61 -77.37 -24.48 5.84
C SER Q 61 -77.13 -25.57 6.88
N ARG Q 62 -78.23 -26.13 7.37
CA ARG Q 62 -78.14 -27.30 8.23
C ARG Q 62 -77.45 -28.43 7.48
N PRO Q 63 -76.58 -29.19 8.13
CA PRO Q 63 -75.78 -30.20 7.42
C PRO Q 63 -76.66 -31.20 6.66
N ILE Q 64 -76.32 -31.41 5.40
CA ILE Q 64 -77.00 -32.39 4.56
C ILE Q 64 -76.25 -33.72 4.53
N SER Q 65 -74.92 -33.66 4.50
CA SER Q 65 -74.09 -34.85 4.59
C SER Q 65 -72.67 -34.41 4.95
N LYS Q 66 -71.81 -35.40 5.20
CA LYS Q 66 -70.40 -35.11 5.42
C LYS Q 66 -69.81 -34.38 4.24
N ARG Q 67 -69.29 -33.17 4.47
CA ARG Q 67 -68.72 -32.23 3.50
C ARG Q 67 -69.80 -31.43 2.78
N LYS Q 68 -71.08 -31.67 3.04
CA LYS Q 68 -72.17 -30.95 2.38
C LYS Q 68 -72.91 -30.12 3.42
N ARG Q 69 -72.60 -28.82 3.50
CA ARG Q 69 -73.13 -27.96 4.55
C ARG Q 69 -73.71 -26.66 4.00
N PHE Q 70 -74.05 -26.62 2.71
CA PHE Q 70 -74.48 -25.38 2.07
C PHE Q 70 -75.58 -25.66 1.07
N ARG Q 71 -76.46 -24.68 0.88
CA ARG Q 71 -77.52 -24.77 -0.11
C ARG Q 71 -77.38 -23.66 -1.14
N VAL Q 72 -77.88 -23.90 -2.35
CA VAL Q 72 -77.79 -22.91 -3.41
C VAL Q 72 -78.94 -21.91 -3.22
N LEU Q 73 -78.59 -20.67 -2.88
CA LEU Q 73 -79.61 -19.66 -2.62
C LEU Q 73 -80.33 -19.26 -3.91
N ARG Q 74 -79.58 -18.73 -4.88
CA ARG Q 74 -80.17 -18.28 -6.13
C ARG Q 74 -79.10 -18.25 -7.20
N LEU Q 75 -79.52 -17.98 -8.43
CA LEU Q 75 -78.63 -17.91 -9.58
C LEU Q 75 -78.24 -16.46 -9.82
N VAL Q 76 -76.94 -16.18 -9.73
CA VAL Q 76 -76.45 -14.83 -10.01
C VAL Q 76 -76.45 -14.57 -11.51
N GLU Q 77 -75.76 -15.42 -12.27
CA GLU Q 77 -75.80 -15.31 -13.72
C GLU Q 77 -75.59 -16.68 -14.34
N SER Q 78 -76.08 -16.82 -15.58
CA SER Q 78 -76.14 -18.11 -16.25
C SER Q 78 -74.75 -18.59 -16.62
N GLY Q 79 -74.71 -19.74 -17.29
CA GLY Q 79 -73.48 -20.44 -17.59
C GLY Q 79 -72.42 -19.63 -18.32
N ARG Q 80 -71.31 -19.36 -17.64
CA ARG Q 80 -70.12 -18.77 -18.25
C ARG Q 80 -68.98 -19.77 -18.07
N MET Q 81 -68.72 -20.54 -19.13
CA MET Q 81 -67.78 -21.65 -19.06
C MET Q 81 -66.32 -21.22 -19.00
N ASP Q 82 -66.03 -19.92 -18.95
CA ASP Q 82 -64.64 -19.47 -18.95
C ASP Q 82 -63.96 -19.80 -17.63
N LEU Q 83 -64.61 -19.49 -16.51
CA LEU Q 83 -64.04 -19.82 -15.21
C LEU Q 83 -63.93 -21.33 -15.02
N VAL Q 84 -64.92 -22.07 -15.53
CA VAL Q 84 -64.88 -23.53 -15.49
C VAL Q 84 -63.67 -24.04 -16.27
N GLU Q 85 -63.42 -23.47 -17.46
CA GLU Q 85 -62.27 -23.88 -18.25
C GLU Q 85 -60.96 -23.55 -17.54
N LYS Q 86 -60.91 -22.39 -16.87
CA LYS Q 86 -59.72 -22.04 -16.09
C LYS Q 86 -59.45 -23.09 -15.01
N TYR Q 87 -60.49 -23.44 -14.25
CA TYR Q 87 -60.33 -24.44 -13.20
C TYR Q 87 -59.94 -25.80 -13.77
N LEU Q 88 -60.53 -26.17 -14.92
CA LEU Q 88 -60.22 -27.47 -15.51
C LEU Q 88 -58.79 -27.52 -16.02
N ILE Q 89 -58.27 -26.42 -16.56
CA ILE Q 89 -56.88 -26.38 -17.00
C ILE Q 89 -55.95 -26.42 -15.79
N ARG Q 90 -56.32 -25.73 -14.71
CA ARG Q 90 -55.54 -25.81 -13.48
C ARG Q 90 -55.45 -27.25 -12.99
N ARG Q 91 -56.55 -27.99 -13.05
CA ARG Q 91 -56.53 -29.39 -12.64
C ARG Q 91 -55.72 -30.24 -13.62
N GLN Q 92 -55.86 -29.97 -14.92
CA GLN Q 92 -55.18 -30.78 -15.93
C GLN Q 92 -53.67 -30.61 -15.88
N ASN Q 93 -53.20 -29.45 -15.41
CA ASN Q 93 -51.75 -29.26 -15.28
C ASN Q 93 -51.13 -30.20 -14.25
N TYR Q 94 -51.91 -30.73 -13.30
CA TYR Q 94 -51.35 -31.57 -12.25
C TYR Q 94 -50.81 -32.89 -12.77
N GLU Q 95 -51.30 -33.37 -13.90
CA GLU Q 95 -50.81 -34.63 -14.43
C GLU Q 95 -49.41 -34.50 -15.03
N SER Q 96 -48.96 -33.28 -15.32
CA SER Q 96 -47.68 -33.09 -15.97
C SER Q 96 -46.50 -33.08 -15.00
N LEU Q 97 -46.74 -32.97 -13.69
CA LEU Q 97 -45.66 -32.94 -12.71
C LEU Q 97 -45.83 -34.12 -11.76
N SER Q 98 -45.36 -35.29 -12.19
CA SER Q 98 -45.30 -36.46 -11.33
C SER Q 98 -43.88 -36.99 -11.16
N LYS Q 99 -43.20 -37.33 -12.26
CA LYS Q 99 -41.87 -37.93 -12.21
C LYS Q 99 -41.28 -38.08 -13.61
N PRO R 1 1.13 2.63 -46.56
CA PRO R 1 -0.13 3.38 -46.58
C PRO R 1 -0.85 3.30 -47.92
N SER R 2 -0.19 2.68 -48.91
CA SER R 2 -0.76 2.47 -50.25
C SER R 2 -1.17 3.80 -50.89
N ARG R 3 -0.17 4.64 -51.13
CA ARG R 3 -0.37 5.95 -51.74
C ARG R 3 -0.10 5.95 -53.23
N LYS R 4 0.00 4.78 -53.86
CA LYS R 4 0.29 4.73 -55.28
C LYS R 4 -0.93 5.13 -56.11
N ALA R 5 -2.00 4.35 -56.01
CA ALA R 5 -3.25 4.62 -56.72
C ALA R 5 -4.32 3.66 -56.21
N LYS R 6 -5.56 4.14 -56.21
CA LYS R 6 -6.71 3.32 -55.87
C LYS R 6 -7.26 2.67 -57.14
N VAL R 7 -7.67 1.41 -57.03
CA VAL R 7 -8.16 0.69 -58.19
C VAL R 7 -9.47 1.29 -58.68
N LYS R 8 -10.33 1.73 -57.75
CA LYS R 8 -11.59 2.36 -58.14
C LYS R 8 -11.35 3.72 -58.79
N ALA R 9 -10.47 4.53 -58.21
CA ALA R 9 -10.18 5.85 -58.76
C ALA R 9 -9.45 5.76 -60.09
N THR R 10 -8.70 4.68 -60.30
CA THR R 10 -8.03 4.43 -61.58
C THR R 10 -8.93 3.68 -62.55
N LEU R 11 -10.25 3.77 -62.37
CA LEU R 11 -11.21 3.06 -63.21
C LEU R 11 -12.40 3.95 -63.47
N GLY R 12 -13.26 3.51 -64.39
CA GLY R 12 -14.45 4.26 -64.73
C GLY R 12 -15.74 3.60 -64.29
N GLU R 13 -16.73 3.58 -65.19
CA GLU R 13 -18.01 2.95 -64.90
C GLU R 13 -17.95 1.47 -65.25
N PHE R 14 -18.29 0.62 -64.27
CA PHE R 14 -18.22 -0.82 -64.48
C PHE R 14 -19.20 -1.52 -63.55
N ASP R 15 -19.55 -2.75 -63.92
CA ASP R 15 -20.46 -3.56 -63.13
C ASP R 15 -19.66 -4.40 -62.13
N LEU R 16 -20.04 -4.31 -60.86
CA LEU R 16 -19.37 -5.08 -59.83
C LEU R 16 -19.87 -6.52 -59.75
N ARG R 17 -21.00 -6.82 -60.37
CA ARG R 17 -21.59 -8.16 -60.29
C ARG R 17 -21.34 -8.99 -61.55
N ASP R 18 -20.59 -8.46 -62.51
CA ASP R 18 -20.29 -9.18 -63.75
C ASP R 18 -19.05 -10.04 -63.51
N TYR R 19 -19.27 -11.35 -63.35
CA TYR R 19 -18.19 -12.30 -63.12
C TYR R 19 -17.45 -12.68 -64.41
N ARG R 20 -17.96 -12.28 -65.57
CA ARG R 20 -17.33 -12.63 -66.83
C ARG R 20 -16.35 -11.57 -67.33
N ASN R 21 -16.40 -10.37 -66.80
CA ASN R 21 -15.51 -9.28 -67.22
C ASN R 21 -14.15 -9.49 -66.57
N VAL R 22 -13.26 -10.18 -67.29
CA VAL R 22 -11.99 -10.61 -66.72
C VAL R 22 -11.00 -9.45 -66.65
N GLU R 23 -10.92 -8.65 -67.71
CA GLU R 23 -9.90 -7.61 -67.79
C GLU R 23 -10.08 -6.53 -66.73
N VAL R 24 -11.28 -6.41 -66.16
CA VAL R 24 -11.49 -5.43 -65.09
C VAL R 24 -11.25 -6.04 -63.72
N LEU R 25 -11.49 -7.34 -63.56
CA LEU R 25 -11.25 -7.99 -62.29
C LEU R 25 -9.78 -8.31 -62.08
N LYS R 26 -9.02 -8.44 -63.17
CA LYS R 26 -7.57 -8.61 -63.07
C LYS R 26 -6.94 -7.46 -62.29
N ARG R 27 -7.47 -6.24 -62.47
CA ARG R 27 -6.95 -5.08 -61.76
C ARG R 27 -7.15 -5.18 -60.25
N PHE R 28 -8.13 -5.95 -59.80
CA PHE R 28 -8.44 -6.08 -58.37
C PHE R 28 -7.68 -7.21 -57.69
N LEU R 29 -6.85 -7.95 -58.43
CA LEU R 29 -5.98 -8.93 -57.83
C LEU R 29 -4.57 -8.35 -57.68
N SER R 30 -3.82 -8.94 -56.75
CA SER R 30 -2.44 -8.51 -56.52
C SER R 30 -1.54 -9.12 -57.60
N GLU R 31 -0.23 -9.03 -57.40
CA GLU R 31 0.70 -9.74 -58.27
C GLU R 31 0.45 -11.24 -58.22
N THR R 32 0.10 -11.75 -57.04
CA THR R 32 -0.42 -13.10 -56.89
C THR R 32 -1.92 -13.09 -57.15
N GLY R 33 -2.51 -14.29 -57.23
CA GLY R 33 -3.92 -14.41 -57.48
C GLY R 33 -4.81 -13.99 -56.33
N LYS R 34 -4.21 -13.43 -55.29
CA LYS R 34 -4.94 -13.04 -54.10
C LYS R 34 -5.81 -11.82 -54.38
N ILE R 35 -6.90 -11.70 -53.61
CA ILE R 35 -7.80 -10.57 -53.71
C ILE R 35 -7.23 -9.40 -52.90
N LEU R 36 -7.18 -8.23 -53.53
CA LEU R 36 -6.61 -7.07 -52.87
C LEU R 36 -7.48 -6.63 -51.70
N PRO R 37 -6.88 -6.07 -50.64
CA PRO R 37 -7.67 -5.58 -49.50
C PRO R 37 -8.39 -4.27 -49.82
N ARG R 38 -9.04 -3.69 -48.81
CA ARG R 38 -9.79 -2.46 -49.02
C ARG R 38 -8.85 -1.28 -49.28
N ARG R 39 -7.70 -1.24 -48.60
CA ARG R 39 -6.78 -0.13 -48.75
C ARG R 39 -6.23 -0.01 -50.17
N ARG R 40 -6.22 -1.10 -50.93
CA ARG R 40 -5.71 -1.08 -52.30
C ARG R 40 -6.81 -0.82 -53.31
N THR R 41 -7.99 -1.40 -53.09
CA THR R 41 -9.08 -1.27 -54.06
C THR R 41 -9.84 0.04 -53.91
N GLY R 42 -9.92 0.57 -52.68
CA GLY R 42 -10.69 1.78 -52.46
C GLY R 42 -12.18 1.61 -52.57
N LEU R 43 -12.68 0.40 -52.39
CA LEU R 43 -14.12 0.13 -52.44
C LEU R 43 -14.74 0.29 -51.06
N SER R 44 -16.07 0.28 -51.03
CA SER R 44 -16.81 0.32 -49.78
C SER R 44 -16.97 -1.11 -49.26
N ALA R 45 -17.58 -1.23 -48.08
CA ALA R 45 -17.82 -2.54 -47.48
C ALA R 45 -18.69 -3.40 -48.41
N LYS R 46 -19.84 -2.86 -48.81
CA LYS R 46 -20.76 -3.59 -49.68
C LYS R 46 -20.13 -3.87 -51.03
N GLU R 47 -19.43 -2.88 -51.59
CA GLU R 47 -18.77 -3.06 -52.88
C GLU R 47 -17.74 -4.18 -52.83
N GLN R 48 -16.86 -4.15 -51.82
CA GLN R 48 -15.85 -5.19 -51.66
C GLN R 48 -16.49 -6.55 -51.43
N ARG R 49 -17.58 -6.58 -50.66
CA ARG R 49 -18.25 -7.85 -50.39
C ARG R 49 -18.79 -8.47 -51.67
N ILE R 50 -19.39 -7.65 -52.54
CA ILE R 50 -19.87 -8.16 -53.82
C ILE R 50 -18.70 -8.58 -54.72
N LEU R 51 -17.63 -7.77 -54.72
CA LEU R 51 -16.47 -8.07 -55.55
C LEU R 51 -15.85 -9.40 -55.19
N ALA R 52 -15.81 -9.73 -53.90
CA ALA R 52 -15.22 -10.99 -53.47
C ALA R 52 -15.92 -12.18 -54.10
N LYS R 53 -17.26 -12.22 -54.02
CA LYS R 53 -17.99 -13.35 -54.57
C LYS R 53 -17.92 -13.39 -56.09
N THR R 54 -17.93 -12.22 -56.74
CA THR R 54 -17.81 -12.22 -58.19
C THR R 54 -16.43 -12.72 -58.63
N ILE R 55 -15.38 -12.37 -57.89
CA ILE R 55 -14.05 -12.87 -58.18
C ILE R 55 -13.97 -14.38 -57.97
N LYS R 56 -14.61 -14.88 -56.91
CA LYS R 56 -14.63 -16.32 -56.68
C LYS R 56 -15.34 -17.06 -57.82
N ARG R 57 -16.44 -16.49 -58.31
CA ARG R 57 -17.11 -17.06 -59.47
C ARG R 57 -16.21 -17.07 -60.69
N ALA R 58 -15.55 -15.95 -60.96
CA ALA R 58 -14.63 -15.87 -62.10
C ALA R 58 -13.50 -16.87 -61.98
N ARG R 59 -13.04 -17.13 -60.75
CA ARG R 59 -12.03 -18.16 -60.52
C ARG R 59 -12.56 -19.53 -60.88
N ILE R 60 -13.73 -19.89 -60.35
CA ILE R 60 -14.30 -21.20 -60.61
C ILE R 60 -14.51 -21.41 -62.11
N LEU R 61 -14.93 -20.36 -62.82
CA LEU R 61 -15.11 -20.47 -64.26
C LEU R 61 -13.81 -20.67 -65.03
N GLY R 62 -12.66 -20.49 -64.38
CA GLY R 62 -11.38 -20.60 -65.06
C GLY R 62 -10.86 -19.33 -65.65
N LEU R 63 -11.44 -18.18 -65.29
CA LEU R 63 -11.06 -16.90 -65.86
C LEU R 63 -10.00 -16.19 -65.03
N LEU R 64 -10.16 -16.17 -63.71
CA LEU R 64 -9.18 -15.62 -62.80
C LEU R 64 -8.41 -16.72 -62.10
N PRO R 65 -7.19 -16.43 -61.66
CA PRO R 65 -6.40 -17.47 -60.98
C PRO R 65 -6.69 -17.56 -59.50
N PHE R 66 -6.55 -18.78 -58.98
CA PHE R 66 -6.64 -18.99 -57.54
C PHE R 66 -5.38 -18.52 -56.83
N THR R 67 -4.22 -18.73 -57.45
CA THR R 67 -2.95 -18.28 -56.90
C THR R 67 -1.93 -18.22 -58.03
N GLU R 68 -1.05 -17.22 -57.96
CA GLU R 68 0.02 -17.05 -58.93
C GLU R 68 1.36 -17.18 -58.21
N LYS R 69 2.44 -16.90 -58.94
CA LYS R 69 3.78 -16.98 -58.40
C LYS R 69 4.43 -15.60 -58.42
N LEU R 70 5.28 -15.35 -57.43
CA LEU R 70 5.97 -14.08 -57.28
C LEU R 70 7.26 -14.08 -58.09
N VAL R 71 7.54 -12.96 -58.74
CA VAL R 71 8.71 -12.83 -59.60
C VAL R 71 9.61 -11.72 -59.05
N ARG R 72 10.89 -11.80 -59.43
CA ARG R 72 11.88 -10.75 -59.12
C ARG R 72 12.09 -10.59 -57.61
N LYS R 73 12.12 -11.71 -56.89
CA LYS R 73 12.37 -11.65 -55.45
C LYS R 73 13.87 -11.48 -55.18
N PRO S 1 72.87 -23.10 18.43
CA PRO S 1 73.06 -21.67 18.12
C PRO S 1 72.52 -20.76 19.22
N ARG S 2 72.69 -21.16 20.47
CA ARG S 2 72.13 -20.43 21.60
C ARG S 2 73.24 -19.93 22.53
N SER S 3 72.95 -18.83 23.22
CA SER S 3 73.86 -18.20 24.18
C SER S 3 73.10 -17.09 24.89
N LEU S 4 73.56 -16.74 26.09
CA LEU S 4 72.95 -15.65 26.84
C LEU S 4 73.86 -14.46 27.00
N LYS S 5 75.00 -14.62 27.68
CA LYS S 5 75.99 -13.56 27.88
C LYS S 5 77.13 -14.07 28.77
N LYS S 6 78.15 -13.25 28.96
CA LYS S 6 79.13 -13.53 30.01
C LYS S 6 78.51 -13.30 31.38
N GLY S 7 78.96 -14.09 32.36
CA GLY S 7 78.32 -14.09 33.66
C GLY S 7 77.02 -14.86 33.67
N VAL S 8 77.12 -16.18 33.50
CA VAL S 8 75.95 -17.04 33.39
C VAL S 8 75.01 -16.83 34.57
N PHE S 9 73.72 -16.76 34.29
CA PHE S 9 72.71 -16.48 35.30
C PHE S 9 72.19 -17.78 35.90
N VAL S 10 72.22 -17.87 37.22
CA VAL S 10 71.58 -18.95 37.97
C VAL S 10 70.80 -18.33 39.12
N ASP S 11 69.55 -18.74 39.29
CA ASP S 11 68.72 -18.22 40.35
C ASP S 11 69.28 -18.62 41.71
N ASP S 12 69.59 -17.63 42.55
CA ASP S 12 70.19 -17.88 43.85
C ASP S 12 69.25 -18.57 44.83
N HIS S 13 68.02 -18.90 44.41
CA HIS S 13 67.10 -19.62 45.29
C HIS S 13 67.65 -21.00 45.63
N LEU S 14 67.82 -21.85 44.62
CA LEU S 14 68.36 -23.18 44.82
C LEU S 14 69.88 -23.23 44.81
N LEU S 15 70.54 -22.14 44.40
CA LEU S 15 72.00 -22.12 44.39
C LEU S 15 72.54 -22.31 45.81
N GLU S 16 72.00 -21.58 46.78
CA GLU S 16 72.41 -21.79 48.16
C GLU S 16 71.92 -23.13 48.70
N LYS S 17 70.77 -23.60 48.24
CA LYS S 17 70.21 -24.84 48.75
C LYS S 17 71.06 -26.04 48.38
N VAL S 18 71.53 -26.10 47.13
CA VAL S 18 72.29 -27.27 46.69
C VAL S 18 73.65 -27.31 47.39
N LEU S 19 74.28 -26.15 47.59
CA LEU S 19 75.55 -26.15 48.31
C LEU S 19 75.35 -26.42 49.80
N GLU S 20 74.22 -26.00 50.37
CA GLU S 20 73.93 -26.38 51.75
C GLU S 20 73.71 -27.87 51.89
N LEU S 21 73.12 -28.50 50.87
CA LEU S 21 72.99 -29.95 50.89
C LEU S 21 74.35 -30.63 50.75
N ASN S 22 75.21 -30.10 49.87
CA ASN S 22 76.55 -30.65 49.72
C ASN S 22 77.38 -30.49 50.99
N ALA S 23 77.11 -29.44 51.76
CA ALA S 23 77.90 -29.19 52.97
C ALA S 23 77.70 -30.28 54.01
N LYS S 24 76.54 -30.96 54.00
CA LYS S 24 76.26 -31.98 54.99
C LYS S 24 75.97 -33.36 54.41
N GLY S 25 75.66 -33.47 53.11
CA GLY S 25 75.40 -34.78 52.55
C GLY S 25 74.77 -34.80 51.18
N GLU S 26 73.77 -35.66 51.00
CA GLU S 26 73.15 -35.91 49.70
C GLU S 26 71.63 -35.98 49.84
N LYS S 27 71.07 -34.98 50.53
CA LYS S 27 69.65 -34.97 50.88
C LYS S 27 68.75 -35.19 49.66
N ARG S 28 67.52 -35.63 49.90
CA ARG S 28 66.65 -36.16 48.86
C ARG S 28 66.04 -35.02 48.05
N LEU S 29 65.00 -35.35 47.29
CA LEU S 29 64.33 -34.46 46.34
C LEU S 29 64.19 -33.04 46.87
N ILE S 30 64.61 -32.09 46.04
CA ILE S 30 64.40 -30.66 46.31
C ILE S 30 63.39 -30.15 45.30
N LYS S 31 62.47 -29.31 45.78
CA LYS S 31 61.40 -28.76 44.94
C LYS S 31 61.76 -27.34 44.53
N THR S 32 61.73 -27.07 43.23
CA THR S 32 62.13 -25.77 42.71
C THR S 32 61.15 -25.33 41.64
N TRP S 33 60.64 -24.11 41.78
CA TRP S 33 59.81 -23.48 40.75
C TRP S 33 60.64 -22.67 39.76
N SER S 34 61.92 -22.43 40.06
CA SER S 34 62.80 -21.66 39.19
C SER S 34 63.39 -22.59 38.13
N ARG S 35 62.62 -22.80 37.07
CA ARG S 35 63.09 -23.57 35.92
C ARG S 35 63.95 -22.76 34.98
N ARG S 36 64.03 -21.44 35.17
CA ARG S 36 64.85 -20.58 34.34
C ARG S 36 66.33 -20.66 34.69
N SER S 37 66.69 -21.26 35.81
CA SER S 37 68.08 -21.30 36.25
C SER S 37 68.89 -22.28 35.40
N THR S 38 70.20 -22.01 35.32
CA THR S 38 71.11 -22.81 34.53
C THR S 38 71.78 -23.87 35.39
N ILE S 39 72.03 -25.03 34.78
CA ILE S 39 72.62 -26.16 35.50
C ILE S 39 74.11 -25.90 35.68
N VAL S 40 74.58 -26.04 36.92
CA VAL S 40 75.99 -25.86 37.26
C VAL S 40 76.57 -27.20 37.70
N PRO S 41 77.90 -27.37 37.65
CA PRO S 41 78.46 -28.70 37.99
C PRO S 41 78.19 -29.16 39.40
N GLU S 42 78.06 -28.24 40.37
CA GLU S 42 77.84 -28.66 41.75
C GLU S 42 76.45 -29.22 42.01
N MET S 43 75.63 -29.42 40.97
CA MET S 43 74.33 -30.05 41.10
C MET S 43 74.32 -31.52 40.69
N VAL S 44 75.40 -31.99 40.04
CA VAL S 44 75.42 -33.35 39.53
C VAL S 44 75.32 -34.35 40.66
N GLY S 45 74.35 -35.26 40.56
CA GLY S 45 74.11 -36.29 41.54
C GLY S 45 72.82 -36.11 42.32
N HIS S 46 72.34 -34.88 42.43
CA HIS S 46 71.12 -34.60 43.17
C HIS S 46 69.90 -34.86 42.29
N THR S 47 68.72 -34.66 42.85
CA THR S 47 67.46 -34.89 42.13
C THR S 47 66.54 -33.72 42.44
N ILE S 48 66.35 -32.84 41.46
CA ILE S 48 65.57 -31.62 41.64
C ILE S 48 64.16 -31.87 41.13
N ALA S 49 63.16 -31.60 41.96
CA ALA S 49 61.77 -31.63 41.52
C ALA S 49 61.46 -30.29 40.87
N VAL S 50 61.28 -30.31 39.55
CA VAL S 50 61.03 -29.08 38.78
C VAL S 50 59.53 -28.97 38.53
N TYR S 51 58.96 -27.80 38.85
CA TYR S 51 57.54 -27.57 38.65
C TYR S 51 57.27 -27.31 37.18
N ASN S 52 56.48 -28.17 36.54
CA ASN S 52 56.17 -28.08 35.13
C ASN S 52 54.89 -27.32 34.85
N GLY S 53 54.39 -26.54 35.82
CA GLY S 53 53.14 -25.84 35.71
C GLY S 53 52.00 -26.50 36.45
N LYS S 54 52.03 -27.82 36.59
CA LYS S 54 51.01 -28.56 37.32
C LYS S 54 51.58 -29.33 38.50
N GLN S 55 52.68 -30.06 38.30
CA GLN S 55 53.28 -30.90 39.32
C GLN S 55 54.80 -30.68 39.34
N HIS S 56 55.47 -31.40 40.22
CA HIS S 56 56.93 -31.39 40.30
C HIS S 56 57.45 -32.71 39.77
N VAL S 57 58.17 -32.66 38.66
CA VAL S 57 58.76 -33.85 38.05
C VAL S 57 60.14 -34.05 38.66
N PRO S 58 60.48 -35.28 39.08
CA PRO S 58 61.79 -35.56 39.71
C PRO S 58 62.93 -35.67 38.70
N VAL S 59 63.40 -34.52 38.23
CA VAL S 59 64.49 -34.46 37.27
C VAL S 59 65.78 -34.83 37.98
N TYR S 60 66.31 -36.03 37.70
CA TYR S 60 67.63 -36.39 38.15
C TYR S 60 68.66 -35.85 37.17
N ILE S 61 69.70 -35.21 37.70
CA ILE S 61 70.72 -34.56 36.89
C ILE S 61 71.95 -35.44 36.81
N THR S 62 72.50 -35.58 35.61
CA THR S 62 73.70 -36.36 35.36
C THR S 62 74.83 -35.42 34.91
N GLU S 63 75.96 -36.03 34.52
CA GLU S 63 77.12 -35.24 34.11
C GLU S 63 76.88 -34.52 32.80
N ASN S 64 76.33 -35.21 31.81
CA ASN S 64 76.13 -34.64 30.48
C ASN S 64 74.98 -33.65 30.42
N MET S 65 74.34 -33.33 31.54
CA MET S 65 73.23 -32.39 31.57
C MET S 65 73.65 -30.97 31.93
N VAL S 66 74.92 -30.76 32.28
CA VAL S 66 75.38 -29.44 32.71
C VAL S 66 75.30 -28.46 31.56
N GLY S 67 74.82 -27.25 31.85
CA GLY S 67 74.71 -26.18 30.88
C GLY S 67 73.29 -25.87 30.48
N HIS S 68 72.39 -26.86 30.51
CA HIS S 68 71.02 -26.67 30.07
C HIS S 68 70.20 -26.01 31.18
N LYS S 69 68.90 -25.90 30.96
CA LYS S 69 67.96 -25.36 31.93
C LYS S 69 67.13 -26.48 32.55
N LEU S 70 66.59 -26.22 33.74
CA LEU S 70 65.73 -27.19 34.40
C LEU S 70 64.45 -27.43 33.60
N GLY S 71 63.93 -26.38 32.95
CA GLY S 71 62.72 -26.52 32.17
C GLY S 71 62.87 -27.37 30.93
N GLU S 72 64.09 -27.53 30.42
CA GLU S 72 64.32 -28.40 29.26
C GLU S 72 64.04 -29.86 29.58
N PHE S 73 64.13 -30.26 30.85
CA PHE S 73 63.84 -31.62 31.26
C PHE S 73 62.51 -31.74 31.99
N ALA S 74 61.74 -30.64 32.06
CA ALA S 74 60.41 -30.62 32.66
C ALA S 74 59.44 -30.10 31.60
N PRO S 75 58.94 -30.98 30.74
CA PRO S 75 58.01 -30.54 29.70
C PRO S 75 56.70 -30.04 30.32
N THR S 76 56.16 -28.98 29.73
CA THR S 76 54.97 -28.32 30.27
C THR S 76 53.67 -28.79 29.63
N ARG S 77 53.71 -29.25 28.39
CA ARG S 77 52.51 -29.57 27.64
C ARG S 77 52.37 -31.08 27.47
N THR S 78 51.11 -31.52 27.29
CA THR S 78 50.78 -32.91 27.09
C THR S 78 50.23 -33.10 25.68
N TYR S 79 50.75 -34.09 24.97
CA TYR S 79 50.30 -34.37 23.61
C TYR S 79 50.20 -35.88 23.41
N ARG S 80 49.03 -36.33 22.96
CA ARG S 80 48.79 -37.74 22.65
C ARG S 80 49.15 -38.67 23.81
N GLY S 81 48.72 -38.30 25.00
N ARG T 1 -61.75 -52.61 51.24
CA ARG T 1 -60.97 -51.42 51.53
C ARG T 1 -61.54 -50.20 50.82
N ASN T 2 -62.70 -50.38 50.18
CA ASN T 2 -63.32 -49.36 49.35
C ASN T 2 -64.52 -48.73 50.04
N LEU T 3 -65.05 -47.69 49.40
CA LEU T 3 -66.19 -46.95 49.93
C LEU T 3 -67.50 -47.52 49.41
N SER T 4 -68.59 -47.18 50.10
CA SER T 4 -69.89 -47.77 49.83
C SER T 4 -70.59 -47.19 48.61
N ALA T 5 -69.91 -46.39 47.79
CA ALA T 5 -70.49 -45.97 46.52
C ALA T 5 -70.80 -47.15 45.62
N LEU T 6 -70.27 -48.34 45.93
CA LEU T 6 -70.69 -49.56 45.26
C LEU T 6 -72.20 -49.70 45.25
N LYS T 7 -72.88 -49.17 46.28
CA LYS T 7 -74.33 -49.16 46.30
C LYS T 7 -74.91 -48.63 45.00
N ARG T 8 -74.40 -47.47 44.54
CA ARG T 8 -74.81 -46.93 43.26
C ARG T 8 -74.75 -47.99 42.17
N HIS T 9 -73.61 -48.66 42.05
CA HIS T 9 -73.47 -49.74 41.06
C HIS T 9 -74.64 -50.71 41.15
N ARG T 10 -74.89 -51.25 42.35
CA ARG T 10 -76.01 -52.16 42.55
C ARG T 10 -77.28 -51.58 41.93
N GLN T 11 -77.63 -50.35 42.33
CA GLN T 11 -78.85 -49.75 41.84
C GLN T 11 -78.89 -49.73 40.32
N SER T 12 -77.78 -49.32 39.68
CA SER T 12 -77.77 -49.27 38.22
C SER T 12 -78.19 -50.61 37.63
N LEU T 13 -77.63 -51.70 38.16
CA LEU T 13 -77.99 -53.02 37.67
C LEU T 13 -79.50 -53.20 37.65
N LYS T 14 -80.14 -52.96 38.80
CA LYS T 14 -81.60 -53.04 38.86
C LYS T 14 -82.23 -52.20 37.76
N ARG T 15 -81.86 -50.92 37.71
CA ARG T 15 -82.42 -50.03 36.70
C ARG T 15 -82.17 -50.56 35.31
N ARG T 16 -80.98 -51.11 35.06
CA ARG T 16 -80.69 -51.71 33.76
C ARG T 16 -81.74 -52.75 33.41
N LEU T 17 -81.96 -53.71 34.30
CA LEU T 17 -82.95 -54.74 34.02
C LEU T 17 -84.34 -54.13 33.87
N ARG T 18 -84.62 -53.04 34.59
CA ARG T 18 -85.91 -52.38 34.45
C ARG T 18 -86.06 -51.79 33.05
N ASN T 19 -84.98 -51.22 32.51
CA ASN T 19 -85.07 -50.54 31.23
C ASN T 19 -85.13 -51.54 30.08
N LYS T 20 -84.15 -52.45 30.02
CA LYS T 20 -84.09 -53.44 28.96
C LYS T 20 -85.43 -54.14 28.76
N ALA T 21 -86.13 -54.43 29.86
CA ALA T 21 -87.45 -55.04 29.75
C ALA T 21 -88.40 -54.17 28.94
N LYS T 22 -88.65 -52.94 29.41
CA LYS T 22 -89.63 -52.07 28.78
C LYS T 22 -89.35 -51.91 27.28
N LYS T 23 -88.14 -51.48 26.94
CA LYS T 23 -87.75 -51.37 25.53
C LYS T 23 -88.02 -52.67 24.78
N SER T 24 -87.58 -53.80 25.34
CA SER T 24 -87.77 -55.08 24.68
C SER T 24 -89.24 -55.34 24.40
N ALA T 25 -90.12 -54.91 25.30
CA ALA T 25 -91.55 -54.98 25.01
C ALA T 25 -91.89 -54.07 23.83
N ILE T 26 -91.56 -52.78 23.96
CA ILE T 26 -91.94 -51.79 22.95
C ILE T 26 -91.59 -52.28 21.56
N LYS T 27 -90.29 -52.49 21.32
CA LYS T 27 -89.79 -53.03 20.05
C LYS T 27 -90.69 -54.17 19.57
N THR T 28 -90.81 -55.21 20.41
CA THR T 28 -91.64 -56.36 20.05
C THR T 28 -93.00 -55.91 19.53
N LEU T 29 -93.76 -55.21 20.38
CA LEU T 29 -95.10 -54.78 20.00
C LEU T 29 -95.07 -54.05 18.67
N SER T 30 -94.13 -53.10 18.53
CA SER T 30 -94.04 -52.34 17.29
C SER T 30 -94.00 -53.28 16.09
N LYS T 31 -93.04 -54.19 16.08
CA LYS T 31 -92.93 -55.16 14.99
C LYS T 31 -94.26 -55.82 14.74
N LYS T 32 -94.88 -56.35 15.79
CA LYS T 32 -96.16 -57.04 15.67
C LYS T 32 -97.15 -56.18 14.91
N ALA T 33 -97.34 -54.93 15.36
CA ALA T 33 -98.30 -54.05 14.72
C ALA T 33 -97.99 -53.89 13.25
N ILE T 34 -96.71 -53.64 12.93
CA ILE T 34 -96.32 -53.43 11.54
C ILE T 34 -96.68 -54.64 10.70
N GLN T 35 -96.46 -55.84 11.25
CA GLN T 35 -96.85 -57.06 10.54
C GLN T 35 -98.31 -57.00 10.13
N LEU T 36 -99.19 -56.70 11.10
CA LEU T 36 -100.62 -56.65 10.80
C LEU T 36 -100.95 -55.56 9.80
N ALA T 37 -100.13 -54.51 9.74
CA ALA T 37 -100.35 -53.46 8.75
C ALA T 37 -99.91 -53.91 7.36
N GLN T 38 -98.89 -54.77 7.28
CA GLN T 38 -98.48 -55.29 5.98
C GLN T 38 -99.49 -56.28 5.44
N GLU T 39 -100.09 -57.08 6.32
CA GLU T 39 -101.04 -58.10 5.92
C GLU T 39 -102.46 -57.57 5.78
N GLY T 40 -102.70 -56.30 6.10
CA GLY T 40 -103.99 -55.67 5.89
C GLY T 40 -104.95 -55.75 7.06
N LYS T 41 -104.62 -56.49 8.12
CA LYS T 41 -105.50 -56.63 9.27
C LYS T 41 -105.48 -55.32 10.07
N ALA T 42 -106.32 -54.38 9.65
CA ALA T 42 -106.24 -53.01 10.16
C ALA T 42 -106.77 -52.90 11.59
N GLU T 43 -107.86 -53.60 11.90
CA GLU T 43 -108.43 -53.53 13.24
C GLU T 43 -107.41 -53.92 14.29
N GLU T 44 -106.87 -55.14 14.18
CA GLU T 44 -105.88 -55.62 15.13
C GLU T 44 -104.60 -54.78 15.07
N ALA T 45 -104.22 -54.32 13.88
CA ALA T 45 -103.03 -53.50 13.74
C ALA T 45 -103.13 -52.24 14.59
N LEU T 46 -104.21 -51.48 14.43
CA LEU T 46 -104.36 -50.25 15.21
C LEU T 46 -104.58 -50.56 16.68
N LYS T 47 -105.31 -51.65 17.00
CA LYS T 47 -105.53 -52.02 18.38
C LYS T 47 -104.21 -52.30 19.10
N ILE T 48 -103.24 -52.87 18.39
CA ILE T 48 -101.94 -53.13 18.99
C ILE T 48 -101.06 -51.87 18.96
N MET T 49 -101.21 -51.03 17.93
CA MET T 49 -100.46 -49.78 17.87
C MET T 49 -100.82 -48.87 19.03
N ARG T 50 -102.09 -48.88 19.45
CA ARG T 50 -102.49 -48.12 20.63
C ARG T 50 -101.71 -48.55 21.86
N LYS T 51 -101.63 -49.87 22.10
CA LYS T 51 -100.89 -50.39 23.23
C LYS T 51 -99.40 -50.07 23.13
N ALA T 52 -98.86 -50.10 21.91
CA ALA T 52 -97.45 -49.77 21.72
C ALA T 52 -97.18 -48.32 22.10
N GLU T 53 -98.02 -47.40 21.60
CA GLU T 53 -97.88 -45.98 21.94
C GLU T 53 -98.03 -45.77 23.44
N SER T 54 -98.96 -46.49 24.08
CA SER T 54 -99.15 -46.38 25.52
C SER T 54 -97.89 -46.83 26.27
N LEU T 55 -97.32 -47.96 25.88
CA LEU T 55 -96.08 -48.42 26.52
C LEU T 55 -94.95 -47.44 26.29
N ILE T 56 -94.90 -46.81 25.11
CA ILE T 56 -93.87 -45.83 24.83
C ILE T 56 -93.97 -44.66 25.79
N ASP T 57 -95.17 -44.09 25.92
CA ASP T 57 -95.33 -42.94 26.83
C ASP T 57 -95.09 -43.34 28.27
N LYS T 58 -95.52 -44.54 28.67
CA LYS T 58 -95.28 -44.99 30.04
C LYS T 58 -93.80 -45.16 30.32
N ALA T 59 -93.04 -45.65 29.33
CA ALA T 59 -91.59 -45.69 29.47
C ALA T 59 -91.01 -44.28 29.55
N ALA T 60 -91.60 -43.34 28.80
CA ALA T 60 -91.14 -41.96 28.85
C ALA T 60 -91.38 -41.32 30.20
N LYS T 61 -92.36 -41.82 30.96
CA LYS T 61 -92.59 -41.31 32.31
C LYS T 61 -91.31 -41.34 33.15
N GLY T 62 -90.56 -42.43 33.08
CA GLY T 62 -89.32 -42.58 33.83
C GLY T 62 -88.11 -42.15 33.04
N SER T 63 -86.95 -42.65 33.47
CA SER T 63 -85.68 -42.36 32.84
C SER T 63 -85.30 -43.38 31.77
N THR T 64 -86.22 -44.28 31.41
CA THR T 64 -85.91 -45.34 30.45
C THR T 64 -85.94 -44.81 29.02
N LEU T 65 -87.09 -44.26 28.62
CA LEU T 65 -87.33 -43.83 27.25
C LEU T 65 -87.77 -42.37 27.27
N HIS T 66 -86.93 -41.53 27.88
CA HIS T 66 -87.25 -40.15 28.23
C HIS T 66 -87.35 -39.29 26.97
N LYS T 67 -87.06 -38.03 27.18
CA LYS T 67 -87.03 -37.08 26.13
C LYS T 67 -88.08 -37.40 25.13
N ASN T 68 -87.91 -36.73 24.01
CA ASN T 68 -88.74 -36.87 22.88
C ASN T 68 -88.48 -38.23 22.41
N ALA T 69 -87.22 -38.49 22.19
CA ALA T 69 -86.98 -39.80 21.59
C ALA T 69 -88.25 -40.65 21.60
N ALA T 70 -89.04 -40.56 22.67
CA ALA T 70 -90.32 -41.27 22.73
C ALA T 70 -91.26 -40.79 21.63
N ALA T 71 -91.35 -39.47 21.45
CA ALA T 71 -92.15 -38.93 20.35
C ALA T 71 -91.62 -39.38 19.00
N ARG T 72 -90.30 -39.54 18.88
CA ARG T 72 -89.71 -40.05 17.64
C ARG T 72 -90.21 -41.45 17.35
N ARG T 73 -90.17 -42.32 18.35
CA ARG T 73 -90.64 -43.70 18.16
C ARG T 73 -92.13 -43.72 17.82
N LYS T 74 -92.93 -42.92 18.53
CA LYS T 74 -94.37 -42.84 18.24
C LYS T 74 -94.62 -42.38 16.81
N SER T 75 -93.91 -41.34 16.38
CA SER T 75 -94.05 -40.82 15.04
C SER T 75 -93.74 -41.88 13.99
N ARG T 76 -92.58 -42.53 14.13
CA ARG T 76 -92.19 -43.54 13.16
C ARG T 76 -93.20 -44.69 13.11
N LEU T 77 -93.68 -45.12 14.28
CA LEU T 77 -94.66 -46.21 14.31
C LEU T 77 -95.95 -45.81 13.60
N MET T 78 -96.54 -44.68 13.98
CA MET T 78 -97.80 -44.27 13.38
C MET T 78 -97.66 -44.04 11.88
N ARG T 79 -96.55 -43.43 11.46
CA ARG T 79 -96.32 -43.22 10.03
C ARG T 79 -96.25 -44.55 9.28
N LYS T 80 -95.44 -45.49 9.78
CA LYS T 80 -95.30 -46.76 9.08
C LYS T 80 -96.62 -47.51 9.02
N VAL T 81 -97.40 -47.48 10.11
CA VAL T 81 -98.67 -48.21 10.11
C VAL T 81 -99.66 -47.60 9.13
N ARG T 82 -99.80 -46.27 9.17
CA ARG T 82 -100.71 -45.61 8.25
C ARG T 82 -100.30 -45.83 6.80
N GLN T 83 -98.98 -45.86 6.54
CA GLN T 83 -98.51 -46.09 5.18
C GLN T 83 -98.79 -47.51 4.73
N LEU T 84 -98.62 -48.49 5.62
CA LEU T 84 -98.83 -49.88 5.22
C LEU T 84 -100.31 -50.20 5.06
N LEU T 85 -101.17 -49.56 5.86
CA LEU T 85 -102.60 -49.75 5.66
C LEU T 85 -103.08 -49.08 4.39
N GLU T 86 -102.42 -48.01 3.96
CA GLU T 86 -102.79 -47.37 2.70
C GLU T 86 -102.52 -48.27 1.50
N ALA T 87 -101.55 -49.18 1.61
CA ALA T 87 -101.35 -50.18 0.57
C ALA T 87 -102.49 -51.19 0.51
N ALA T 88 -103.33 -51.25 1.54
CA ALA T 88 -104.49 -52.13 1.55
C ALA T 88 -105.81 -51.36 1.69
N GLY T 89 -105.89 -50.44 2.65
CA GLY T 89 -107.08 -49.62 2.84
C GLY T 89 -107.87 -50.05 4.08
N ALA T 90 -109.00 -49.38 4.25
CA ALA T 90 -109.99 -49.70 5.29
C ALA T 90 -109.42 -49.64 6.70
N PRO T 91 -109.14 -48.44 7.24
CA PRO T 91 -108.68 -48.34 8.62
C PRO T 91 -109.80 -48.63 9.60
N LEU T 92 -110.01 -49.92 9.90
CA LEU T 92 -111.25 -50.38 10.52
C LEU T 92 -111.45 -49.76 11.91
N ILE T 93 -110.58 -50.08 12.87
CA ILE T 93 -110.87 -49.77 14.27
C ILE T 93 -110.83 -48.26 14.54
N GLY T 94 -110.11 -47.50 13.73
CA GLY T 94 -109.99 -46.06 13.97
C GLY T 94 -109.44 -45.74 15.34
N GLY T 95 -108.22 -46.19 15.61
CA GLY T 95 -107.63 -46.02 16.93
C GLY T 95 -106.77 -44.78 17.04
N GLY T 96 -105.45 -44.98 17.11
CA GLY T 96 -104.56 -43.85 17.29
C GLY T 96 -104.57 -42.87 16.14
N LEU T 97 -104.79 -43.36 14.92
CA LEU T 97 -104.69 -42.50 13.75
C LEU T 97 -105.84 -41.51 13.69
N SER T 98 -105.53 -40.24 13.45
CA SER T 98 -106.54 -39.22 13.29
C SER T 98 -107.34 -39.46 12.02
N ALA T 99 -108.57 -38.94 12.00
CA ALA T 99 -109.48 -39.12 10.87
C ALA T 99 -108.87 -38.61 9.57
N GLY U 1 67.78 -14.47 -2.54
CA GLY U 1 66.94 -13.27 -2.61
C GLY U 1 66.97 -12.45 -1.34
N LYS U 2 65.86 -11.77 -1.05
CA LYS U 2 65.76 -10.95 0.15
C LYS U 2 65.65 -11.76 1.42
N GLY U 3 65.52 -13.08 1.32
CA GLY U 3 65.44 -13.94 2.48
C GLY U 3 66.73 -14.62 2.88
N ASP U 4 67.83 -14.33 2.20
CA ASP U 4 69.12 -14.91 2.53
C ASP U 4 69.85 -13.98 3.50
N ARG U 5 70.20 -14.51 4.68
CA ARG U 5 70.90 -13.70 5.67
C ARG U 5 72.25 -13.23 5.17
N ARG U 6 72.92 -14.03 4.35
CA ARG U 6 74.30 -13.77 3.94
C ARG U 6 74.40 -12.96 2.65
N THR U 7 73.37 -12.19 2.30
CA THR U 7 73.38 -11.37 1.11
C THR U 7 73.24 -9.90 1.47
N ARG U 8 73.45 -9.04 0.47
CA ARG U 8 73.23 -7.60 0.67
C ARG U 8 71.74 -7.30 0.76
N ARG U 9 70.97 -7.79 -0.22
CA ARG U 9 69.53 -7.58 -0.19
C ARG U 9 68.90 -8.23 1.04
N GLY U 10 69.49 -9.32 1.53
CA GLY U 10 68.97 -9.93 2.75
C GLY U 10 69.12 -9.01 3.95
N LYS U 11 70.31 -8.42 4.10
CA LYS U 11 70.51 -7.47 5.19
C LYS U 11 69.61 -6.25 5.03
N ILE U 12 69.45 -5.76 3.80
CA ILE U 12 68.61 -4.57 3.58
C ILE U 12 67.16 -4.88 3.93
N TRP U 13 66.65 -6.04 3.49
CA TRP U 13 65.29 -6.43 3.80
C TRP U 13 65.09 -6.60 5.30
N ARG U 14 66.02 -7.31 5.95
CA ARG U 14 65.96 -7.47 7.40
C ARG U 14 66.40 -6.22 8.15
N GLY U 15 66.94 -5.22 7.45
CA GLY U 15 67.31 -3.96 8.08
C GLY U 15 68.47 -4.04 9.05
N THR U 16 69.46 -4.88 8.74
CA THR U 16 70.59 -5.09 9.63
C THR U 16 71.89 -4.87 8.89
N TYR U 17 72.99 -4.90 9.63
CA TYR U 17 74.33 -4.80 9.09
C TYR U 17 75.15 -6.00 9.55
N GLY U 18 76.22 -6.27 8.83
CA GLY U 18 77.07 -7.39 9.19
C GLY U 18 78.23 -7.55 8.23
N LYS U 19 78.76 -8.77 8.18
CA LYS U 19 79.89 -9.05 7.31
C LYS U 19 79.53 -8.87 5.85
N TYR U 20 78.30 -9.23 5.47
CA TYR U 20 77.86 -9.15 4.09
C TYR U 20 77.22 -7.82 3.74
N ARG U 21 77.22 -6.86 4.67
CA ARG U 21 76.75 -5.50 4.40
C ARG U 21 77.38 -4.54 5.40
N PRO U 22 78.61 -4.08 5.16
CA PRO U 22 79.27 -3.19 6.13
C PRO U 22 78.72 -1.78 6.10
N ARG U 23 79.34 -0.90 6.88
CA ARG U 23 78.98 0.52 6.96
C ARG U 23 80.13 1.39 6.48
N LYS U 24 80.78 0.98 5.38
CA LYS U 24 81.92 1.68 4.81
C LYS U 24 83.08 1.82 5.80
N LYS U 25 84.06 2.65 5.44
#